data_8D7Y
#
_entry.id   8D7Y
#
_cell.length_a   1.00
_cell.length_b   1.00
_cell.length_c   1.00
_cell.angle_alpha   90.00
_cell.angle_beta   90.00
_cell.angle_gamma   90.00
#
_symmetry.space_group_name_H-M   'P 1'
#
loop_
_entity.id
_entity.type
_entity.pdbx_description
1 polymer 'DNA damage-binding protein 1'
2 polymer 'Protein cereblon'
3 non-polymer 'ZINC ION'
#
loop_
_entity_poly.entity_id
_entity_poly.type
_entity_poly.pdbx_seq_one_letter_code
_entity_poly.pdbx_strand_id
1 'polypeptide(L)'
;MSYNYVVTAQKPTAVNGCVTGHFTSAEDLNLLIAKNTRLEIYVVTAEGLRPVKEVGMYGKIAVMELFRPKGESKDLLFIL
TAKYNACILEYKQSGESIDIITRAHGNVQDRIGRPSETGIIGIIDPECRMIGLRLYDGLFKVIPLDRDNKELKAFNIRLE
ELHVIDVKFLYGCQAPTICFVYQDPQGRHVKTYEVSLREKEFNKGPWKQENVEAEASMVIAVPEPFGGAIIIGQESITYH
NGDKYLAIAPPIIKQSTIVCHNRVDPNGSRYLLGDMEGRLFMLLLEKEEQMDGTVTLKDLRVELLGETSIAECLTYLDNG
VVFVGSRLGDSQLVKLNVDSNEQGSYVVAMETFTNLGPIVDMCVVDLERQGQGQLVTCSGAFKEGSLRIIRNGIGIHEHA
SIDLPGIKGLWPLRSDPNRETDDTLVLSFVGQTRVLMLNGEEVEETELMGFVDDQQTFFCGNVAHQQLIQITSASVRLVS
QEPKALVSEWKEPQAKNISVASCNSSQVVVAVGRALYYLQIHPQELRQISHTEMEHEVACLDITPLGDSNGLSPLCAIGL
WTDISARILKLPSFELLHKEMLGGEIIPRSILMTTFESSHYLLCALGDGALFYFGLNIETGLLSDRKKVTLGTQPTVLRT
FRSLSTTNVFACSDRPTVIYSSNHKLVFSNVNLKEVNYMCPLNSDGYPDSLALANNSTLTIGTIDEIQKLHIRTVPLYES
PRKICYQEVSQCFGVLSSRIEVQDTSGGTTALRPSASTQALSSSVSSSKLFSSSTAPHETSFGEEVEVHNLLIIDQHTFE
VLHAHQFLQNEYALSLVSCKLGKDPNTYFIVGTAMVYPEEAEPKQGRIVVFQYSDGKLQTVAEKEVKGAVYSMVEFNGKL
LASINSTVRLYEWTTEKELRTECNHYNNIMALYLKTKGDFILVGDLMRSVLLLAYKPMEGNFEEIARDFNPNWMSAVEIL
DDDNFLGAENAFNLFVCQKDSAATTDEERQHLQEVGLFHLGEFVNVFCHGSLVMQNLGETSTPTQGSVLFGTVNGMIGLV
TSLSESWYNLLLDMQNRLNKVIKSVGKIEHSFWRSFHTERKTEPATGFIDGDLIESFLDISRPKMQEVVANLQYDDGSGM
KREATADDLIKVVEELTRIH
;
A
2 'polypeptide(L)'
;MAGEGDQQDAAHNMGNHLPLLPAESEEEDEMEVEDQDSKEAKKPNIINFDTSLPTSHTYLGADMEEFHGRTLHDDDSCQV
IPVLPQVMMILIPGQTLPLQLFHPQEVSMVRNLIQKDRTFAVLAYSNVQEREAQFGTTAEIYAYREEQDFGIEIVKVKAI
GRQRFKVLELRTQSDGIQQAKVQILPECVLPSTMSAVQLESLNKCQIFPSKPVSREDQCSYKWWQKYQKRKFHCANLTSW
PRWLYSLYDAETLMDRIKKQLREWDENLKDDSLPSNPIDFSYRVAACLPIDDVLRIQLLKIGSAIQRLRCELDIMNKCTS
LCCKQCQETEITTKNEIFSLSLCGPMAAYVNPHGYVHETLTVYKACNLNLIGRPSTEHSWFPGYAWTVAQCKICASHIGW
KFTATKKDMSPQKFWGLTRSALLPTIPDTEDEISPDKVILCL
;
B
#
loop_
_chem_comp.id
_chem_comp.type
_chem_comp.name
_chem_comp.formula
ZN non-polymer 'ZINC ION' 'Zn 2'
#
# COMPACT_ATOMS: atom_id res chain seq x y z
N MET A 1 -14.64 19.53 -15.46
CA MET A 1 -13.88 19.90 -16.66
C MET A 1 -12.73 18.91 -16.86
N SER A 2 -12.37 18.21 -15.78
CA SER A 2 -11.31 17.20 -15.86
C SER A 2 -11.70 16.08 -16.81
N TYR A 3 -12.92 15.56 -16.68
CA TYR A 3 -13.49 14.55 -17.57
C TYR A 3 -12.62 13.28 -17.57
N ASN A 4 -12.51 12.68 -16.39
CA ASN A 4 -11.68 11.50 -16.21
C ASN A 4 -12.56 10.24 -16.13
N TYR A 5 -11.90 9.11 -15.93
CA TYR A 5 -12.59 7.82 -15.85
C TYR A 5 -11.69 6.89 -15.06
N VAL A 6 -12.11 6.53 -13.85
CA VAL A 6 -11.33 5.69 -12.95
C VAL A 6 -12.01 4.34 -12.82
N VAL A 7 -11.27 3.28 -13.12
CA VAL A 7 -11.78 1.92 -13.06
C VAL A 7 -10.73 1.02 -12.43
N THR A 8 -11.17 0.10 -11.56
CA THR A 8 -10.27 -0.85 -10.95
C THR A 8 -9.91 -1.95 -11.95
N ALA A 9 -8.71 -2.50 -11.79
CA ALA A 9 -8.26 -3.63 -12.58
C ALA A 9 -8.05 -4.90 -11.77
N GLN A 10 -7.83 -4.78 -10.46
CA GLN A 10 -7.67 -5.93 -9.58
C GLN A 10 -8.42 -5.64 -8.29
N LYS A 11 -9.19 -6.63 -7.84
CA LYS A 11 -9.97 -6.45 -6.62
C LYS A 11 -9.05 -6.38 -5.40
N PRO A 12 -9.45 -5.68 -4.35
CA PRO A 12 -8.65 -5.65 -3.13
C PRO A 12 -8.48 -7.04 -2.55
N THR A 13 -7.30 -7.30 -1.98
CA THR A 13 -6.95 -8.64 -1.54
C THR A 13 -6.45 -8.71 -0.10
N ALA A 14 -6.63 -7.65 0.68
CA ALA A 14 -6.16 -7.62 2.06
C ALA A 14 -7.34 -7.87 2.99
N VAL A 15 -7.27 -8.97 3.74
CA VAL A 15 -8.37 -9.36 4.61
C VAL A 15 -8.35 -8.51 5.87
N ASN A 16 -9.40 -7.72 6.08
CA ASN A 16 -9.52 -6.85 7.23
C ASN A 16 -10.56 -7.34 8.23
N GLY A 17 -10.82 -8.65 8.23
CA GLY A 17 -11.77 -9.23 9.16
C GLY A 17 -12.56 -10.38 8.57
N CYS A 18 -12.60 -11.50 9.28
CA CYS A 18 -13.31 -12.69 8.83
C CYS A 18 -14.03 -13.32 10.01
N VAL A 19 -15.13 -14.02 9.72
CA VAL A 19 -15.98 -14.59 10.76
C VAL A 19 -16.79 -15.72 10.15
N THR A 20 -17.07 -16.73 10.97
CA THR A 20 -17.84 -17.90 10.54
C THR A 20 -19.22 -17.91 11.17
N GLY A 21 -20.09 -18.73 10.59
CA GLY A 21 -21.45 -18.88 11.07
C GLY A 21 -22.31 -19.49 9.99
N HIS A 22 -23.51 -19.88 10.39
CA HIS A 22 -24.49 -20.43 9.46
C HIS A 22 -25.21 -19.26 8.79
N PHE A 23 -24.80 -18.95 7.57
CA PHE A 23 -25.33 -17.81 6.83
C PHE A 23 -26.13 -18.24 5.61
N THR A 24 -25.55 -19.05 4.72
CA THR A 24 -26.27 -19.49 3.53
C THR A 24 -27.30 -20.57 3.84
N SER A 25 -27.07 -21.38 4.87
CA SER A 25 -27.99 -22.44 5.22
C SER A 25 -27.86 -22.74 6.70
N ALA A 26 -28.89 -23.40 7.24
CA ALA A 26 -28.90 -23.77 8.65
C ALA A 26 -28.00 -24.96 8.96
N GLU A 27 -27.47 -25.64 7.94
CA GLU A 27 -26.61 -26.79 8.13
C GLU A 27 -25.15 -26.51 7.79
N ASP A 28 -24.88 -25.62 6.84
CA ASP A 28 -23.51 -25.33 6.44
C ASP A 28 -22.79 -24.52 7.52
N LEU A 29 -21.47 -24.42 7.37
CA LEU A 29 -20.63 -23.61 8.23
C LEU A 29 -19.93 -22.60 7.32
N ASN A 30 -20.60 -21.47 7.08
CA ASN A 30 -20.11 -20.49 6.14
C ASN A 30 -18.94 -19.70 6.74
N LEU A 31 -18.05 -19.25 5.86
CA LEU A 31 -16.96 -18.35 6.22
C LEU A 31 -17.09 -17.10 5.36
N LEU A 32 -17.30 -15.96 6.00
CA LEU A 32 -17.41 -14.68 5.31
C LEU A 32 -16.12 -13.90 5.54
N ILE A 33 -15.57 -13.37 4.45
CA ILE A 33 -14.29 -12.67 4.47
C ILE A 33 -14.48 -11.31 3.85
N ALA A 34 -14.29 -10.26 4.63
CA ALA A 34 -14.29 -8.90 4.10
C ALA A 34 -12.88 -8.52 3.66
N LYS A 35 -12.78 -7.93 2.48
CA LYS A 35 -11.49 -7.52 1.95
C LYS A 35 -11.29 -6.03 1.86
N ASN A 36 -12.36 -5.23 1.90
CA ASN A 36 -12.38 -3.79 2.10
C ASN A 36 -13.72 -3.24 1.60
N THR A 37 -14.01 -3.46 0.32
CA THR A 37 -15.33 -3.23 -0.24
C THR A 37 -15.94 -4.49 -0.83
N ARG A 38 -15.28 -5.64 -0.65
CA ARG A 38 -15.69 -6.89 -1.25
C ARG A 38 -16.01 -7.88 -0.14
N LEU A 39 -17.21 -8.48 -0.20
CA LEU A 39 -17.63 -9.48 0.77
C LEU A 39 -17.63 -10.84 0.08
N GLU A 40 -16.89 -11.79 0.63
CA GLU A 40 -16.75 -13.12 0.05
C GLU A 40 -17.37 -14.16 0.99
N ILE A 41 -18.22 -15.00 0.43
CA ILE A 41 -18.95 -16.02 1.19
C ILE A 41 -18.48 -17.38 0.72
N TYR A 42 -17.84 -18.14 1.62
CA TYR A 42 -17.40 -19.50 1.35
C TYR A 42 -18.17 -20.48 2.22
N VAL A 43 -18.27 -21.72 1.73
CA VAL A 43 -18.78 -22.84 2.52
C VAL A 43 -17.60 -23.73 2.89
N VAL A 44 -17.44 -23.96 4.19
CA VAL A 44 -16.31 -24.76 4.66
C VAL A 44 -16.60 -26.23 4.42
N THR A 45 -15.79 -26.86 3.59
CA THR A 45 -15.89 -28.29 3.30
C THR A 45 -14.76 -29.04 4.00
N ALA A 46 -14.78 -30.36 3.86
CA ALA A 46 -13.75 -31.18 4.49
C ALA A 46 -12.37 -30.90 3.89
N GLU A 47 -12.30 -30.74 2.57
CA GLU A 47 -11.02 -30.55 1.90
C GLU A 47 -10.58 -29.09 1.82
N GLY A 48 -11.43 -28.16 2.19
CA GLY A 48 -11.06 -26.75 2.11
C GLY A 48 -12.30 -25.88 1.95
N LEU A 49 -12.11 -24.76 1.26
CA LEU A 49 -13.15 -23.75 1.09
C LEU A 49 -13.73 -23.83 -0.31
N ARG A 50 -15.06 -23.83 -0.40
CA ARG A 50 -15.76 -23.81 -1.68
C ARG A 50 -16.39 -22.44 -1.89
N PRO A 51 -15.93 -21.64 -2.85
CA PRO A 51 -16.52 -20.31 -3.05
C PRO A 51 -17.99 -20.41 -3.45
N VAL A 52 -18.78 -19.43 -3.00
CA VAL A 52 -20.21 -19.40 -3.25
C VAL A 52 -20.64 -18.10 -3.91
N LYS A 53 -20.29 -16.97 -3.31
CA LYS A 53 -20.70 -15.67 -3.83
C LYS A 53 -19.58 -14.66 -3.62
N GLU A 54 -19.61 -13.60 -4.43
CA GLU A 54 -18.66 -12.50 -4.34
C GLU A 54 -19.47 -11.23 -4.56
N VAL A 55 -19.84 -10.56 -3.46
CA VAL A 55 -20.76 -9.44 -3.49
C VAL A 55 -20.02 -8.17 -3.09
N GLY A 56 -20.27 -7.09 -3.82
CA GLY A 56 -19.61 -5.82 -3.59
C GLY A 56 -20.52 -4.80 -2.94
N MET A 57 -20.12 -4.32 -1.78
CA MET A 57 -20.89 -3.36 -1.01
C MET A 57 -20.32 -1.96 -1.19
N TYR A 58 -21.20 -0.97 -1.29
CA TYR A 58 -20.81 0.43 -1.46
C TYR A 58 -20.30 0.99 -0.13
N GLY A 59 -19.10 0.58 0.24
CA GLY A 59 -18.47 1.14 1.41
C GLY A 59 -17.35 0.27 1.94
N LYS A 60 -16.70 0.80 2.97
CA LYS A 60 -15.56 0.17 3.62
C LYS A 60 -16.08 -0.70 4.77
N ILE A 61 -15.85 -2.01 4.68
CA ILE A 61 -16.34 -2.92 5.72
C ILE A 61 -15.52 -2.66 6.99
N ALA A 62 -16.14 -2.04 7.99
CA ALA A 62 -15.46 -1.73 9.25
C ALA A 62 -15.92 -2.59 10.41
N VAL A 63 -17.16 -3.06 10.41
CA VAL A 63 -17.69 -3.91 11.46
C VAL A 63 -18.51 -5.01 10.80
N MET A 64 -18.28 -6.26 11.22
CA MET A 64 -18.94 -7.40 10.60
C MET A 64 -19.08 -8.49 11.65
N GLU A 65 -20.31 -8.70 12.14
CA GLU A 65 -20.59 -9.73 13.13
C GLU A 65 -21.94 -10.36 12.85
N LEU A 66 -22.02 -11.68 12.99
CA LEU A 66 -23.26 -12.41 12.76
C LEU A 66 -24.00 -12.61 14.08
N PHE A 67 -25.34 -12.52 14.00
CA PHE A 67 -26.20 -12.78 15.15
C PHE A 67 -27.41 -13.56 14.69
N ARG A 68 -27.93 -14.41 15.57
CA ARG A 68 -29.13 -15.22 15.31
C ARG A 68 -30.18 -14.88 16.34
N PRO A 69 -31.09 -13.95 16.05
CA PRO A 69 -32.21 -13.69 16.96
C PRO A 69 -33.20 -14.85 16.91
N LYS A 70 -33.98 -14.96 17.99
CA LYS A 70 -34.96 -16.04 18.08
C LYS A 70 -35.99 -15.93 16.96
N GLY A 71 -36.37 -17.07 16.41
CA GLY A 71 -37.31 -17.12 15.30
C GLY A 71 -36.68 -17.29 13.93
N GLU A 72 -35.35 -17.42 13.85
CA GLU A 72 -34.66 -17.60 12.59
C GLU A 72 -33.79 -18.84 12.65
N SER A 73 -33.47 -19.39 11.48
CA SER A 73 -32.61 -20.56 11.35
C SER A 73 -31.21 -20.20 10.87
N LYS A 74 -31.09 -19.34 9.87
CA LYS A 74 -29.80 -18.89 9.37
C LYS A 74 -29.51 -17.50 9.91
N ASP A 75 -28.25 -17.28 10.29
CA ASP A 75 -27.85 -16.03 10.91
C ASP A 75 -27.99 -14.86 9.94
N LEU A 76 -28.34 -13.70 10.50
CA LEU A 76 -28.27 -12.45 9.75
C LEU A 76 -26.83 -11.94 9.77
N LEU A 77 -26.62 -10.76 9.20
CA LEU A 77 -25.27 -10.20 9.08
C LEU A 77 -25.36 -8.69 9.23
N PHE A 78 -24.87 -8.18 10.36
CA PHE A 78 -24.80 -6.73 10.59
C PHE A 78 -23.46 -6.23 10.07
N ILE A 79 -23.50 -5.39 9.04
CA ILE A 79 -22.29 -4.83 8.43
C ILE A 79 -22.36 -3.32 8.57
N LEU A 80 -21.29 -2.73 9.11
CA LEU A 80 -21.18 -1.29 9.27
C LEU A 80 -20.09 -0.77 8.35
N THR A 81 -20.32 0.39 7.77
CA THR A 81 -19.41 1.02 6.82
C THR A 81 -18.62 2.13 7.51
N ALA A 82 -17.38 2.33 7.05
CA ALA A 82 -16.56 3.40 7.60
C ALA A 82 -17.17 4.77 7.36
N LYS A 83 -18.11 4.89 6.42
CA LYS A 83 -18.91 6.09 6.26
C LYS A 83 -20.16 6.06 7.12
N TYR A 84 -20.23 5.13 8.07
CA TYR A 84 -21.35 4.99 9.01
C TYR A 84 -22.65 4.66 8.26
N ASN A 85 -22.62 3.56 7.54
CA ASN A 85 -23.81 2.96 6.94
C ASN A 85 -24.02 1.59 7.58
N ALA A 86 -25.18 1.40 8.20
CA ALA A 86 -25.49 0.16 8.90
C ALA A 86 -26.58 -0.59 8.17
N CYS A 87 -26.38 -1.91 8.03
CA CYS A 87 -27.36 -2.76 7.37
C CYS A 87 -27.37 -4.12 8.04
N ILE A 88 -28.51 -4.81 7.93
CA ILE A 88 -28.66 -6.17 8.45
C ILE A 88 -28.99 -7.05 7.26
N LEU A 89 -27.95 -7.68 6.70
CA LEU A 89 -28.12 -8.51 5.51
C LEU A 89 -28.61 -9.90 5.90
N GLU A 90 -29.19 -10.59 4.91
CA GLU A 90 -29.64 -11.96 5.10
C GLU A 90 -29.53 -12.70 3.78
N TYR A 91 -28.97 -13.90 3.81
CA TYR A 91 -28.82 -14.69 2.61
C TYR A 91 -30.17 -15.19 2.12
N LYS A 92 -30.36 -15.17 0.80
CA LYS A 92 -31.63 -15.57 0.20
C LYS A 92 -31.35 -16.13 -1.18
N GLN A 93 -31.40 -17.45 -1.31
CA GLN A 93 -31.17 -18.14 -2.58
C GLN A 93 -32.40 -18.95 -2.95
N SER A 94 -32.76 -18.90 -4.24
CA SER A 94 -33.92 -19.60 -4.77
C SER A 94 -33.46 -20.50 -5.91
N GLY A 95 -33.01 -21.71 -5.57
CA GLY A 95 -32.60 -22.68 -6.56
C GLY A 95 -31.27 -22.36 -7.20
N GLU A 96 -31.23 -21.31 -8.02
CA GLU A 96 -30.01 -20.89 -8.69
C GLU A 96 -29.75 -19.39 -8.61
N SER A 97 -30.75 -18.56 -8.33
CA SER A 97 -30.56 -17.13 -8.18
C SER A 97 -30.27 -16.80 -6.73
N ILE A 98 -29.21 -16.06 -6.49
CA ILE A 98 -28.75 -15.72 -5.14
C ILE A 98 -28.75 -14.20 -4.99
N ASP A 99 -29.40 -13.72 -3.95
CA ASP A 99 -29.47 -12.29 -3.67
C ASP A 99 -29.24 -12.05 -2.18
N ILE A 100 -28.52 -11.00 -1.85
CA ILE A 100 -28.26 -10.62 -0.47
C ILE A 100 -29.24 -9.50 -0.14
N ILE A 101 -30.41 -9.89 0.38
CA ILE A 101 -31.44 -8.92 0.70
C ILE A 101 -31.08 -8.19 1.99
N THR A 102 -31.66 -6.99 2.15
CA THR A 102 -31.42 -6.15 3.31
C THR A 102 -32.70 -6.09 4.14
N ARG A 103 -32.63 -6.61 5.38
CA ARG A 103 -33.79 -6.54 6.26
C ARG A 103 -33.99 -5.15 6.82
N ALA A 104 -32.89 -4.49 7.22
CA ALA A 104 -32.98 -3.14 7.76
C ALA A 104 -31.72 -2.38 7.39
N HIS A 105 -31.85 -1.07 7.24
CA HIS A 105 -30.73 -0.22 6.86
C HIS A 105 -30.93 1.16 7.44
N GLY A 106 -29.83 1.91 7.52
CA GLY A 106 -29.88 3.27 8.03
C GLY A 106 -28.50 3.84 8.16
N ASN A 107 -28.45 5.06 8.69
CA ASN A 107 -27.21 5.77 8.95
C ASN A 107 -27.13 6.08 10.44
N VAL A 108 -26.01 5.71 11.06
CA VAL A 108 -25.81 5.86 12.49
C VAL A 108 -24.83 6.96 12.81
N GLN A 109 -24.43 7.76 11.82
CA GLN A 109 -23.51 8.86 12.08
C GLN A 109 -24.20 9.96 12.88
N ASP A 110 -23.47 10.51 13.85
CA ASP A 110 -23.97 11.64 14.62
C ASP A 110 -23.59 12.95 13.93
N ARG A 111 -24.37 13.99 14.21
CA ARG A 111 -24.16 15.27 13.55
C ARG A 111 -22.79 15.86 13.90
N ILE A 112 -22.41 15.80 15.16
CA ILE A 112 -21.16 16.38 15.63
C ILE A 112 -20.49 15.40 16.59
N GLY A 113 -19.16 15.34 16.51
CA GLY A 113 -18.39 14.47 17.38
C GLY A 113 -17.10 13.99 16.75
N ARG A 114 -16.01 14.04 17.50
CA ARG A 114 -14.72 13.60 16.98
C ARG A 114 -14.63 12.08 17.03
N PRO A 115 -14.35 11.41 15.92
CA PRO A 115 -14.21 9.95 15.95
C PRO A 115 -13.10 9.52 16.89
N SER A 116 -13.33 8.41 17.58
CA SER A 116 -12.37 7.93 18.57
C SER A 116 -11.06 7.52 17.91
N GLU A 117 -9.95 7.85 18.55
CA GLU A 117 -8.64 7.47 18.03
C GLU A 117 -8.45 5.95 18.04
N THR A 118 -9.20 5.23 18.86
CA THR A 118 -9.16 3.78 18.88
C THR A 118 -10.08 3.17 17.83
N GLY A 119 -10.84 3.99 17.10
CA GLY A 119 -11.62 3.51 15.99
C GLY A 119 -12.98 2.96 16.37
N ILE A 120 -13.73 2.61 15.34
CA ILE A 120 -15.08 2.08 15.52
C ILE A 120 -15.01 0.68 16.13
N ILE A 121 -15.87 0.43 17.11
CA ILE A 121 -16.04 -0.89 17.71
C ILE A 121 -17.50 -1.30 17.59
N GLY A 122 -17.74 -2.49 17.05
CA GLY A 122 -19.09 -3.01 16.97
C GLY A 122 -19.24 -4.33 17.68
N ILE A 123 -20.15 -4.39 18.65
CA ILE A 123 -20.38 -5.58 19.44
C ILE A 123 -21.88 -5.88 19.47
N ILE A 124 -22.20 -7.14 19.74
CA ILE A 124 -23.58 -7.62 19.67
C ILE A 124 -23.89 -8.39 20.94
N ASP A 125 -25.11 -8.21 21.45
CA ASP A 125 -25.58 -8.96 22.61
C ASP A 125 -25.56 -10.45 22.30
N PRO A 126 -25.02 -11.29 23.19
CA PRO A 126 -25.10 -12.74 22.96
C PRO A 126 -26.52 -13.26 22.80
N GLU A 127 -27.47 -12.65 23.49
CA GLU A 127 -28.88 -13.01 23.34
C GLU A 127 -29.56 -12.30 22.18
N CYS A 128 -28.84 -11.45 21.46
CA CYS A 128 -29.34 -10.77 20.27
C CYS A 128 -30.55 -9.88 20.61
N ARG A 129 -30.32 -8.98 21.56
CA ARG A 129 -31.34 -8.01 21.95
C ARG A 129 -30.89 -6.57 21.80
N MET A 130 -29.65 -6.35 21.38
CA MET A 130 -29.09 -5.00 21.22
C MET A 130 -27.78 -5.10 20.49
N ILE A 131 -27.38 -3.98 19.89
CA ILE A 131 -26.08 -3.85 19.22
C ILE A 131 -25.39 -2.62 19.79
N GLY A 132 -24.18 -2.81 20.28
CA GLY A 132 -23.39 -1.72 20.84
C GLY A 132 -22.40 -1.18 19.82
N LEU A 133 -22.22 0.13 19.82
CA LEU A 133 -21.31 0.78 18.89
C LEU A 133 -20.59 1.92 19.60
N ARG A 134 -19.27 1.96 19.44
CA ARG A 134 -18.45 3.05 19.95
C ARG A 134 -17.90 3.79 18.73
N LEU A 135 -18.54 4.92 18.41
CA LEU A 135 -18.14 5.72 17.25
C LEU A 135 -17.41 7.00 17.63
N TYR A 136 -17.75 7.60 18.77
CA TYR A 136 -17.13 8.84 19.22
C TYR A 136 -16.77 8.72 20.70
N ASP A 137 -15.86 9.58 21.14
CA ASP A 137 -15.38 9.52 22.51
C ASP A 137 -16.51 9.82 23.49
N GLY A 138 -16.65 8.95 24.49
CA GLY A 138 -17.65 9.15 25.53
C GLY A 138 -19.09 9.10 25.05
N LEU A 139 -19.36 8.28 24.02
CA LEU A 139 -20.72 8.13 23.51
C LEU A 139 -20.90 6.69 23.05
N PHE A 140 -21.66 5.91 23.82
CA PHE A 140 -21.94 4.52 23.49
C PHE A 140 -23.28 4.48 22.77
N LYS A 141 -23.25 4.14 21.48
CA LYS A 141 -24.46 4.12 20.66
C LYS A 141 -25.08 2.74 20.69
N VAL A 142 -26.34 2.66 21.12
CA VAL A 142 -27.07 1.41 21.27
C VAL A 142 -28.14 1.34 20.19
N ILE A 143 -28.18 0.23 19.45
CA ILE A 143 -29.20 -0.03 18.45
C ILE A 143 -30.10 -1.14 18.98
N PRO A 144 -31.33 -0.86 19.37
CA PRO A 144 -32.25 -1.95 19.76
C PRO A 144 -32.57 -2.83 18.56
N LEU A 145 -32.76 -4.12 18.86
CA LEU A 145 -33.03 -5.12 17.83
C LEU A 145 -34.47 -5.58 17.96
N ASP A 146 -35.30 -5.19 17.00
CA ASP A 146 -36.70 -5.58 16.97
C ASP A 146 -37.13 -5.78 15.51
N ARG A 147 -38.22 -6.52 15.33
CA ARG A 147 -38.69 -6.82 13.99
C ARG A 147 -39.18 -5.56 13.27
N ASP A 148 -39.64 -4.56 14.00
CA ASP A 148 -40.16 -3.34 13.41
C ASP A 148 -39.12 -2.25 13.25
N ASN A 149 -37.87 -2.50 13.68
CA ASN A 149 -36.80 -1.51 13.55
C ASN A 149 -36.15 -1.60 12.18
N LYS A 150 -36.94 -1.28 11.15
CA LYS A 150 -36.44 -1.33 9.79
C LYS A 150 -35.51 -0.17 9.46
N GLU A 151 -35.58 0.93 10.21
CA GLU A 151 -34.77 2.11 9.96
C GLU A 151 -33.48 2.13 10.78
N LEU A 152 -33.30 1.18 11.69
CA LEU A 152 -32.12 1.11 12.57
C LEU A 152 -31.94 2.42 13.34
N LYS A 153 -32.95 2.74 14.14
CA LYS A 153 -32.93 3.96 14.94
C LYS A 153 -32.19 3.69 16.24
N ALA A 154 -31.07 4.37 16.43
CA ALA A 154 -30.22 4.20 17.60
C ALA A 154 -30.38 5.38 18.56
N PHE A 155 -29.87 5.19 19.78
CA PHE A 155 -29.83 6.24 20.79
C PHE A 155 -28.51 6.18 21.54
N ASN A 156 -27.99 7.36 21.87
CA ASN A 156 -26.71 7.43 22.54
C ASN A 156 -26.86 7.23 24.04
N ILE A 157 -25.78 6.75 24.67
CA ILE A 157 -25.68 6.63 26.11
C ILE A 157 -24.35 7.21 26.55
N ARG A 158 -24.37 8.01 27.62
CA ARG A 158 -23.19 8.75 28.02
C ARG A 158 -22.21 7.85 28.77
N LEU A 159 -20.94 7.91 28.34
CA LEU A 159 -19.84 7.30 29.08
C LEU A 159 -19.04 8.39 29.77
N GLU A 160 -18.88 8.26 31.09
CA GLU A 160 -18.00 9.17 31.82
C GLU A 160 -16.53 8.89 31.56
N GLU A 161 -16.21 7.77 30.92
CA GLU A 161 -14.83 7.39 30.62
C GLU A 161 -14.53 7.78 29.18
N LEU A 162 -13.68 8.79 29.00
CA LEU A 162 -13.39 9.28 27.65
C LEU A 162 -12.52 8.30 26.88
N HIS A 163 -11.47 7.76 27.51
CA HIS A 163 -10.52 6.88 26.84
C HIS A 163 -10.87 5.43 27.17
N VAL A 164 -11.58 4.78 26.26
CA VAL A 164 -11.97 3.39 26.40
C VAL A 164 -11.31 2.59 25.28
N ILE A 165 -10.64 1.50 25.65
CA ILE A 165 -9.84 0.72 24.71
C ILE A 165 -10.68 -0.32 24.01
N ASP A 166 -11.25 -1.25 24.77
CA ASP A 166 -11.99 -2.37 24.21
C ASP A 166 -13.26 -2.62 25.02
N VAL A 167 -14.39 -2.78 24.34
CA VAL A 167 -15.67 -3.07 24.96
C VAL A 167 -16.18 -4.40 24.42
N LYS A 168 -16.78 -5.19 25.31
CA LYS A 168 -17.33 -6.49 24.92
C LYS A 168 -18.55 -6.78 25.80
N PHE A 169 -19.36 -7.73 25.34
CA PHE A 169 -20.58 -8.13 26.03
C PHE A 169 -20.34 -9.46 26.74
N LEU A 170 -20.62 -9.51 28.04
CA LEU A 170 -20.41 -10.72 28.80
C LEU A 170 -21.49 -11.76 28.49
N TYR A 171 -21.17 -13.02 28.77
CA TYR A 171 -22.06 -14.14 28.52
C TYR A 171 -22.77 -14.56 29.80
N GLY A 172 -23.97 -15.12 29.64
CA GLY A 172 -24.72 -15.66 30.75
C GLY A 172 -25.15 -14.66 31.80
N CYS A 173 -25.69 -13.52 31.37
CA CYS A 173 -26.20 -12.49 32.28
C CYS A 173 -27.67 -12.24 32.01
N GLN A 174 -28.42 -11.97 33.08
CA GLN A 174 -29.84 -11.69 32.94
C GLN A 174 -30.08 -10.45 32.09
N ALA A 175 -29.62 -9.30 32.57
CA ALA A 175 -29.65 -8.09 31.77
C ALA A 175 -28.40 -8.00 30.91
N PRO A 176 -28.45 -7.31 29.77
CA PRO A 176 -27.26 -7.22 28.92
C PRO A 176 -26.19 -6.35 29.55
N THR A 177 -25.13 -6.96 30.05
CA THR A 177 -24.03 -6.26 30.70
C THR A 177 -22.83 -6.19 29.77
N ILE A 178 -22.05 -5.11 29.92
CA ILE A 178 -20.85 -4.90 29.12
C ILE A 178 -19.66 -4.83 30.07
N CYS A 179 -18.52 -5.31 29.60
CA CYS A 179 -17.26 -5.25 30.33
C CYS A 179 -16.22 -4.59 29.43
N PHE A 180 -15.49 -3.62 29.98
CA PHE A 180 -14.54 -2.86 29.17
C PHE A 180 -13.35 -2.44 30.01
N VAL A 181 -12.28 -2.09 29.32
CA VAL A 181 -11.07 -1.54 29.94
C VAL A 181 -10.92 -0.10 29.46
N TYR A 182 -10.66 0.80 30.39
CA TYR A 182 -10.57 2.22 30.10
C TYR A 182 -9.31 2.82 30.72
N GLN A 183 -8.79 3.84 30.07
CA GLN A 183 -7.61 4.54 30.56
C GLN A 183 -8.03 5.76 31.37
N ASP A 184 -7.46 5.88 32.57
CA ASP A 184 -7.71 7.01 33.45
C ASP A 184 -6.38 7.49 34.01
N PRO A 185 -6.31 8.70 34.59
CA PRO A 185 -5.02 9.19 35.09
C PRO A 185 -4.35 8.25 36.09
N GLN A 186 -5.13 7.48 36.85
CA GLN A 186 -4.54 6.52 37.77
C GLN A 186 -3.84 5.38 37.05
N GLY A 187 -4.23 5.07 35.81
CA GLY A 187 -3.63 3.98 35.07
C GLY A 187 -4.59 3.35 34.08
N ARG A 188 -4.74 2.03 34.16
CA ARG A 188 -5.73 1.30 33.38
C ARG A 188 -6.62 0.50 34.32
N HIS A 189 -7.92 0.49 34.02
CA HIS A 189 -8.91 -0.17 34.86
C HIS A 189 -9.87 -0.94 33.99
N VAL A 190 -10.53 -1.92 34.59
CA VAL A 190 -11.60 -2.67 33.94
C VAL A 190 -12.90 -2.38 34.69
N LYS A 191 -13.93 -1.99 33.95
CA LYS A 191 -15.21 -1.60 34.53
C LYS A 191 -16.34 -2.32 33.82
N THR A 192 -17.39 -2.63 34.56
CA THR A 192 -18.56 -3.31 34.04
C THR A 192 -19.80 -2.44 34.24
N TYR A 193 -20.61 -2.37 33.19
CA TYR A 193 -21.87 -1.65 33.22
C TYR A 193 -23.01 -2.60 32.85
N GLU A 194 -24.21 -2.27 33.32
CA GLU A 194 -25.41 -3.00 32.96
C GLU A 194 -26.31 -2.09 32.13
N VAL A 195 -26.74 -2.58 30.98
CA VAL A 195 -27.51 -1.79 30.04
C VAL A 195 -29.00 -2.01 30.29
N SER A 196 -29.75 -0.93 30.41
CA SER A 196 -31.20 -0.98 30.55
C SER A 196 -31.83 -0.22 29.39
N LEU A 197 -32.53 -0.95 28.52
CA LEU A 197 -33.11 -0.31 27.34
C LEU A 197 -34.29 0.57 27.69
N ARG A 198 -35.15 0.11 28.61
CA ARG A 198 -36.28 0.94 29.04
C ARG A 198 -35.81 2.22 29.72
N GLU A 199 -34.79 2.11 30.58
CA GLU A 199 -34.22 3.30 31.21
C GLU A 199 -33.36 4.10 30.24
N LYS A 200 -32.86 3.48 29.18
CA LYS A 200 -31.99 4.13 28.20
C LYS A 200 -30.76 4.74 28.88
N GLU A 201 -30.18 3.99 29.81
CA GLU A 201 -28.98 4.43 30.53
C GLU A 201 -28.32 3.20 31.16
N PHE A 202 -27.18 3.43 31.80
CA PHE A 202 -26.44 2.37 32.46
C PHE A 202 -26.87 2.21 33.91
N ASN A 203 -26.42 1.12 34.52
CA ASN A 203 -26.72 0.83 35.92
C ASN A 203 -25.43 0.29 36.56
N LYS A 204 -25.57 -0.26 37.76
CA LYS A 204 -24.42 -0.84 38.45
C LYS A 204 -24.05 -2.17 37.80
N GLY A 205 -22.75 -2.36 37.57
CA GLY A 205 -22.27 -3.54 36.89
C GLY A 205 -22.33 -4.78 37.77
N PRO A 206 -22.14 -5.95 37.15
CA PRO A 206 -22.16 -7.20 37.93
C PRO A 206 -21.07 -7.26 38.99
N TRP A 207 -19.81 -7.05 38.59
CA TRP A 207 -18.69 -7.06 39.51
C TRP A 207 -17.93 -5.74 39.43
N LYS A 208 -17.35 -5.36 40.56
CA LYS A 208 -16.78 -4.02 40.73
C LYS A 208 -15.54 -3.85 39.87
N GLN A 209 -15.12 -2.59 39.74
CA GLN A 209 -13.93 -2.25 38.96
C GLN A 209 -12.69 -2.80 39.63
N GLU A 210 -11.73 -3.20 38.81
CA GLU A 210 -10.45 -3.75 39.27
C GLU A 210 -9.30 -2.93 38.68
N ASN A 211 -8.08 -3.38 38.94
CA ASN A 211 -6.88 -2.79 38.39
C ASN A 211 -6.16 -3.80 37.51
N VAL A 212 -5.78 -3.38 36.32
CA VAL A 212 -5.05 -4.22 35.38
C VAL A 212 -3.69 -3.57 35.11
N GLU A 213 -2.84 -4.30 34.39
CA GLU A 213 -1.52 -3.79 34.07
C GLU A 213 -1.62 -2.62 33.10
N ALA A 214 -0.54 -1.84 33.03
CA ALA A 214 -0.52 -0.62 32.23
C ALA A 214 -0.57 -0.89 30.73
N GLU A 215 -0.60 -2.17 30.32
CA GLU A 215 -0.60 -2.48 28.87
C GLU A 215 -1.83 -3.32 28.50
N ALA A 216 -2.53 -3.84 29.50
CA ALA A 216 -3.69 -4.70 29.23
C ALA A 216 -4.63 -4.01 28.25
N SER A 217 -4.77 -4.57 27.06
CA SER A 217 -5.41 -3.89 25.93
C SER A 217 -6.75 -4.49 25.52
N MET A 218 -6.87 -5.81 25.46
CA MET A 218 -8.02 -6.45 24.84
C MET A 218 -8.69 -7.42 25.78
N VAL A 219 -10.01 -7.54 25.64
CA VAL A 219 -10.85 -8.32 26.52
C VAL A 219 -11.51 -9.43 25.72
N ILE A 220 -11.63 -10.61 26.33
CA ILE A 220 -12.26 -11.77 25.71
C ILE A 220 -13.39 -12.24 26.63
N ALA A 221 -14.60 -12.31 26.11
CA ALA A 221 -15.76 -12.72 26.87
C ALA A 221 -15.84 -14.25 26.89
N VAL A 222 -15.60 -14.84 28.06
CA VAL A 222 -15.67 -16.30 28.21
C VAL A 222 -17.13 -16.73 28.21
N PRO A 223 -17.48 -17.87 27.60
CA PRO A 223 -18.90 -18.27 27.53
C PRO A 223 -19.51 -18.68 28.86
N GLU A 224 -20.77 -19.12 28.80
CA GLU A 224 -21.55 -19.37 30.00
C GLU A 224 -20.96 -20.40 30.95
N PRO A 225 -20.46 -21.56 30.52
CA PRO A 225 -20.01 -22.57 31.50
C PRO A 225 -18.98 -22.05 32.49
N PHE A 226 -18.06 -21.19 32.06
CA PHE A 226 -17.13 -20.56 32.99
C PHE A 226 -17.68 -19.23 33.49
N GLY A 227 -17.97 -18.31 32.57
CA GLY A 227 -18.48 -17.00 32.93
C GLY A 227 -17.37 -16.06 33.33
N GLY A 228 -17.39 -14.84 32.79
CA GLY A 228 -16.42 -13.83 33.14
C GLY A 228 -15.75 -13.27 31.90
N ALA A 229 -14.62 -12.61 32.11
CA ALA A 229 -13.85 -12.02 31.03
C ALA A 229 -12.37 -12.34 31.22
N ILE A 230 -11.65 -12.39 30.11
CA ILE A 230 -10.21 -12.63 30.10
C ILE A 230 -9.54 -11.42 29.47
N ILE A 231 -8.62 -10.79 30.20
CA ILE A 231 -7.91 -9.62 29.73
C ILE A 231 -6.45 -10.00 29.53
N ILE A 232 -5.94 -9.79 28.32
CA ILE A 232 -4.58 -10.14 27.96
C ILE A 232 -3.87 -8.91 27.43
N GLY A 233 -2.66 -8.67 27.90
CA GLY A 233 -1.87 -7.54 27.43
C GLY A 233 -0.64 -7.99 26.68
N GLN A 234 0.53 -7.78 27.27
CA GLN A 234 1.77 -8.31 26.70
C GLN A 234 2.52 -9.11 27.75
N GLU A 235 2.37 -8.74 29.02
CA GLU A 235 3.07 -9.38 30.12
C GLU A 235 2.23 -10.42 30.84
N SER A 236 0.93 -10.17 31.01
CA SER A 236 0.11 -11.01 31.87
C SER A 236 -1.23 -11.30 31.19
N ILE A 237 -1.80 -12.44 31.55
CA ILE A 237 -3.15 -12.84 31.12
C ILE A 237 -3.96 -13.11 32.38
N THR A 238 -5.07 -12.39 32.55
CA THR A 238 -5.88 -12.46 33.75
C THR A 238 -7.29 -12.90 33.41
N TYR A 239 -7.99 -13.42 34.42
CA TYR A 239 -9.37 -13.87 34.30
C TYR A 239 -10.16 -13.31 35.48
N HIS A 240 -11.21 -12.55 35.18
CA HIS A 240 -12.04 -11.93 36.21
C HIS A 240 -13.45 -12.49 36.13
N ASN A 241 -13.99 -12.91 37.28
CA ASN A 241 -15.36 -13.38 37.36
C ASN A 241 -16.02 -12.90 38.65
N GLY A 242 -15.63 -11.74 39.16
CA GLY A 242 -16.15 -11.26 40.42
C GLY A 242 -15.35 -11.77 41.59
N ASP A 243 -15.83 -12.84 42.23
CA ASP A 243 -15.12 -13.45 43.34
C ASP A 243 -13.99 -14.38 42.89
N LYS A 244 -13.88 -14.66 41.59
CA LYS A 244 -12.83 -15.50 41.04
C LYS A 244 -11.81 -14.62 40.33
N TYR A 245 -10.54 -14.85 40.60
CA TYR A 245 -9.47 -14.04 40.01
C TYR A 245 -8.26 -14.92 39.76
N LEU A 246 -7.95 -15.17 38.49
CA LEU A 246 -6.77 -15.91 38.09
C LEU A 246 -5.87 -15.01 37.27
N ALA A 247 -4.57 -15.25 37.36
CA ALA A 247 -3.60 -14.43 36.65
C ALA A 247 -2.33 -15.24 36.39
N ILE A 248 -1.73 -15.01 35.23
CA ILE A 248 -0.47 -15.65 34.84
C ILE A 248 0.46 -14.59 34.28
N ALA A 249 1.75 -14.89 34.33
CA ALA A 249 2.79 -14.07 33.68
C ALA A 249 3.73 -14.98 32.92
N PRO A 250 3.25 -15.61 31.83
CA PRO A 250 4.10 -16.54 31.10
C PRO A 250 5.23 -15.80 30.40
N PRO A 251 6.41 -16.42 30.27
CA PRO A 251 7.52 -15.77 29.58
C PRO A 251 7.52 -15.94 28.06
N ILE A 252 6.49 -16.56 27.50
CA ILE A 252 6.43 -16.79 26.06
C ILE A 252 5.87 -15.60 25.31
N ILE A 253 4.87 -14.94 25.88
CA ILE A 253 4.18 -13.84 25.20
C ILE A 253 4.90 -12.52 25.47
N LYS A 254 6.07 -12.59 26.08
CA LYS A 254 6.81 -11.37 26.39
C LYS A 254 7.40 -10.72 25.14
N GLN A 255 7.76 -11.52 24.14
CA GLN A 255 8.47 -10.99 22.98
C GLN A 255 7.60 -10.02 22.18
N SER A 256 6.34 -10.36 21.96
CA SER A 256 5.45 -9.55 21.14
C SER A 256 4.15 -9.30 21.89
N THR A 257 3.25 -8.55 21.25
CA THR A 257 1.97 -8.18 21.84
C THR A 257 0.85 -8.87 21.07
N ILE A 258 0.00 -9.61 21.80
CA ILE A 258 -1.15 -10.26 21.18
C ILE A 258 -2.13 -9.20 20.71
N VAL A 259 -2.57 -9.33 19.46
CA VAL A 259 -3.47 -8.36 18.86
C VAL A 259 -4.78 -8.96 18.38
N CYS A 260 -4.85 -10.27 18.13
CA CYS A 260 -6.07 -10.89 17.63
C CYS A 260 -6.29 -12.21 18.36
N HIS A 261 -7.57 -12.61 18.44
CA HIS A 261 -7.95 -13.79 19.19
C HIS A 261 -9.10 -14.49 18.48
N ASN A 262 -9.39 -15.71 18.91
CA ASN A 262 -10.57 -16.42 18.45
C ASN A 262 -10.90 -17.52 19.45
N ARG A 263 -12.14 -17.97 19.40
CA ARG A 263 -12.64 -19.05 20.24
C ARG A 263 -12.83 -20.29 19.38
N VAL A 264 -12.25 -21.42 19.81
CA VAL A 264 -12.33 -22.66 19.05
C VAL A 264 -13.33 -23.65 19.64
N ASP A 265 -13.83 -23.40 20.85
CA ASP A 265 -14.76 -24.32 21.47
C ASP A 265 -16.12 -23.64 21.71
N PRO A 266 -17.22 -24.36 21.51
CA PRO A 266 -18.53 -23.77 21.84
C PRO A 266 -18.66 -23.40 23.31
N ASN A 267 -17.96 -24.09 24.20
CA ASN A 267 -17.98 -23.77 25.62
C ASN A 267 -16.76 -22.98 26.07
N GLY A 268 -15.94 -22.52 25.11
CA GLY A 268 -14.83 -21.64 25.43
C GLY A 268 -13.76 -22.25 26.31
N SER A 269 -13.33 -23.47 26.00
CA SER A 269 -12.28 -24.13 26.78
C SER A 269 -10.89 -23.94 26.20
N ARG A 270 -10.79 -23.51 24.93
CA ARG A 270 -9.51 -23.27 24.29
C ARG A 270 -9.63 -22.05 23.39
N TYR A 271 -8.56 -21.26 23.32
CA TYR A 271 -8.56 -20.04 22.53
C TYR A 271 -7.27 -19.95 21.72
N LEU A 272 -7.33 -19.20 20.62
CA LEU A 272 -6.19 -18.96 19.76
C LEU A 272 -5.74 -17.50 19.89
N LEU A 273 -4.44 -17.28 19.82
CA LEU A 273 -3.87 -15.95 19.96
C LEU A 273 -2.84 -15.71 18.86
N GLY A 274 -2.74 -14.46 18.41
CA GLY A 274 -1.76 -14.09 17.41
C GLY A 274 -1.15 -12.73 17.66
N ASP A 275 0.18 -12.66 17.64
CA ASP A 275 0.92 -11.43 17.92
C ASP A 275 1.41 -10.80 16.62
N MET A 276 2.24 -9.76 16.76
CA MET A 276 2.73 -9.03 15.59
C MET A 276 3.53 -9.91 14.65
N GLU A 277 4.59 -10.50 15.20
CA GLU A 277 5.58 -11.30 14.44
C GLU A 277 4.83 -12.32 13.60
N GLY A 278 3.83 -12.97 14.19
CA GLY A 278 3.17 -14.07 13.56
C GLY A 278 3.43 -15.43 14.19
N ARG A 279 3.46 -15.49 15.51
CA ARG A 279 3.54 -16.75 16.24
C ARG A 279 2.19 -17.01 16.89
N LEU A 280 1.66 -18.22 16.71
CA LEU A 280 0.29 -18.54 17.05
C LEU A 280 0.27 -19.28 18.37
N PHE A 281 -0.12 -18.59 19.43
CA PHE A 281 -0.22 -19.18 20.75
C PHE A 281 -1.54 -19.97 20.85
N MET A 282 -1.82 -20.51 22.03
CA MET A 282 -3.09 -21.19 22.26
C MET A 282 -3.36 -21.19 23.75
N LEU A 283 -4.38 -20.46 24.19
CA LEU A 283 -4.74 -20.37 25.59
C LEU A 283 -5.72 -21.48 25.94
N LEU A 284 -5.43 -22.22 27.00
CA LEU A 284 -6.25 -23.34 27.43
C LEU A 284 -6.92 -23.00 28.76
N LEU A 285 -8.22 -23.25 28.85
CA LEU A 285 -8.99 -23.02 30.06
C LEU A 285 -9.20 -24.36 30.76
N GLU A 286 -8.75 -24.47 32.00
CA GLU A 286 -8.82 -25.72 32.75
C GLU A 286 -10.12 -25.76 33.53
N LYS A 287 -11.03 -26.66 33.13
CA LYS A 287 -12.36 -26.76 33.72
C LYS A 287 -12.47 -27.92 34.71
N GLU A 288 -11.40 -28.22 35.44
CA GLU A 288 -11.40 -29.36 36.36
C GLU A 288 -12.05 -29.04 37.70
N GLU A 289 -12.39 -27.78 37.97
CA GLU A 289 -12.95 -27.40 39.27
C GLU A 289 -14.46 -27.33 39.20
N GLN A 290 -15.07 -28.50 39.03
CA GLN A 290 -16.53 -28.66 39.08
C GLN A 290 -16.94 -29.13 40.48
N MET A 291 -16.73 -28.23 41.45
CA MET A 291 -16.91 -28.60 42.86
C MET A 291 -18.36 -28.93 43.16
N ASP A 292 -19.29 -28.04 42.80
CA ASP A 292 -20.71 -28.23 43.12
C ASP A 292 -21.57 -27.83 41.92
N GLY A 293 -21.16 -28.24 40.72
CA GLY A 293 -21.87 -27.93 39.50
C GLY A 293 -21.33 -26.71 38.78
N THR A 294 -20.81 -25.74 39.51
CA THR A 294 -20.22 -24.56 38.88
C THR A 294 -18.86 -24.93 38.28
N VAL A 295 -18.69 -24.63 37.00
CA VAL A 295 -17.46 -24.99 36.28
C VAL A 295 -16.51 -23.80 36.44
N THR A 296 -15.75 -23.81 37.52
CA THR A 296 -14.74 -22.80 37.77
C THR A 296 -13.37 -23.29 37.30
N LEU A 297 -12.45 -22.35 37.14
CA LEU A 297 -11.15 -22.67 36.58
C LEU A 297 -10.17 -23.14 37.66
N LYS A 298 -9.10 -23.79 37.22
CA LYS A 298 -8.00 -24.21 38.07
C LYS A 298 -6.69 -23.54 37.69
N ASP A 299 -6.38 -23.46 36.40
CA ASP A 299 -5.17 -22.81 35.92
C ASP A 299 -5.43 -22.23 34.55
N LEU A 300 -4.48 -21.41 34.08
CA LEU A 300 -4.63 -20.65 32.84
C LEU A 300 -3.41 -20.84 31.95
N ARG A 301 -3.01 -22.10 31.76
CA ARG A 301 -1.78 -22.40 31.02
C ARG A 301 -1.89 -21.96 29.56
N VAL A 302 -0.78 -21.46 29.03
CA VAL A 302 -0.71 -20.96 27.65
C VAL A 302 0.30 -21.79 26.88
N GLU A 303 -0.12 -22.27 25.71
CA GLU A 303 0.72 -23.08 24.83
C GLU A 303 1.11 -22.29 23.58
N LEU A 304 2.13 -22.77 22.90
CA LEU A 304 2.59 -22.20 21.63
C LEU A 304 2.46 -23.25 20.54
N LEU A 305 1.80 -22.89 19.44
CA LEU A 305 1.52 -23.82 18.36
C LEU A 305 2.44 -23.66 17.16
N GLY A 306 3.38 -22.73 17.21
CA GLY A 306 4.33 -22.53 16.12
C GLY A 306 4.03 -21.27 15.33
N GLU A 307 5.01 -20.91 14.50
CA GLU A 307 4.94 -19.68 13.72
C GLU A 307 4.05 -19.87 12.49
N THR A 308 3.36 -18.80 12.13
CA THR A 308 2.52 -18.76 10.94
C THR A 308 2.75 -17.42 10.24
N SER A 309 1.90 -17.11 9.27
CA SER A 309 1.97 -15.82 8.61
C SER A 309 1.66 -14.71 9.61
N ILE A 310 1.89 -13.46 9.19
CA ILE A 310 1.59 -12.32 10.04
C ILE A 310 0.08 -12.25 10.20
N ALA A 311 -0.41 -12.59 11.38
CA ALA A 311 -1.84 -12.79 11.59
C ALA A 311 -2.54 -11.48 11.90
N GLU A 312 -3.67 -11.25 11.25
CA GLU A 312 -4.52 -10.10 11.53
C GLU A 312 -5.91 -10.47 12.01
N CYS A 313 -6.45 -11.63 11.60
CA CYS A 313 -7.73 -12.08 12.10
C CYS A 313 -7.78 -13.61 11.95
N LEU A 314 -7.57 -14.31 13.05
CA LEU A 314 -7.68 -15.77 13.03
C LEU A 314 -9.13 -16.20 12.89
N THR A 315 -9.31 -17.43 12.41
CA THR A 315 -10.64 -18.00 12.24
C THR A 315 -10.52 -19.51 12.24
N TYR A 316 -11.10 -20.16 13.25
CA TYR A 316 -10.98 -21.60 13.42
C TYR A 316 -12.16 -22.29 12.75
N LEU A 317 -11.90 -22.94 11.62
CA LEU A 317 -12.91 -23.75 10.96
C LEU A 317 -13.01 -25.11 11.66
N ASP A 318 -13.84 -25.99 11.12
CA ASP A 318 -13.99 -27.31 11.72
C ASP A 318 -12.84 -28.22 11.31
N ASN A 319 -12.77 -29.38 11.97
CA ASN A 319 -11.79 -30.42 11.67
C ASN A 319 -10.36 -29.91 11.84
N GLY A 320 -10.16 -29.03 12.82
CA GLY A 320 -8.82 -28.54 13.11
C GLY A 320 -8.18 -27.75 11.99
N VAL A 321 -8.94 -26.86 11.36
CA VAL A 321 -8.45 -26.02 10.27
C VAL A 321 -8.62 -24.56 10.68
N VAL A 322 -7.56 -23.78 10.52
CA VAL A 322 -7.54 -22.38 10.94
C VAL A 322 -7.28 -21.51 9.71
N PHE A 323 -8.10 -20.48 9.53
CA PHE A 323 -7.88 -19.48 8.49
C PHE A 323 -7.15 -18.30 9.12
N VAL A 324 -5.87 -18.17 8.78
CA VAL A 324 -5.03 -17.09 9.32
C VAL A 324 -5.03 -15.96 8.30
N GLY A 325 -5.95 -15.02 8.45
CA GLY A 325 -5.97 -13.87 7.59
C GLY A 325 -4.78 -12.96 7.83
N SER A 326 -4.47 -12.15 6.83
CA SER A 326 -3.30 -11.29 6.90
C SER A 326 -3.55 -10.02 6.09
N ARG A 327 -3.37 -8.87 6.74
CA ARG A 327 -3.55 -7.60 6.06
C ARG A 327 -2.39 -7.27 5.12
N LEU A 328 -1.17 -7.70 5.47
CA LEU A 328 0.00 -7.37 4.68
C LEU A 328 0.77 -8.59 4.20
N GLY A 329 0.37 -9.80 4.60
CA GLY A 329 0.97 -11.01 4.08
C GLY A 329 0.01 -11.76 3.18
N ASP A 330 0.19 -13.08 3.07
CA ASP A 330 -0.71 -13.92 2.31
C ASP A 330 -1.64 -14.65 3.26
N SER A 331 -2.94 -14.62 2.96
CA SER A 331 -3.90 -15.35 3.77
C SER A 331 -3.62 -16.84 3.67
N GLN A 332 -3.74 -17.54 4.80
CA GLN A 332 -3.34 -18.93 4.89
C GLN A 332 -4.44 -19.78 5.48
N LEU A 333 -4.42 -21.06 5.14
CA LEU A 333 -5.26 -22.08 5.78
C LEU A 333 -4.32 -23.13 6.35
N VAL A 334 -4.19 -23.14 7.68
CA VAL A 334 -3.28 -24.04 8.36
C VAL A 334 -4.07 -25.09 9.12
N LYS A 335 -3.37 -26.09 9.64
CA LYS A 335 -3.99 -27.20 10.33
C LYS A 335 -3.31 -27.39 11.68
N LEU A 336 -4.11 -27.42 12.74
CA LEU A 336 -3.59 -27.57 14.10
C LEU A 336 -3.38 -29.06 14.40
N ASN A 337 -2.24 -29.57 13.94
CA ASN A 337 -1.84 -30.95 14.24
C ASN A 337 -1.31 -30.98 15.67
N VAL A 338 -2.25 -31.02 16.61
CA VAL A 338 -1.88 -30.96 18.03
C VAL A 338 -1.57 -32.36 18.54
N ASP A 339 -0.34 -32.82 18.24
CA ASP A 339 0.15 -34.16 18.53
C ASP A 339 1.42 -34.42 17.73
N SER A 340 1.62 -33.66 16.65
CA SER A 340 2.70 -33.95 15.72
C SER A 340 4.06 -33.60 16.31
N ASN A 341 4.26 -32.31 16.61
CA ASN A 341 5.55 -31.81 17.12
C ASN A 341 6.69 -32.13 16.14
N GLU A 342 6.57 -31.55 14.94
CA GLU A 342 7.62 -31.73 13.93
C GLU A 342 8.94 -31.16 14.43
N GLN A 343 8.98 -29.84 14.59
CA GLN A 343 10.10 -29.15 15.23
C GLN A 343 9.59 -28.25 16.35
N GLY A 344 8.47 -28.63 16.97
CA GLY A 344 7.76 -27.77 17.88
C GLY A 344 6.67 -26.93 17.24
N SER A 345 6.55 -26.98 15.92
CA SER A 345 5.54 -26.21 15.19
C SER A 345 4.43 -27.17 14.76
N TYR A 346 3.32 -27.15 15.50
CA TYR A 346 2.18 -27.99 15.16
C TYR A 346 1.58 -27.60 13.81
N VAL A 347 1.53 -26.29 13.53
CA VAL A 347 0.85 -25.80 12.34
C VAL A 347 1.58 -26.26 11.08
N VAL A 348 0.82 -26.72 10.10
CA VAL A 348 1.34 -27.04 8.77
C VAL A 348 0.43 -26.38 7.73
N ALA A 349 1.05 -25.78 6.73
CA ALA A 349 0.29 -25.07 5.71
C ALA A 349 -0.50 -26.03 4.84
N MET A 350 -1.75 -25.66 4.54
CA MET A 350 -2.61 -26.44 3.65
C MET A 350 -2.99 -25.69 2.39
N GLU A 351 -3.23 -24.39 2.47
CA GLU A 351 -3.55 -23.57 1.31
C GLU A 351 -2.88 -22.21 1.49
N THR A 352 -3.05 -21.35 0.48
CA THR A 352 -2.50 -20.00 0.53
C THR A 352 -3.27 -19.14 -0.46
N PHE A 353 -3.81 -18.03 0.02
CA PHE A 353 -4.56 -17.08 -0.81
C PHE A 353 -3.66 -15.89 -1.12
N THR A 354 -3.53 -15.57 -2.40
CA THR A 354 -2.62 -14.51 -2.82
C THR A 354 -3.11 -13.15 -2.32
N ASN A 355 -2.15 -12.23 -2.19
CA ASN A 355 -2.43 -10.90 -1.66
C ASN A 355 -1.37 -9.94 -2.19
N LEU A 356 -1.77 -8.99 -3.01
CA LEU A 356 -0.85 -7.94 -3.44
C LEU A 356 -0.43 -7.02 -2.30
N GLY A 357 -1.14 -7.08 -1.17
CA GLY A 357 -0.72 -6.42 0.05
C GLY A 357 -0.41 -4.95 -0.08
N PRO A 358 0.39 -4.43 0.85
CA PRO A 358 0.73 -3.01 0.83
C PRO A 358 1.73 -2.65 -0.26
N ILE A 359 1.23 -2.38 -1.47
CA ILE A 359 2.11 -1.98 -2.56
C ILE A 359 2.78 -0.66 -2.19
N VAL A 360 4.09 -0.70 -1.99
CA VAL A 360 4.83 0.48 -1.56
C VAL A 360 5.31 1.29 -2.75
N ASP A 361 5.84 0.62 -3.77
CA ASP A 361 6.23 1.28 -5.00
C ASP A 361 6.21 0.25 -6.12
N MET A 362 5.86 0.72 -7.32
CA MET A 362 5.70 -0.17 -8.46
C MET A 362 6.30 0.48 -9.70
N CYS A 363 6.66 -0.37 -10.66
CA CYS A 363 7.18 0.08 -11.94
C CYS A 363 6.51 -0.71 -13.05
N VAL A 364 6.48 -0.12 -14.24
CA VAL A 364 5.87 -0.74 -15.42
C VAL A 364 7.00 -1.04 -16.39
N VAL A 365 7.16 -2.32 -16.72
CA VAL A 365 8.26 -2.78 -17.55
C VAL A 365 7.71 -3.37 -18.84
N ASP A 366 8.57 -3.42 -19.86
CA ASP A 366 8.20 -3.70 -21.25
C ASP A 366 9.11 -4.78 -21.83
N LEU A 367 9.21 -5.93 -21.16
CA LEU A 367 10.16 -6.97 -21.57
C LEU A 367 9.67 -7.59 -22.88
N GLU A 368 9.86 -6.85 -23.97
CA GLU A 368 9.61 -7.30 -25.33
C GLU A 368 8.17 -7.74 -25.54
N ARG A 369 7.93 -8.49 -26.62
CA ARG A 369 6.63 -9.02 -27.04
C ARG A 369 5.66 -7.93 -27.48
N GLN A 370 6.07 -6.67 -27.47
CA GLN A 370 5.26 -5.53 -27.92
C GLN A 370 4.05 -5.32 -27.02
N GLY A 371 3.99 -4.16 -26.37
CA GLY A 371 2.92 -3.91 -25.42
C GLY A 371 2.93 -4.94 -24.31
N GLN A 372 1.74 -5.21 -23.77
CA GLN A 372 1.55 -6.25 -22.76
C GLN A 372 2.51 -6.02 -21.58
N GLY A 373 2.76 -4.74 -21.28
CA GLY A 373 3.75 -4.36 -20.29
C GLY A 373 3.53 -4.96 -18.93
N GLN A 374 4.53 -5.68 -18.43
CA GLN A 374 4.44 -6.27 -17.11
C GLN A 374 4.49 -5.20 -16.04
N LEU A 375 3.97 -5.53 -14.86
CA LEU A 375 3.88 -4.59 -13.75
C LEU A 375 4.49 -5.25 -12.53
N VAL A 376 5.48 -4.58 -11.92
CA VAL A 376 6.26 -5.13 -10.82
C VAL A 376 6.01 -4.28 -9.58
N THR A 377 5.57 -4.92 -8.50
CA THR A 377 5.28 -4.24 -7.25
C THR A 377 6.18 -4.75 -6.13
N CYS A 378 6.47 -3.87 -5.19
CA CYS A 378 7.18 -4.23 -3.97
C CYS A 378 6.14 -4.46 -2.87
N SER A 379 5.57 -5.66 -2.88
CA SER A 379 4.45 -5.99 -2.00
C SER A 379 4.97 -6.57 -0.68
N GLY A 380 4.05 -6.67 0.28
CA GLY A 380 4.36 -7.26 1.57
C GLY A 380 5.17 -6.36 2.46
N ALA A 381 5.46 -6.87 3.65
CA ALA A 381 6.27 -6.16 4.63
C ALA A 381 6.81 -7.16 5.63
N PHE A 382 7.81 -6.73 6.39
CA PHE A 382 8.47 -7.54 7.42
C PHE A 382 8.93 -8.85 6.81
N LYS A 383 8.53 -10.01 7.34
CA LYS A 383 9.13 -11.28 6.97
C LYS A 383 8.53 -11.91 5.72
N GLU A 384 7.59 -11.24 5.04
CA GLU A 384 7.04 -11.82 3.82
C GLU A 384 6.96 -10.80 2.68
N GLY A 385 7.74 -9.72 2.72
CA GLY A 385 7.80 -8.82 1.58
C GLY A 385 8.29 -9.54 0.35
N SER A 386 7.73 -9.18 -0.80
CA SER A 386 8.01 -9.90 -2.03
C SER A 386 7.80 -8.98 -3.24
N LEU A 387 8.21 -9.48 -4.40
CA LEU A 387 7.99 -8.81 -5.67
C LEU A 387 6.92 -9.57 -6.43
N ARG A 388 5.91 -8.85 -6.92
CA ARG A 388 4.80 -9.45 -7.65
C ARG A 388 4.86 -8.99 -9.10
N ILE A 389 4.82 -9.95 -10.02
CA ILE A 389 4.85 -9.67 -11.45
C ILE A 389 3.46 -9.94 -12.00
N ILE A 390 2.86 -8.95 -12.65
CA ILE A 390 1.47 -9.00 -13.08
C ILE A 390 1.41 -8.78 -14.58
N ARG A 391 0.70 -9.66 -15.27
CA ARG A 391 0.56 -9.57 -16.72
C ARG A 391 -0.90 -9.66 -17.13
N ASN A 392 -1.16 -9.77 -18.43
CA ASN A 392 -2.48 -10.06 -18.97
C ASN A 392 -2.37 -11.38 -19.73
N GLY A 393 -2.60 -12.48 -19.03
CA GLY A 393 -2.46 -13.81 -19.60
C GLY A 393 -3.81 -14.49 -19.73
N ILE A 394 -4.05 -15.08 -20.90
CA ILE A 394 -5.30 -15.79 -21.15
C ILE A 394 -5.46 -16.91 -20.14
N GLY A 395 -6.68 -17.06 -19.63
CA GLY A 395 -6.96 -18.08 -18.63
C GLY A 395 -7.45 -19.38 -19.26
N ILE A 396 -7.03 -20.49 -18.68
CA ILE A 396 -7.40 -21.82 -19.15
C ILE A 396 -8.57 -22.32 -18.31
N HIS A 397 -9.69 -22.59 -18.96
CA HIS A 397 -10.90 -23.10 -18.28
C HIS A 397 -10.90 -24.61 -18.43
N GLU A 398 -10.55 -25.30 -17.35
CA GLU A 398 -10.45 -26.76 -17.35
C GLU A 398 -11.83 -27.35 -17.07
N HIS A 399 -12.39 -28.04 -18.06
CA HIS A 399 -13.68 -28.68 -17.87
C HIS A 399 -13.60 -29.90 -16.96
N ALA A 400 -12.42 -30.52 -16.85
CA ALA A 400 -12.24 -31.67 -15.97
C ALA A 400 -10.78 -31.72 -15.52
N SER A 401 -10.55 -32.41 -14.41
CA SER A 401 -9.22 -32.55 -13.84
C SER A 401 -8.96 -34.02 -13.52
N ILE A 402 -7.81 -34.53 -13.96
CA ILE A 402 -7.40 -35.89 -13.69
C ILE A 402 -5.95 -35.88 -13.24
N ASP A 403 -5.65 -36.60 -12.16
CA ASP A 403 -4.31 -36.62 -11.61
C ASP A 403 -3.43 -37.62 -12.35
N LEU A 404 -2.22 -37.20 -12.67
CA LEU A 404 -1.24 -38.04 -13.34
C LEU A 404 0.10 -37.96 -12.62
N PRO A 405 0.88 -39.05 -12.62
CA PRO A 405 2.19 -39.07 -11.94
C PRO A 405 3.31 -38.43 -12.77
N GLY A 406 3.05 -37.24 -13.29
CA GLY A 406 4.02 -36.57 -14.13
C GLY A 406 4.25 -37.29 -15.44
N ILE A 407 3.21 -37.34 -16.28
CA ILE A 407 3.32 -38.04 -17.55
C ILE A 407 4.32 -37.34 -18.46
N LYS A 408 5.15 -38.14 -19.13
CA LYS A 408 6.15 -37.62 -20.06
C LYS A 408 5.60 -37.47 -21.48
N GLY A 409 4.29 -37.32 -21.62
CA GLY A 409 3.69 -37.16 -22.93
C GLY A 409 2.34 -37.84 -23.05
N LEU A 410 1.35 -37.12 -23.55
CA LEU A 410 0.01 -37.66 -23.74
C LEU A 410 -0.37 -37.51 -25.21
N TRP A 411 -0.95 -38.58 -25.77
CA TRP A 411 -1.37 -38.59 -27.16
C TRP A 411 -2.79 -39.11 -27.29
N PRO A 412 -3.54 -38.64 -28.27
CA PRO A 412 -4.89 -39.14 -28.48
C PRO A 412 -4.90 -40.55 -29.05
N LEU A 413 -6.02 -41.23 -28.85
CA LEU A 413 -6.18 -42.60 -29.35
C LEU A 413 -7.67 -42.87 -29.53
N ARG A 414 -8.00 -43.62 -30.57
CA ARG A 414 -9.37 -43.98 -30.88
C ARG A 414 -9.60 -45.45 -30.53
N SER A 415 -10.59 -45.71 -29.69
CA SER A 415 -11.00 -47.07 -29.34
C SER A 415 -12.29 -47.48 -30.04
N ASP A 416 -12.53 -46.95 -31.23
CA ASP A 416 -13.77 -47.17 -31.97
C ASP A 416 -13.52 -46.83 -33.43
N PRO A 417 -14.46 -47.14 -34.32
CA PRO A 417 -14.32 -46.70 -35.71
C PRO A 417 -14.17 -45.19 -35.79
N ASN A 418 -13.36 -44.74 -36.74
CA ASN A 418 -13.00 -43.33 -36.87
C ASN A 418 -14.21 -42.44 -37.05
N ARG A 419 -14.48 -41.59 -36.06
CA ARG A 419 -15.58 -40.63 -36.09
C ARG A 419 -15.06 -39.21 -35.91
N GLU A 420 -13.85 -38.94 -36.40
CA GLU A 420 -13.19 -37.64 -36.25
C GLU A 420 -13.07 -37.22 -34.79
N THR A 421 -12.90 -38.19 -33.90
CA THR A 421 -12.77 -37.92 -32.48
C THR A 421 -11.93 -39.01 -31.83
N ASP A 422 -11.37 -38.68 -30.67
CA ASP A 422 -10.56 -39.61 -29.90
C ASP A 422 -11.23 -39.84 -28.55
N ASP A 423 -11.51 -41.11 -28.24
CA ASP A 423 -12.14 -41.48 -26.98
C ASP A 423 -11.18 -42.15 -26.02
N THR A 424 -9.88 -42.10 -26.31
CA THR A 424 -8.87 -42.71 -25.44
C THR A 424 -7.66 -41.79 -25.37
N LEU A 425 -7.10 -41.65 -24.17
CA LEU A 425 -5.90 -40.86 -23.95
C LEU A 425 -4.78 -41.79 -23.51
N VAL A 426 -3.67 -41.77 -24.23
CA VAL A 426 -2.53 -42.62 -23.96
C VAL A 426 -1.45 -41.75 -23.31
N LEU A 427 -1.16 -42.02 -22.04
CA LEU A 427 -0.14 -41.29 -21.32
C LEU A 427 1.22 -41.94 -21.55
N SER A 428 2.25 -41.42 -20.86
CA SER A 428 3.59 -41.97 -20.96
C SER A 428 4.31 -41.70 -19.65
N PHE A 429 4.54 -42.75 -18.86
CA PHE A 429 5.24 -42.63 -17.60
C PHE A 429 6.75 -42.57 -17.86
N VAL A 430 7.54 -42.69 -16.79
CA VAL A 430 9.00 -42.67 -16.95
C VAL A 430 9.45 -43.86 -17.79
N GLY A 431 8.91 -45.04 -17.51
CA GLY A 431 9.26 -46.23 -18.26
C GLY A 431 8.06 -46.92 -18.88
N GLN A 432 6.88 -46.71 -18.31
CA GLN A 432 5.66 -47.35 -18.76
C GLN A 432 4.84 -46.39 -19.62
N THR A 433 3.72 -46.89 -20.13
CA THR A 433 2.82 -46.07 -20.96
C THR A 433 1.39 -46.55 -20.70
N ARG A 434 0.68 -45.86 -19.81
CA ARG A 434 -0.68 -46.22 -19.46
C ARG A 434 -1.66 -45.48 -20.37
N VAL A 435 -2.61 -46.21 -20.93
CA VAL A 435 -3.62 -45.66 -21.83
C VAL A 435 -5.00 -45.97 -21.26
N LEU A 436 -5.86 -44.97 -21.21
CA LEU A 436 -7.21 -45.10 -20.68
C LEU A 436 -8.21 -44.64 -21.72
N MET A 437 -9.23 -45.47 -21.96
CA MET A 437 -10.30 -45.12 -22.89
C MET A 437 -11.36 -44.34 -22.13
N LEU A 438 -11.45 -43.04 -22.42
CA LEU A 438 -12.38 -42.13 -21.73
C LEU A 438 -13.25 -41.43 -22.77
N ASN A 439 -14.36 -42.07 -23.13
CA ASN A 439 -15.31 -41.42 -24.03
C ASN A 439 -15.93 -40.20 -23.37
N GLY A 440 -16.33 -40.31 -22.10
CA GLY A 440 -16.85 -39.19 -21.36
C GLY A 440 -15.92 -38.77 -20.24
N GLU A 441 -16.25 -39.18 -19.01
CA GLU A 441 -15.42 -38.92 -17.84
C GLU A 441 -14.87 -40.23 -17.26
N GLU A 442 -14.68 -41.23 -18.11
CA GLU A 442 -14.19 -42.52 -17.64
C GLU A 442 -12.74 -42.43 -17.19
N VAL A 443 -12.40 -43.19 -16.15
CA VAL A 443 -11.04 -43.22 -15.63
C VAL A 443 -10.40 -44.59 -15.73
N GLU A 444 -11.13 -45.62 -16.16
CA GLU A 444 -10.57 -46.96 -16.26
C GLU A 444 -9.54 -47.04 -17.40
N GLU A 445 -8.44 -47.73 -17.14
CA GLU A 445 -7.36 -47.90 -18.10
C GLU A 445 -7.16 -49.39 -18.36
N THR A 446 -7.14 -49.77 -19.63
CA THR A 446 -6.92 -51.16 -20.03
C THR A 446 -6.04 -51.19 -21.26
N GLU A 447 -4.89 -51.86 -21.14
CA GLU A 447 -3.96 -51.95 -22.25
C GLU A 447 -4.52 -52.84 -23.35
N LEU A 448 -4.37 -52.39 -24.60
CA LEU A 448 -4.84 -53.15 -25.75
C LEU A 448 -3.78 -54.17 -26.17
N MET A 449 -4.21 -55.14 -26.98
CA MET A 449 -3.29 -56.18 -27.46
C MET A 449 -2.23 -55.58 -28.37
N GLY A 450 -2.61 -54.62 -29.22
CA GLY A 450 -1.66 -54.06 -30.17
C GLY A 450 -0.57 -53.23 -29.52
N PHE A 451 -0.83 -52.70 -28.32
CA PHE A 451 0.12 -51.86 -27.62
C PHE A 451 0.77 -52.65 -26.49
N VAL A 452 2.11 -52.60 -26.42
CA VAL A 452 2.82 -53.31 -25.37
C VAL A 452 2.45 -52.71 -24.01
N ASP A 453 2.48 -53.57 -22.98
CA ASP A 453 2.10 -53.12 -21.64
C ASP A 453 3.07 -52.08 -21.12
N ASP A 454 4.37 -52.34 -21.24
CA ASP A 454 5.41 -51.41 -20.77
C ASP A 454 6.55 -51.43 -21.77
N GLN A 455 6.58 -50.41 -22.64
CA GLN A 455 7.64 -50.31 -23.63
C GLN A 455 8.15 -48.88 -23.81
N GLN A 456 7.67 -47.93 -23.00
CA GLN A 456 8.08 -46.52 -23.08
C GLN A 456 7.80 -45.95 -24.48
N THR A 457 6.58 -46.15 -24.96
CA THR A 457 6.19 -45.63 -26.25
C THR A 457 6.12 -44.11 -26.22
N PHE A 458 6.59 -43.47 -27.30
CA PHE A 458 6.63 -42.02 -27.39
C PHE A 458 5.47 -41.47 -28.22
N PHE A 459 5.35 -41.93 -29.47
CA PHE A 459 4.33 -41.44 -30.38
C PHE A 459 3.30 -42.54 -30.63
N CYS A 460 2.02 -42.21 -30.47
CA CYS A 460 0.94 -43.17 -30.70
C CYS A 460 -0.25 -42.40 -31.25
N GLY A 461 -0.44 -42.46 -32.57
CA GLY A 461 -1.52 -41.75 -33.21
C GLY A 461 -2.24 -42.59 -34.26
N ASN A 462 -3.10 -41.94 -35.04
CA ASN A 462 -3.88 -42.64 -36.07
C ASN A 462 -3.07 -42.68 -37.35
N VAL A 463 -2.63 -43.88 -37.74
CA VAL A 463 -1.89 -44.06 -38.98
C VAL A 463 -2.86 -44.15 -40.14
N ALA A 464 -2.35 -44.05 -41.37
CA ALA A 464 -3.19 -44.11 -42.55
C ALA A 464 -3.58 -45.55 -42.87
N HIS A 465 -4.45 -45.68 -43.87
CA HIS A 465 -4.93 -46.99 -44.33
C HIS A 465 -5.58 -47.79 -43.21
N GLN A 466 -6.31 -47.10 -42.33
CA GLN A 466 -7.06 -47.71 -41.23
C GLN A 466 -6.14 -48.52 -40.34
N GLN A 467 -5.18 -47.83 -39.72
CA GLN A 467 -4.22 -48.46 -38.83
C GLN A 467 -3.75 -47.44 -37.81
N LEU A 468 -2.91 -47.90 -36.89
CA LEU A 468 -2.34 -47.02 -35.86
C LEU A 468 -1.03 -47.63 -35.41
N ILE A 469 0.07 -46.91 -35.61
CA ILE A 469 1.41 -47.40 -35.29
C ILE A 469 1.93 -46.63 -34.09
N GLN A 470 2.21 -47.36 -33.00
CA GLN A 470 2.79 -46.77 -31.80
C GLN A 470 4.28 -47.12 -31.76
N ILE A 471 5.12 -46.09 -31.76
CA ILE A 471 6.56 -46.26 -31.76
C ILE A 471 7.03 -46.34 -30.31
N THR A 472 7.71 -47.43 -29.97
CA THR A 472 8.19 -47.67 -28.61
C THR A 472 9.71 -47.81 -28.63
N SER A 473 10.28 -47.89 -27.43
CA SER A 473 11.73 -48.04 -27.30
C SER A 473 12.21 -49.36 -27.89
N ALA A 474 11.47 -50.45 -27.65
CA ALA A 474 11.87 -51.75 -28.17
C ALA A 474 11.62 -51.84 -29.67
N SER A 475 10.36 -51.69 -30.08
CA SER A 475 10.01 -51.75 -31.49
C SER A 475 8.68 -51.05 -31.70
N VAL A 476 8.39 -50.71 -32.94
CA VAL A 476 7.14 -50.06 -33.31
C VAL A 476 6.07 -51.12 -33.50
N ARG A 477 4.94 -50.95 -32.82
CA ARG A 477 3.82 -51.89 -32.89
C ARG A 477 2.68 -51.22 -33.65
N LEU A 478 2.23 -51.88 -34.72
CA LEU A 478 1.16 -51.36 -35.57
C LEU A 478 -0.11 -52.17 -35.34
N VAL A 479 -1.20 -51.47 -35.06
CA VAL A 479 -2.50 -52.08 -34.82
C VAL A 479 -3.51 -51.49 -35.78
N SER A 480 -4.27 -52.35 -36.44
CA SER A 480 -5.27 -51.88 -37.40
C SER A 480 -6.41 -51.16 -36.69
N GLN A 481 -7.20 -50.43 -37.48
CA GLN A 481 -8.27 -49.62 -36.91
C GLN A 481 -9.41 -50.49 -36.39
N GLU A 482 -10.06 -51.24 -37.27
CA GLU A 482 -11.21 -52.05 -36.89
C GLU A 482 -10.79 -53.36 -36.22
N PRO A 483 -9.85 -54.14 -36.79
CA PRO A 483 -9.41 -55.36 -36.09
C PRO A 483 -8.79 -55.08 -34.72
N LYS A 484 -8.10 -53.95 -34.56
CA LYS A 484 -7.45 -53.58 -33.30
C LYS A 484 -6.48 -54.66 -32.83
N ALA A 485 -5.72 -55.22 -33.77
CA ALA A 485 -4.76 -56.27 -33.46
C ALA A 485 -3.45 -55.97 -34.18
N LEU A 486 -2.36 -56.50 -33.62
CA LEU A 486 -1.05 -56.31 -34.23
C LEU A 486 -1.01 -56.95 -35.62
N VAL A 487 -0.47 -56.21 -36.59
CA VAL A 487 -0.42 -56.69 -37.97
C VAL A 487 1.02 -56.68 -38.47
N SER A 488 1.86 -55.84 -37.89
CA SER A 488 3.25 -55.75 -38.30
C SER A 488 4.06 -55.11 -37.19
N GLU A 489 5.37 -55.35 -37.24
CA GLU A 489 6.30 -54.77 -36.27
C GLU A 489 7.68 -54.68 -36.93
N TRP A 490 8.03 -53.49 -37.39
CA TRP A 490 9.32 -53.25 -38.04
C TRP A 490 10.25 -52.64 -36.99
N LYS A 491 11.02 -53.50 -36.33
CA LYS A 491 11.94 -53.06 -35.30
C LYS A 491 13.10 -52.27 -35.90
N GLU A 492 13.92 -51.70 -35.02
CA GLU A 492 15.07 -50.92 -35.46
C GLU A 492 16.08 -51.84 -36.16
N PRO A 493 16.78 -51.33 -37.17
CA PRO A 493 17.79 -52.16 -37.85
C PRO A 493 18.87 -52.67 -36.91
N GLN A 494 19.26 -51.88 -35.92
CA GLN A 494 20.23 -52.29 -34.91
C GLN A 494 19.57 -52.76 -33.62
N ALA A 495 18.24 -52.83 -33.60
CA ALA A 495 17.48 -53.23 -32.42
C ALA A 495 17.83 -52.37 -31.21
N LYS A 496 18.01 -51.07 -31.45
CA LYS A 496 18.35 -50.11 -30.42
C LYS A 496 17.09 -49.38 -29.93
N ASN A 497 17.25 -48.63 -28.84
CA ASN A 497 16.16 -47.86 -28.26
C ASN A 497 16.14 -46.48 -28.91
N ILE A 498 15.07 -46.20 -29.66
CA ILE A 498 14.96 -44.93 -30.36
C ILE A 498 14.68 -43.83 -29.33
N SER A 499 15.62 -42.91 -29.17
CA SER A 499 15.43 -41.82 -28.22
C SER A 499 14.28 -40.91 -28.65
N VAL A 500 14.21 -40.57 -29.93
CA VAL A 500 13.17 -39.69 -30.46
C VAL A 500 12.50 -40.40 -31.64
N ALA A 501 11.17 -40.49 -31.60
CA ALA A 501 10.39 -41.10 -32.66
C ALA A 501 9.34 -40.11 -33.15
N SER A 502 9.19 -40.02 -34.47
CA SER A 502 8.24 -39.10 -35.10
C SER A 502 7.19 -39.89 -35.86
N CYS A 503 5.92 -39.58 -35.62
CA CYS A 503 4.81 -40.20 -36.30
C CYS A 503 4.09 -39.17 -37.16
N ASN A 504 3.91 -39.50 -38.43
CA ASN A 504 3.24 -38.62 -39.38
C ASN A 504 1.98 -39.31 -39.92
N SER A 505 1.35 -38.67 -40.90
CA SER A 505 0.13 -39.24 -41.48
C SER A 505 0.41 -40.57 -42.16
N SER A 506 1.51 -40.67 -42.92
CA SER A 506 1.83 -41.89 -43.63
C SER A 506 3.31 -42.27 -43.54
N GLN A 507 4.09 -41.59 -42.70
CA GLN A 507 5.52 -41.87 -42.57
C GLN A 507 5.88 -41.99 -41.09
N VAL A 508 6.69 -42.99 -40.78
CA VAL A 508 7.19 -43.23 -39.42
C VAL A 508 8.69 -43.13 -39.43
N VAL A 509 9.24 -42.27 -38.58
CA VAL A 509 10.68 -42.01 -38.51
C VAL A 509 11.17 -42.45 -37.13
N VAL A 510 12.22 -43.27 -37.13
CA VAL A 510 12.84 -43.75 -35.90
C VAL A 510 14.32 -43.39 -35.95
N ALA A 511 14.81 -42.77 -34.87
CA ALA A 511 16.20 -42.33 -34.77
C ALA A 511 16.93 -43.24 -33.80
N VAL A 512 17.85 -44.05 -34.31
CA VAL A 512 18.68 -44.93 -33.51
C VAL A 512 20.10 -44.42 -33.58
N GLY A 513 20.62 -43.96 -32.44
CA GLY A 513 21.95 -43.37 -32.42
C GLY A 513 22.02 -42.15 -33.32
N ARG A 514 23.04 -42.10 -34.17
CA ARG A 514 23.20 -41.03 -35.13
C ARG A 514 22.52 -41.32 -36.46
N ALA A 515 21.89 -42.49 -36.60
CA ALA A 515 21.23 -42.87 -37.83
C ALA A 515 19.71 -42.77 -37.69
N LEU A 516 19.04 -42.66 -38.83
CA LEU A 516 17.58 -42.55 -38.87
C LEU A 516 17.03 -43.49 -39.92
N TYR A 517 15.79 -43.92 -39.71
CA TYR A 517 15.10 -44.82 -40.65
C TYR A 517 13.67 -44.35 -40.81
N TYR A 518 13.27 -44.10 -42.05
CA TYR A 518 11.91 -43.68 -42.37
C TYR A 518 11.20 -44.79 -43.13
N LEU A 519 10.00 -45.15 -42.69
CA LEU A 519 9.22 -46.22 -43.29
C LEU A 519 7.84 -45.70 -43.69
N GLN A 520 7.44 -45.98 -44.92
CA GLN A 520 6.11 -45.59 -45.37
C GLN A 520 5.04 -46.48 -44.73
N ILE A 521 3.87 -45.88 -44.50
CA ILE A 521 2.77 -46.59 -43.86
C ILE A 521 2.06 -47.44 -44.91
N HIS A 522 2.00 -48.75 -44.68
CA HIS A 522 1.28 -49.68 -45.54
C HIS A 522 0.07 -50.24 -44.80
N PRO A 523 -1.01 -50.57 -45.52
CA PRO A 523 -2.20 -51.11 -44.84
C PRO A 523 -1.90 -52.37 -44.06
N GLN A 524 -1.99 -52.29 -42.73
CA GLN A 524 -1.75 -53.41 -41.83
C GLN A 524 -0.39 -54.07 -42.11
N GLU A 525 0.60 -53.24 -42.44
CA GLU A 525 1.92 -53.74 -42.79
C GLU A 525 2.93 -52.62 -42.62
N LEU A 526 4.21 -53.00 -42.60
CA LEU A 526 5.31 -52.07 -42.44
C LEU A 526 6.28 -52.24 -43.61
N ARG A 527 6.68 -51.13 -44.23
CA ARG A 527 7.62 -51.14 -45.33
C ARG A 527 8.56 -49.96 -45.20
N GLN A 528 9.87 -50.24 -45.18
CA GLN A 528 10.86 -49.18 -45.09
C GLN A 528 10.87 -48.34 -46.36
N ILE A 529 11.14 -47.04 -46.20
CA ILE A 529 11.13 -46.11 -47.32
C ILE A 529 12.53 -45.54 -47.55
N SER A 530 13.31 -45.43 -46.47
CA SER A 530 14.66 -44.86 -46.57
C SER A 530 15.41 -45.13 -45.28
N HIS A 531 16.73 -45.20 -45.39
CA HIS A 531 17.61 -45.33 -44.25
C HIS A 531 18.85 -44.49 -44.47
N THR A 532 19.28 -43.76 -43.44
CA THR A 532 20.43 -42.88 -43.55
C THR A 532 21.09 -42.74 -42.19
N GLU A 533 22.29 -42.17 -42.19
CA GLU A 533 23.06 -41.95 -40.97
C GLU A 533 23.51 -40.50 -40.95
N MET A 534 23.06 -39.75 -39.95
CA MET A 534 23.44 -38.34 -39.84
C MET A 534 24.88 -38.19 -39.36
N GLU A 535 25.44 -37.00 -39.58
CA GLU A 535 26.81 -36.74 -39.17
C GLU A 535 26.97 -36.79 -37.67
N HIS A 536 26.00 -36.25 -36.93
CA HIS A 536 26.07 -36.23 -35.47
C HIS A 536 24.81 -36.83 -34.86
N GLU A 537 24.68 -36.73 -33.54
CA GLU A 537 23.51 -37.26 -32.86
C GLU A 537 22.28 -36.46 -33.22
N VAL A 538 21.16 -37.16 -33.40
CA VAL A 538 19.90 -36.54 -33.79
C VAL A 538 19.23 -35.98 -32.54
N ALA A 539 19.28 -34.66 -32.36
CA ALA A 539 18.64 -34.04 -31.21
C ALA A 539 17.12 -34.20 -31.28
N CYS A 540 16.53 -33.88 -32.44
CA CYS A 540 15.09 -34.01 -32.63
C CYS A 540 14.79 -34.00 -34.12
N LEU A 541 13.70 -34.66 -34.49
CA LEU A 541 13.25 -34.70 -35.88
C LEU A 541 11.73 -34.77 -35.89
N ASP A 542 11.15 -34.28 -36.99
CA ASP A 542 9.69 -34.27 -37.11
C ASP A 542 9.33 -34.26 -38.59
N ILE A 543 8.14 -34.77 -38.88
CA ILE A 543 7.58 -34.78 -40.23
C ILE A 543 6.21 -34.14 -40.17
N THR A 544 5.95 -33.19 -41.08
CA THR A 544 4.69 -32.45 -41.13
C THR A 544 4.09 -32.60 -42.52
N PRO A 545 3.30 -33.67 -42.76
CA PRO A 545 2.60 -33.90 -44.03
C PRO A 545 1.80 -32.69 -44.49
N GLY A 551 0.02 -36.30 -46.46
CA GLY A 551 0.51 -37.59 -46.91
C GLY A 551 2.03 -37.69 -46.87
N LEU A 552 2.69 -37.02 -47.81
CA LEU A 552 4.14 -37.02 -47.91
C LEU A 552 4.68 -35.66 -47.50
N SER A 553 5.67 -35.65 -46.61
CA SER A 553 6.25 -34.40 -46.14
C SER A 553 7.17 -33.83 -47.20
N PRO A 554 6.96 -32.59 -47.65
CA PRO A 554 7.87 -32.00 -48.64
C PRO A 554 9.30 -31.89 -48.14
N LEU A 555 9.50 -31.66 -46.84
CA LEU A 555 10.84 -31.54 -46.28
C LEU A 555 10.83 -32.06 -44.84
N CYS A 556 12.01 -32.43 -44.37
CA CYS A 556 12.18 -32.92 -43.01
C CYS A 556 13.35 -32.21 -42.35
N ALA A 557 13.32 -32.15 -41.02
CA ALA A 557 14.33 -31.44 -40.25
C ALA A 557 15.16 -32.42 -39.43
N ILE A 558 16.45 -32.13 -39.31
CA ILE A 558 17.39 -32.93 -38.52
C ILE A 558 18.14 -31.99 -37.58
N GLY A 559 18.24 -32.38 -36.32
CA GLY A 559 18.89 -31.57 -35.30
C GLY A 559 20.17 -32.24 -34.80
N LEU A 560 21.10 -31.43 -34.34
CA LEU A 560 22.37 -31.91 -33.81
C LEU A 560 22.36 -31.77 -32.29
N TRP A 561 22.56 -32.89 -31.60
CA TRP A 561 22.56 -32.87 -30.14
C TRP A 561 23.84 -32.24 -29.59
N THR A 562 24.98 -32.58 -30.17
CA THR A 562 26.26 -32.08 -29.69
C THR A 562 26.71 -30.80 -30.39
N ASP A 563 26.00 -30.36 -31.42
CA ASP A 563 26.37 -29.15 -32.15
C ASP A 563 25.29 -28.09 -32.23
N ILE A 564 24.02 -28.44 -31.96
CA ILE A 564 22.90 -27.51 -32.00
C ILE A 564 22.81 -26.89 -33.39
N SER A 565 22.91 -27.72 -34.42
CA SER A 565 22.82 -27.28 -35.80
C SER A 565 21.64 -27.97 -36.47
N ALA A 566 20.82 -27.20 -37.17
CA ALA A 566 19.62 -27.71 -37.82
C ALA A 566 19.86 -27.85 -39.32
N ARG A 567 19.48 -28.99 -39.87
CA ARG A 567 19.61 -29.26 -41.30
C ARG A 567 18.26 -29.70 -41.86
N ILE A 568 18.07 -29.45 -43.15
CA ILE A 568 16.83 -29.77 -43.85
C ILE A 568 17.15 -30.83 -44.89
N LEU A 569 16.45 -31.96 -44.82
CA LEU A 569 16.63 -33.06 -45.76
C LEU A 569 15.28 -33.60 -46.19
N LYS A 570 15.24 -34.18 -47.38
CA LYS A 570 14.01 -34.77 -47.89
C LYS A 570 13.56 -35.90 -46.98
N LEU A 571 12.24 -35.99 -46.76
CA LEU A 571 11.69 -37.02 -45.89
C LEU A 571 11.97 -38.44 -46.40
N PRO A 572 11.71 -38.78 -47.68
CA PRO A 572 11.99 -40.15 -48.12
C PRO A 572 13.41 -40.35 -48.62
N SER A 573 14.30 -39.41 -48.30
CA SER A 573 15.68 -39.45 -48.78
C SER A 573 16.57 -38.83 -47.71
N PHE A 574 17.80 -38.48 -48.10
CA PHE A 574 18.75 -37.85 -47.19
C PHE A 574 19.48 -36.69 -47.86
N GLU A 575 18.87 -36.09 -48.88
CA GLU A 575 19.50 -34.99 -49.60
C GLU A 575 19.35 -33.70 -48.81
N LEU A 576 20.48 -33.14 -48.39
CA LEU A 576 20.44 -31.91 -47.60
C LEU A 576 19.95 -30.74 -48.44
N LEU A 577 19.17 -29.87 -47.80
CA LEU A 577 18.61 -28.70 -48.47
C LEU A 577 19.14 -27.39 -47.91
N HIS A 578 19.09 -27.20 -46.59
CA HIS A 578 19.55 -25.97 -45.97
C HIS A 578 20.05 -26.28 -44.57
N LYS A 579 20.84 -25.36 -44.03
CA LYS A 579 21.40 -25.49 -42.70
C LYS A 579 21.31 -24.15 -41.97
N GLU A 580 21.22 -24.22 -40.65
CA GLU A 580 21.13 -23.03 -39.82
C GLU A 580 21.59 -23.36 -38.41
N MET A 581 21.90 -22.31 -37.66
CA MET A 581 22.34 -22.44 -36.27
C MET A 581 21.51 -21.49 -35.41
N LEU A 582 20.78 -22.05 -34.46
CA LEU A 582 19.91 -21.27 -33.58
C LEU A 582 20.63 -20.92 -32.27
N GLY A 583 21.76 -20.22 -32.42
CA GLY A 583 22.56 -19.77 -31.29
C GLY A 583 23.62 -20.76 -30.83
N GLY A 584 23.29 -22.05 -30.80
CA GLY A 584 24.26 -23.05 -30.40
C GLY A 584 24.53 -23.12 -28.91
N GLU A 585 23.68 -22.50 -28.09
CA GLU A 585 23.90 -22.51 -26.64
C GLU A 585 23.68 -23.91 -26.07
N ILE A 586 22.56 -24.54 -26.43
CA ILE A 586 22.20 -25.86 -25.93
C ILE A 586 21.49 -26.63 -27.05
N ILE A 587 21.34 -27.93 -26.85
CA ILE A 587 20.68 -28.77 -27.86
C ILE A 587 19.19 -28.44 -27.87
N PRO A 588 18.56 -28.40 -29.05
CA PRO A 588 17.12 -28.14 -29.09
C PRO A 588 16.32 -29.26 -28.45
N ARG A 589 15.17 -28.89 -27.87
CA ARG A 589 14.28 -29.86 -27.24
C ARG A 589 13.24 -30.41 -28.21
N SER A 590 12.65 -29.54 -29.03
CA SER A 590 11.65 -29.97 -29.99
C SER A 590 11.56 -28.92 -31.10
N ILE A 591 10.93 -29.31 -32.21
CA ILE A 591 10.73 -28.44 -33.35
C ILE A 591 9.35 -28.70 -33.94
N LEU A 592 8.85 -27.72 -34.69
CA LEU A 592 7.52 -27.83 -35.29
C LEU A 592 7.41 -26.80 -36.41
N MET A 593 6.34 -26.93 -37.19
CA MET A 593 6.05 -26.00 -38.28
C MET A 593 4.57 -26.09 -38.61
N THR A 594 3.94 -24.94 -38.78
CA THR A 594 2.51 -24.89 -39.06
C THR A 594 2.18 -23.54 -39.68
N THR A 595 0.88 -23.25 -39.82
CA THR A 595 0.39 -22.03 -40.43
C THR A 595 -0.16 -21.06 -39.37
N PHE A 596 0.52 -20.97 -38.23
CA PHE A 596 0.03 -20.14 -37.13
C PHE A 596 -0.05 -18.67 -37.54
N GLU A 597 0.95 -18.18 -38.26
CA GLU A 597 1.01 -16.77 -38.67
C GLU A 597 0.54 -16.59 -40.12
N SER A 598 -0.45 -17.35 -40.54
CA SER A 598 -0.99 -17.33 -41.91
C SER A 598 0.07 -17.71 -42.94
N SER A 599 1.12 -18.39 -42.50
CA SER A 599 2.18 -18.86 -43.41
C SER A 599 2.88 -20.02 -42.73
N HIS A 600 3.62 -20.79 -43.53
CA HIS A 600 4.28 -21.98 -43.03
C HIS A 600 5.50 -21.63 -42.18
N TYR A 601 5.26 -20.98 -41.04
CA TYR A 601 6.34 -20.64 -40.13
C TYR A 601 6.74 -21.83 -39.28
N LEU A 602 8.04 -21.96 -39.04
CA LEU A 602 8.59 -23.05 -38.25
C LEU A 602 9.25 -22.49 -36.99
N LEU A 603 9.25 -23.30 -35.93
CA LEU A 603 9.81 -22.90 -34.66
C LEU A 603 10.63 -24.05 -34.09
N CYS A 604 11.63 -23.69 -33.28
CA CYS A 604 12.50 -24.67 -32.63
C CYS A 604 12.73 -24.22 -31.19
N ALA A 605 12.38 -25.08 -30.24
CA ALA A 605 12.52 -24.80 -28.82
C ALA A 605 13.66 -25.62 -28.23
N LEU A 606 14.48 -24.98 -27.41
CA LEU A 606 15.62 -25.60 -26.78
C LEU A 606 15.44 -25.61 -25.26
N GLY A 607 16.48 -26.07 -24.56
CA GLY A 607 16.47 -26.18 -23.08
C GLY A 607 17.09 -24.98 -22.41
N ASP A 608 17.15 -23.86 -23.13
CA ASP A 608 17.47 -22.56 -22.53
C ASP A 608 16.25 -21.68 -22.32
N GLY A 609 15.07 -22.13 -22.74
CA GLY A 609 13.88 -21.27 -22.58
C GLY A 609 13.85 -20.13 -23.59
N ALA A 610 14.48 -20.33 -24.76
CA ALA A 610 14.28 -19.49 -25.93
C ALA A 610 13.84 -20.35 -27.11
N LEU A 611 13.09 -19.71 -28.02
CA LEU A 611 12.58 -20.38 -29.21
C LEU A 611 13.02 -19.60 -30.44
N PHE A 612 13.54 -20.33 -31.43
CA PHE A 612 13.99 -19.72 -32.68
C PHE A 612 12.96 -19.99 -33.76
N TYR A 613 12.51 -18.93 -34.42
CA TYR A 613 11.49 -19.03 -35.47
C TYR A 613 12.13 -18.91 -36.84
N PHE A 614 11.41 -19.41 -37.84
CA PHE A 614 11.88 -19.37 -39.22
C PHE A 614 10.68 -19.32 -40.15
N GLY A 615 10.91 -18.82 -41.36
CA GLY A 615 9.87 -18.75 -42.36
C GLY A 615 10.10 -19.73 -43.50
N LEU A 616 9.29 -20.78 -43.56
CA LEU A 616 9.44 -21.81 -44.57
C LEU A 616 8.39 -21.62 -45.67
N ASN A 617 8.82 -21.83 -46.92
CA ASN A 617 7.92 -21.70 -48.06
C ASN A 617 7.09 -22.98 -48.20
N ILE A 618 6.36 -23.10 -49.30
CA ILE A 618 5.50 -24.25 -49.51
C ILE A 618 6.29 -25.44 -50.01
N GLU A 619 6.92 -25.30 -51.18
CA GLU A 619 7.64 -26.41 -51.79
C GLU A 619 9.04 -26.56 -51.20
N THR A 620 9.89 -25.55 -51.36
CA THR A 620 11.26 -25.62 -50.87
C THR A 620 11.73 -24.19 -50.60
N GLY A 621 11.70 -23.79 -49.33
CA GLY A 621 12.17 -22.49 -48.94
C GLY A 621 12.54 -22.42 -47.47
N LEU A 622 13.73 -21.91 -47.16
CA LEU A 622 14.23 -21.83 -45.79
C LEU A 622 14.77 -20.43 -45.55
N LEU A 623 14.07 -19.64 -44.74
CA LEU A 623 14.53 -18.33 -44.32
C LEU A 623 15.16 -18.43 -42.93
N SER A 624 15.71 -17.31 -42.45
CA SER A 624 16.35 -17.29 -41.15
C SER A 624 15.39 -16.87 -40.04
N ASP A 625 14.87 -15.65 -40.12
CA ASP A 625 13.94 -15.10 -39.13
C ASP A 625 14.50 -15.25 -37.72
N ARG A 626 15.79 -14.96 -37.57
CA ARG A 626 16.49 -15.17 -36.31
C ARG A 626 15.92 -14.26 -35.23
N LYS A 627 15.28 -14.86 -34.23
CA LYS A 627 14.71 -14.10 -33.12
C LYS A 627 14.53 -15.05 -31.94
N LYS A 628 15.22 -14.77 -30.83
CA LYS A 628 15.14 -15.57 -29.63
C LYS A 628 14.46 -14.77 -28.53
N VAL A 629 13.41 -15.35 -27.96
CA VAL A 629 12.62 -14.71 -26.90
C VAL A 629 12.73 -15.56 -25.64
N THR A 630 13.07 -14.91 -24.53
CA THR A 630 13.24 -15.59 -23.24
C THR A 630 11.85 -15.94 -22.69
N LEU A 631 11.26 -17.00 -23.25
CA LEU A 631 9.92 -17.40 -22.83
C LEU A 631 9.90 -17.86 -21.38
N GLY A 632 10.88 -18.67 -21.00
CA GLY A 632 10.75 -19.45 -19.76
C GLY A 632 12.06 -19.68 -19.05
N THR A 633 12.06 -20.50 -18.00
CA THR A 633 13.29 -20.76 -17.21
C THR A 633 13.53 -22.26 -17.10
N GLN A 634 12.60 -23.08 -17.60
CA GLN A 634 12.79 -24.56 -17.60
C GLN A 634 12.76 -25.06 -19.04
N PRO A 635 13.10 -26.34 -19.32
CA PRO A 635 13.00 -26.87 -20.68
C PRO A 635 11.54 -26.79 -21.14
N THR A 636 11.31 -26.69 -22.44
CA THR A 636 9.94 -26.51 -22.95
C THR A 636 9.35 -27.80 -23.51
N VAL A 637 8.35 -27.64 -24.39
CA VAL A 637 7.73 -28.68 -25.21
C VAL A 637 6.79 -28.00 -26.19
N LEU A 638 6.94 -28.31 -27.47
CA LEU A 638 6.14 -27.69 -28.52
C LEU A 638 4.98 -28.60 -28.91
N ARG A 639 3.83 -27.99 -29.19
CA ARG A 639 2.66 -28.72 -29.63
C ARG A 639 1.75 -27.79 -30.42
N THR A 640 0.84 -28.39 -31.19
CA THR A 640 -0.13 -27.66 -31.98
C THR A 640 -1.54 -28.08 -31.56
N PHE A 641 -2.38 -27.11 -31.25
CA PHE A 641 -3.73 -27.36 -30.78
C PHE A 641 -4.73 -26.83 -31.81
N ARG A 642 -5.63 -27.70 -32.27
CA ARG A 642 -6.59 -27.32 -33.29
C ARG A 642 -7.59 -26.28 -32.79
N SER A 643 -7.86 -26.27 -31.48
CA SER A 643 -8.81 -25.31 -30.92
C SER A 643 -8.19 -23.92 -30.86
N LEU A 644 -8.00 -23.31 -32.03
CA LEU A 644 -7.36 -22.01 -32.14
C LEU A 644 -7.94 -21.29 -33.35
N SER A 645 -7.28 -20.22 -33.79
CA SER A 645 -7.72 -19.52 -34.99
C SER A 645 -7.66 -20.45 -36.19
N THR A 646 -6.46 -20.85 -36.59
CA THR A 646 -6.30 -21.96 -37.53
C THR A 646 -5.53 -23.12 -36.91
N THR A 647 -4.29 -22.90 -36.50
CA THR A 647 -3.53 -23.92 -35.78
C THR A 647 -2.84 -23.38 -34.53
N ASN A 648 -2.29 -22.17 -34.58
CA ASN A 648 -1.49 -21.59 -33.51
C ASN A 648 -0.39 -22.54 -33.04
N VAL A 649 0.13 -22.33 -31.84
CA VAL A 649 1.18 -23.16 -31.28
C VAL A 649 1.22 -22.97 -29.78
N PHE A 650 1.43 -24.06 -29.05
CA PHE A 650 1.51 -24.06 -27.60
C PHE A 650 2.91 -24.46 -27.18
N ALA A 651 3.53 -23.64 -26.33
CA ALA A 651 4.88 -23.90 -25.81
C ALA A 651 4.80 -24.01 -24.30
N CYS A 652 4.80 -25.25 -23.80
CA CYS A 652 4.78 -25.48 -22.36
C CYS A 652 6.17 -25.27 -21.78
N SER A 653 6.21 -24.46 -20.72
CA SER A 653 7.49 -24.06 -20.07
C SER A 653 7.25 -23.85 -18.58
N ASP A 654 8.06 -23.01 -17.95
CA ASP A 654 7.87 -22.70 -16.51
C ASP A 654 6.95 -21.46 -16.43
N ARG A 655 6.76 -20.80 -17.57
CA ARG A 655 5.61 -19.93 -17.82
C ARG A 655 5.03 -20.29 -19.18
N PRO A 656 3.91 -20.99 -19.25
CA PRO A 656 3.38 -21.42 -20.55
C PRO A 656 3.02 -20.22 -21.42
N THR A 657 3.25 -20.39 -22.72
CA THR A 657 3.01 -19.33 -23.68
C THR A 657 2.27 -19.89 -24.90
N VAL A 658 1.45 -19.05 -25.51
CA VAL A 658 0.69 -19.40 -26.70
C VAL A 658 1.09 -18.44 -27.81
N ILE A 659 1.46 -18.99 -28.97
CA ILE A 659 1.91 -18.21 -30.11
C ILE A 659 0.68 -17.76 -30.87
N TYR A 660 0.24 -16.52 -30.63
CA TYR A 660 -0.92 -15.94 -31.30
C TYR A 660 -0.45 -14.90 -32.30
N SER A 661 -0.91 -15.04 -33.55
CA SER A 661 -0.53 -14.12 -34.62
C SER A 661 -1.76 -13.78 -35.44
N SER A 662 -1.92 -12.50 -35.77
CA SER A 662 -3.07 -12.09 -36.56
C SER A 662 -2.82 -12.31 -38.04
N ASN A 663 -1.88 -11.56 -38.63
CA ASN A 663 -1.51 -11.80 -40.02
C ASN A 663 -0.01 -11.94 -40.23
N HIS A 664 0.80 -11.14 -39.54
CA HIS A 664 2.25 -11.20 -39.71
C HIS A 664 3.05 -11.03 -38.43
N LYS A 665 2.40 -10.78 -37.29
CA LYS A 665 3.10 -10.53 -36.04
C LYS A 665 2.71 -11.60 -35.02
N LEU A 666 3.70 -12.34 -34.54
CA LEU A 666 3.48 -13.40 -33.56
C LEU A 666 3.83 -12.89 -32.17
N VAL A 667 2.93 -13.14 -31.21
CA VAL A 667 3.11 -12.70 -29.84
C VAL A 667 2.95 -13.91 -28.93
N PHE A 668 3.87 -14.05 -27.97
CA PHE A 668 3.84 -15.16 -27.01
C PHE A 668 2.99 -14.72 -25.81
N SER A 669 1.68 -14.80 -25.98
CA SER A 669 0.76 -14.44 -24.93
C SER A 669 0.85 -15.44 -23.78
N ASN A 670 0.79 -14.93 -22.55
CA ASN A 670 0.91 -15.79 -21.38
C ASN A 670 -0.33 -16.63 -21.17
N VAL A 671 -0.15 -17.74 -20.45
CA VAL A 671 -1.24 -18.64 -20.08
C VAL A 671 -1.33 -18.66 -18.57
N ASN A 672 -2.55 -18.47 -18.04
CA ASN A 672 -2.75 -18.36 -16.61
C ASN A 672 -2.61 -19.72 -15.91
N LEU A 673 -1.37 -20.22 -15.82
CA LEU A 673 -1.09 -21.45 -15.12
C LEU A 673 0.31 -21.36 -14.52
N LYS A 674 0.47 -21.93 -13.32
CA LYS A 674 1.77 -21.87 -12.66
C LYS A 674 2.84 -22.60 -13.44
N GLU A 675 2.52 -23.78 -13.96
CA GLU A 675 3.47 -24.57 -14.73
C GLU A 675 2.72 -25.61 -15.54
N VAL A 676 3.13 -25.76 -16.80
CA VAL A 676 2.55 -26.76 -17.70
C VAL A 676 3.68 -27.62 -18.24
N ASN A 677 3.55 -28.94 -18.11
CA ASN A 677 4.57 -29.87 -18.59
C ASN A 677 4.35 -30.25 -20.04
N TYR A 678 3.16 -30.76 -20.37
CA TYR A 678 2.85 -31.15 -21.73
C TYR A 678 1.37 -30.93 -21.99
N MET A 679 1.02 -30.84 -23.28
CA MET A 679 -0.36 -30.64 -23.68
C MET A 679 -0.55 -31.19 -25.08
N CYS A 680 -1.77 -31.65 -25.36
CA CYS A 680 -2.11 -32.20 -26.67
C CYS A 680 -3.59 -32.03 -26.91
N PRO A 681 -3.99 -31.66 -28.13
CA PRO A 681 -5.43 -31.53 -28.43
C PRO A 681 -6.12 -32.88 -28.39
N LEU A 682 -7.41 -32.85 -28.05
CA LEU A 682 -8.20 -34.06 -27.95
C LEU A 682 -9.67 -33.70 -28.14
N ASN A 683 -10.34 -34.38 -29.06
CA ASN A 683 -11.75 -34.17 -29.34
C ASN A 683 -12.56 -35.24 -28.61
N SER A 684 -12.69 -35.06 -27.30
CA SER A 684 -13.47 -35.98 -26.49
C SER A 684 -14.95 -35.83 -26.80
N ASP A 685 -15.71 -36.90 -26.54
CA ASP A 685 -17.15 -36.84 -26.78
C ASP A 685 -17.82 -35.81 -25.89
N GLY A 686 -17.43 -35.75 -24.61
CA GLY A 686 -17.99 -34.75 -23.73
C GLY A 686 -17.56 -33.34 -24.07
N TYR A 687 -16.29 -33.16 -24.43
CA TYR A 687 -15.72 -31.84 -24.73
C TYR A 687 -14.99 -31.91 -26.06
N PRO A 688 -15.71 -31.84 -27.18
CA PRO A 688 -15.06 -31.88 -28.49
C PRO A 688 -14.15 -30.67 -28.70
N ASP A 689 -13.07 -30.89 -29.45
CA ASP A 689 -12.09 -29.85 -29.78
C ASP A 689 -11.55 -29.18 -28.52
N SER A 690 -11.22 -30.00 -27.51
CA SER A 690 -10.64 -29.51 -26.28
C SER A 690 -9.14 -29.77 -26.27
N LEU A 691 -8.48 -29.31 -25.20
CA LEU A 691 -7.05 -29.51 -25.03
C LEU A 691 -6.79 -30.13 -23.67
N ALA A 692 -5.99 -31.20 -23.67
CA ALA A 692 -5.61 -31.89 -22.44
C ALA A 692 -4.17 -31.53 -22.11
N LEU A 693 -3.96 -30.86 -20.99
CA LEU A 693 -2.65 -30.38 -20.59
C LEU A 693 -2.27 -31.02 -19.26
N ALA A 694 -1.10 -31.65 -19.22
CA ALA A 694 -0.57 -32.26 -18.02
C ALA A 694 0.48 -31.33 -17.40
N ASN A 695 0.32 -31.05 -16.11
CA ASN A 695 1.24 -30.17 -15.40
C ASN A 695 2.28 -31.01 -14.67
N ASN A 696 3.11 -30.35 -13.86
CA ASN A 696 4.15 -31.04 -13.12
C ASN A 696 3.60 -31.93 -12.01
N SER A 697 2.37 -31.68 -11.56
CA SER A 697 1.75 -32.46 -10.50
C SER A 697 0.49 -33.17 -10.96
N THR A 698 -0.42 -32.47 -11.64
CA THR A 698 -1.67 -33.06 -12.10
C THR A 698 -1.90 -32.75 -13.58
N LEU A 699 -3.08 -33.12 -14.09
CA LEU A 699 -3.44 -32.85 -15.46
C LEU A 699 -4.87 -32.31 -15.51
N THR A 700 -5.15 -31.52 -16.55
CA THR A 700 -6.47 -30.94 -16.72
C THR A 700 -6.84 -30.99 -18.20
N ILE A 701 -8.15 -30.93 -18.46
CA ILE A 701 -8.69 -30.93 -19.81
C ILE A 701 -9.73 -29.80 -19.90
N GLY A 702 -9.60 -28.97 -20.92
CA GLY A 702 -10.51 -27.85 -21.08
C GLY A 702 -10.25 -27.02 -22.33
N THR A 703 -10.38 -25.70 -22.19
CA THR A 703 -10.21 -24.78 -23.31
C THR A 703 -9.64 -23.47 -22.76
N ILE A 704 -9.73 -22.42 -23.56
CA ILE A 704 -9.20 -21.11 -23.18
C ILE A 704 -10.35 -20.12 -23.05
N ASP A 705 -10.04 -18.89 -22.67
CA ASP A 705 -11.06 -17.87 -22.43
C ASP A 705 -10.47 -16.51 -22.81
N GLU A 706 -11.11 -15.44 -22.36
CA GLU A 706 -10.68 -14.09 -22.68
C GLU A 706 -9.38 -13.74 -21.95
N ILE A 707 -8.86 -12.55 -22.22
CA ILE A 707 -7.60 -12.10 -21.66
C ILE A 707 -7.85 -11.47 -20.30
N GLN A 708 -9.10 -11.51 -19.85
CA GLN A 708 -9.50 -10.88 -18.58
C GLN A 708 -8.98 -11.71 -17.42
N LYS A 709 -7.68 -11.58 -17.15
CA LYS A 709 -7.05 -12.30 -16.06
C LYS A 709 -5.70 -11.65 -15.75
N LEU A 710 -5.46 -11.35 -14.48
CA LEU A 710 -4.19 -10.78 -14.03
C LEU A 710 -3.40 -11.88 -13.32
N HIS A 711 -2.60 -12.61 -14.10
CA HIS A 711 -1.71 -13.61 -13.51
C HIS A 711 -0.65 -12.92 -12.68
N ILE A 712 -0.44 -13.42 -11.46
CA ILE A 712 0.47 -12.80 -10.50
C ILE A 712 1.50 -13.84 -10.06
N ARG A 713 2.77 -13.54 -10.29
CA ARG A 713 3.88 -14.39 -9.86
C ARG A 713 4.59 -13.71 -8.70
N THR A 714 4.81 -14.46 -7.62
CA THR A 714 5.41 -13.90 -6.41
C THR A 714 6.87 -14.34 -6.29
N VAL A 715 7.71 -13.41 -5.85
CA VAL A 715 9.13 -13.68 -5.61
C VAL A 715 9.45 -13.20 -4.20
N PRO A 716 9.51 -14.08 -3.21
CA PRO A 716 9.72 -13.64 -1.83
C PRO A 716 11.11 -13.08 -1.61
N LEU A 717 11.20 -12.10 -0.70
CA LEU A 717 12.46 -11.53 -0.27
C LEU A 717 12.74 -11.69 1.22
N TYR A 718 11.73 -12.00 2.02
CA TYR A 718 11.84 -12.13 3.47
C TYR A 718 12.32 -10.85 4.14
N GLU A 719 12.10 -9.70 3.49
CA GLU A 719 12.38 -8.40 4.09
C GLU A 719 11.52 -7.38 3.36
N SER A 720 11.43 -6.19 3.94
CA SER A 720 10.54 -5.16 3.42
C SER A 720 11.16 -4.48 2.21
N PRO A 721 10.53 -4.54 1.03
CA PRO A 721 11.01 -3.78 -0.12
C PRO A 721 10.33 -2.42 -0.19
N ARG A 722 11.11 -1.40 -0.59
CA ARG A 722 10.64 -0.02 -0.53
C ARG A 722 10.49 0.61 -1.90
N LYS A 723 11.55 0.62 -2.72
CA LYS A 723 11.53 1.26 -4.03
C LYS A 723 12.11 0.33 -5.07
N ILE A 724 11.77 0.58 -6.33
CA ILE A 724 12.21 -0.28 -7.43
C ILE A 724 12.26 0.55 -8.70
N CYS A 725 13.22 0.22 -9.57
CA CYS A 725 13.30 0.79 -10.90
C CYS A 725 13.81 -0.28 -11.86
N TYR A 726 13.65 -0.02 -13.15
CA TYR A 726 14.06 -0.95 -14.19
C TYR A 726 15.21 -0.37 -15.00
N GLN A 727 16.22 -1.19 -15.27
CA GLN A 727 17.36 -0.81 -16.10
C GLN A 727 17.38 -1.72 -17.32
N GLU A 728 17.06 -1.15 -18.48
CA GLU A 728 16.96 -1.95 -19.69
C GLU A 728 18.33 -2.34 -20.24
N VAL A 729 19.33 -1.48 -20.07
CA VAL A 729 20.66 -1.76 -20.59
C VAL A 729 21.24 -3.00 -19.94
N SER A 730 21.21 -3.06 -18.62
CA SER A 730 21.73 -4.20 -17.88
C SER A 730 20.70 -5.31 -17.69
N GLN A 731 19.43 -5.05 -18.02
CA GLN A 731 18.36 -6.04 -17.87
C GLN A 731 18.29 -6.57 -16.45
N CYS A 732 18.03 -5.67 -15.51
CA CYS A 732 17.95 -6.04 -14.10
C CYS A 732 17.14 -4.99 -13.35
N PHE A 733 16.53 -5.41 -12.25
CA PHE A 733 15.81 -4.50 -11.36
C PHE A 733 16.71 -4.07 -10.22
N GLY A 734 16.60 -2.80 -9.84
CA GLY A 734 17.26 -2.31 -8.65
C GLY A 734 16.23 -2.00 -7.59
N VAL A 735 16.28 -2.71 -6.47
CA VAL A 735 15.26 -2.62 -5.43
C VAL A 735 15.94 -2.40 -4.09
N LEU A 736 15.45 -1.43 -3.32
CA LEU A 736 15.88 -1.26 -1.94
C LEU A 736 15.12 -2.22 -1.04
N SER A 737 15.77 -2.61 0.06
CA SER A 737 15.13 -3.48 1.02
C SER A 737 15.68 -3.16 2.40
N SER A 738 14.91 -3.54 3.42
CA SER A 738 15.26 -3.24 4.81
C SER A 738 14.97 -4.46 5.67
N ARG A 739 15.98 -4.96 6.35
CA ARG A 739 15.83 -6.08 7.27
C ARG A 739 16.02 -5.60 8.70
N ILE A 740 15.15 -6.06 9.59
CA ILE A 740 15.18 -5.66 10.99
C ILE A 740 15.98 -6.69 11.76
N GLU A 741 17.20 -6.32 12.15
CA GLU A 741 18.09 -7.19 12.89
C GLU A 741 18.30 -6.65 14.30
N VAL A 742 18.44 -7.57 15.24
CA VAL A 742 18.44 -7.25 16.67
C VAL A 742 19.87 -6.97 17.12
N GLN A 743 20.03 -5.98 17.99
CA GLN A 743 21.33 -5.66 18.57
C GLN A 743 21.79 -6.79 19.48
N ASP A 744 23.10 -7.02 19.52
CA ASP A 744 23.70 -8.06 20.33
C ASP A 744 24.56 -7.43 21.43
N THR A 745 24.58 -8.09 22.59
CA THR A 745 25.32 -7.58 23.73
C THR A 745 26.83 -7.72 23.57
N SER A 746 27.29 -8.63 22.70
CA SER A 746 28.71 -8.83 22.50
C SER A 746 29.34 -7.79 21.59
N GLY A 747 28.54 -6.90 21.00
CA GLY A 747 29.05 -5.91 20.07
C GLY A 747 28.76 -6.28 18.63
N GLY A 748 27.72 -5.69 18.06
CA GLY A 748 27.28 -5.98 16.72
C GLY A 748 25.81 -6.34 16.72
N THR A 749 25.31 -6.73 15.55
CA THR A 749 23.91 -7.08 15.37
C THR A 749 23.81 -8.43 14.65
N THR A 750 22.71 -9.13 14.91
CA THR A 750 22.45 -10.42 14.31
C THR A 750 21.11 -10.40 13.59
N ALA A 751 21.08 -11.00 12.40
CA ALA A 751 19.85 -11.06 11.61
C ALA A 751 18.89 -12.08 12.20
N LEU A 752 17.60 -11.74 12.20
CA LEU A 752 16.60 -12.65 12.76
C LEU A 752 16.40 -13.87 11.88
N ARG A 753 16.25 -13.67 10.58
CA ARG A 753 15.97 -14.74 9.63
C ARG A 753 16.77 -14.51 8.37
N PRO A 754 17.07 -15.57 7.60
CA PRO A 754 17.80 -15.39 6.34
C PRO A 754 16.93 -14.74 5.27
N SER A 755 17.20 -13.48 4.97
CA SER A 755 16.44 -12.72 4.01
C SER A 755 17.12 -12.77 2.64
N ALA A 756 16.65 -11.96 1.70
CA ALA A 756 17.21 -11.91 0.36
C ALA A 756 18.49 -11.10 0.28
N SER A 757 18.88 -10.41 1.35
CA SER A 757 20.13 -9.66 1.37
C SER A 757 21.28 -10.43 1.98
N THR A 758 21.00 -11.48 2.77
CA THR A 758 22.03 -12.34 3.33
C THR A 758 22.17 -13.64 2.55
N GLN A 759 21.47 -13.77 1.42
CA GLN A 759 21.54 -14.96 0.57
C GLN A 759 21.76 -14.55 -0.88
N ALA A 760 22.59 -13.54 -1.09
CA ALA A 760 22.88 -13.03 -2.43
C ALA A 760 24.19 -13.62 -2.95
N LEU A 761 24.38 -13.48 -4.26
CA LEU A 761 25.60 -13.98 -4.89
C LEU A 761 26.81 -13.15 -4.46
N SER A 762 26.79 -11.86 -4.78
CA SER A 762 27.86 -10.95 -4.41
C SER A 762 27.33 -9.91 -3.44
N SER A 763 28.10 -9.63 -2.40
CA SER A 763 27.69 -8.68 -1.36
C SER A 763 28.83 -7.70 -1.10
N SER A 764 28.46 -6.44 -0.88
CA SER A 764 29.43 -5.39 -0.57
C SER A 764 28.87 -4.52 0.55
N VAL A 765 29.78 -3.89 1.28
CA VAL A 765 29.44 -2.99 2.38
C VAL A 765 30.00 -1.62 2.05
N SER A 766 29.16 -0.60 2.13
CA SER A 766 29.55 0.76 1.76
C SER A 766 30.52 1.29 2.81
N SER A 767 31.81 1.21 2.51
CA SER A 767 32.86 1.70 3.39
C SER A 767 33.29 3.12 3.07
N SER A 768 32.69 3.75 2.07
CA SER A 768 33.08 5.10 1.64
C SER A 768 32.57 6.10 2.68
N LYS A 769 33.29 6.18 3.80
CA LYS A 769 32.96 7.10 4.88
C LYS A 769 33.45 8.50 4.48
N LEU A 770 32.61 9.19 3.72
CA LEU A 770 32.91 10.56 3.29
C LEU A 770 32.91 11.54 4.47
N PHE A 771 32.39 11.12 5.62
CA PHE A 771 32.36 11.95 6.82
C PHE A 771 32.78 11.11 8.01
N SER A 772 33.32 11.78 9.03
CA SER A 772 33.86 11.12 10.21
C SER A 772 33.13 11.63 11.46
N SER A 773 33.65 11.22 12.62
CA SER A 773 33.17 11.66 13.92
C SER A 773 31.72 11.27 14.17
N SER A 774 30.80 12.24 14.07
CA SER A 774 29.39 12.08 14.45
C SER A 774 29.28 11.77 15.95
N THR A 775 28.05 11.74 16.46
CA THR A 775 27.81 11.54 17.88
C THR A 775 26.65 10.59 18.09
N ALA A 776 26.66 9.92 19.23
CA ALA A 776 25.57 9.06 19.69
C ALA A 776 25.67 8.86 21.19
N PRO A 777 25.50 9.91 22.00
CA PRO A 777 25.64 9.74 23.45
C PRO A 777 24.66 8.74 24.04
N HIS A 778 23.45 8.66 23.51
CA HIS A 778 22.48 7.64 23.93
C HIS A 778 22.83 6.35 23.22
N GLU A 779 23.61 5.50 23.89
CA GLU A 779 24.15 4.30 23.26
C GLU A 779 23.04 3.33 22.90
N THR A 780 23.27 2.57 21.83
CA THR A 780 22.31 1.57 21.38
C THR A 780 22.23 0.45 22.41
N SER A 781 21.15 0.41 23.17
CA SER A 781 21.00 -0.56 24.23
C SER A 781 20.70 -1.95 23.66
N PHE A 782 20.89 -2.95 24.51
CA PHE A 782 20.60 -4.33 24.12
C PHE A 782 19.11 -4.52 23.90
N GLY A 783 18.77 -5.38 22.94
CA GLY A 783 17.40 -5.66 22.59
C GLY A 783 16.79 -4.70 21.59
N GLU A 784 17.49 -3.63 21.23
CA GLU A 784 16.99 -2.69 20.24
C GLU A 784 17.10 -3.29 18.84
N GLU A 785 16.12 -2.97 18.01
CA GLU A 785 16.07 -3.46 16.64
C GLU A 785 16.50 -2.35 15.69
N VAL A 786 17.54 -2.60 14.92
CA VAL A 786 18.08 -1.64 13.95
C VAL A 786 17.68 -2.07 12.55
N GLU A 787 17.22 -1.11 11.76
CA GLU A 787 16.76 -1.38 10.39
C GLU A 787 17.92 -1.11 9.44
N VAL A 788 18.54 -2.16 8.94
CA VAL A 788 19.68 -2.06 8.03
C VAL A 788 19.17 -2.13 6.60
N HIS A 789 19.58 -1.17 5.77
CA HIS A 789 19.10 -1.07 4.41
C HIS A 789 20.05 -1.76 3.44
N ASN A 790 19.52 -2.09 2.27
CA ASN A 790 20.27 -2.78 1.24
C ASN A 790 19.75 -2.36 -0.13
N LEU A 791 20.63 -2.40 -1.11
CA LEU A 791 20.25 -2.25 -2.51
C LEU A 791 20.51 -3.58 -3.21
N LEU A 792 19.44 -4.20 -3.71
CA LEU A 792 19.54 -5.48 -4.38
C LEU A 792 19.41 -5.29 -5.89
N ILE A 793 20.24 -6.01 -6.64
CA ILE A 793 20.19 -5.98 -8.09
C ILE A 793 19.60 -7.29 -8.58
N ILE A 794 18.29 -7.33 -8.74
CA ILE A 794 17.56 -8.55 -9.08
C ILE A 794 17.51 -8.70 -10.59
N ASP A 795 17.64 -9.94 -11.05
CA ASP A 795 17.49 -10.23 -12.48
C ASP A 795 16.05 -10.00 -12.92
N GLN A 796 15.82 -10.13 -14.23
CA GLN A 796 14.50 -9.84 -14.78
C GLN A 796 13.75 -11.05 -15.30
N HIS A 797 14.43 -12.13 -15.68
CA HIS A 797 13.74 -13.34 -16.12
C HIS A 797 14.11 -14.55 -15.27
N THR A 798 14.90 -14.39 -14.21
CA THR A 798 15.24 -15.49 -13.34
C THR A 798 14.92 -15.12 -11.89
N PHE A 799 15.00 -13.83 -11.58
CA PHE A 799 14.64 -13.28 -10.27
C PHE A 799 15.50 -13.89 -9.16
N GLU A 800 16.81 -13.69 -9.29
CA GLU A 800 17.76 -14.03 -8.23
C GLU A 800 18.58 -12.79 -7.92
N VAL A 801 18.92 -12.61 -6.64
CA VAL A 801 19.64 -11.43 -6.21
C VAL A 801 21.10 -11.53 -6.67
N LEU A 802 21.44 -10.79 -7.73
CA LEU A 802 22.79 -10.85 -8.27
C LEU A 802 23.78 -10.12 -7.36
N HIS A 803 23.38 -8.98 -6.82
CA HIS A 803 24.23 -8.19 -5.94
C HIS A 803 23.40 -7.64 -4.79
N ALA A 804 24.04 -7.47 -3.63
CA ALA A 804 23.38 -6.91 -2.46
C ALA A 804 24.36 -5.96 -1.78
N HIS A 805 24.14 -4.66 -1.94
CA HIS A 805 25.01 -3.64 -1.39
C HIS A 805 24.41 -3.12 -0.09
N GLN A 806 25.16 -3.25 1.01
CA GLN A 806 24.70 -2.83 2.31
C GLN A 806 25.27 -1.45 2.64
N PHE A 807 24.39 -0.52 2.99
CA PHE A 807 24.78 0.87 3.20
C PHE A 807 25.42 1.02 4.58
N LEU A 808 25.71 2.27 4.95
CA LEU A 808 26.39 2.56 6.21
C LEU A 808 25.45 2.32 7.40
N GLN A 809 25.97 2.59 8.58
CA GLN A 809 25.15 2.57 9.79
C GLN A 809 24.30 3.84 9.83
N ASN A 810 23.01 3.68 10.13
CA ASN A 810 22.04 4.77 10.12
C ASN A 810 22.00 5.44 8.76
N GLU A 811 21.74 4.63 7.73
CA GLU A 811 21.63 5.05 6.34
C GLU A 811 20.27 4.63 5.83
N TYR A 812 19.26 5.49 6.00
CA TYR A 812 17.93 5.22 5.49
C TYR A 812 17.86 5.71 4.05
N ALA A 813 17.95 4.78 3.10
CA ALA A 813 17.85 5.13 1.69
C ALA A 813 16.40 5.44 1.35
N LEU A 814 16.17 6.54 0.66
CA LEU A 814 14.83 7.02 0.37
C LEU A 814 14.47 6.93 -1.10
N SER A 815 15.27 7.52 -1.99
CA SER A 815 14.99 7.53 -3.41
C SER A 815 15.91 6.58 -4.15
N LEU A 816 15.51 6.25 -5.38
CA LEU A 816 16.33 5.41 -6.26
C LEU A 816 15.85 5.55 -7.70
N VAL A 817 16.74 5.94 -8.60
CA VAL A 817 16.40 6.23 -9.99
C VAL A 817 17.49 5.68 -10.89
N SER A 818 17.09 5.02 -11.98
CA SER A 818 18.02 4.57 -13.01
C SER A 818 17.92 5.51 -14.20
N CYS A 819 19.03 6.15 -14.54
CA CYS A 819 19.06 7.10 -15.64
C CYS A 819 20.49 7.31 -16.08
N LYS A 820 20.65 7.79 -17.32
CA LYS A 820 21.94 8.17 -17.86
C LYS A 820 22.02 9.69 -17.90
N LEU A 821 23.06 10.24 -17.29
CA LEU A 821 23.18 11.68 -17.10
C LEU A 821 24.21 12.27 -18.06
N GLY A 822 23.99 13.53 -18.42
CA GLY A 822 24.91 14.24 -19.30
C GLY A 822 25.06 13.54 -20.63
N LYS A 823 26.31 13.44 -21.09
CA LYS A 823 26.64 12.76 -22.34
C LYS A 823 27.16 11.35 -22.13
N ASP A 824 27.14 10.86 -20.89
CA ASP A 824 27.63 9.52 -20.62
C ASP A 824 26.73 8.47 -21.27
N PRO A 825 27.29 7.44 -21.89
CA PRO A 825 26.47 6.37 -22.46
C PRO A 825 26.06 5.29 -21.47
N ASN A 826 26.62 5.30 -20.26
CA ASN A 826 26.29 4.28 -19.28
C ASN A 826 25.02 4.65 -18.53
N THR A 827 24.23 3.63 -18.18
CA THR A 827 23.03 3.83 -17.38
C THR A 827 23.38 3.58 -15.91
N TYR A 828 23.18 4.59 -15.08
CA TYR A 828 23.66 4.60 -13.71
C TYR A 828 22.51 4.41 -12.72
N PHE A 829 22.74 3.60 -11.70
CA PHE A 829 21.88 3.58 -10.53
C PHE A 829 22.23 4.76 -9.64
N ILE A 830 21.21 5.48 -9.18
CA ILE A 830 21.40 6.64 -8.30
C ILE A 830 20.48 6.46 -7.10
N VAL A 831 21.04 6.61 -5.90
CA VAL A 831 20.30 6.44 -4.66
C VAL A 831 20.53 7.68 -3.79
N GLY A 832 19.46 8.26 -3.31
CA GLY A 832 19.56 9.39 -2.39
C GLY A 832 19.23 9.00 -0.98
N THR A 833 20.26 8.87 -0.14
CA THR A 833 20.08 8.39 1.22
C THR A 833 20.01 9.57 2.19
N ALA A 834 19.89 9.26 3.48
CA ALA A 834 19.84 10.29 4.51
C ALA A 834 20.21 9.67 5.85
N MET A 835 21.15 10.27 6.56
CA MET A 835 21.50 9.81 7.90
C MET A 835 20.44 10.25 8.90
N VAL A 836 19.88 9.29 9.61
CA VAL A 836 18.94 9.56 10.69
C VAL A 836 19.53 9.04 11.99
N TYR A 837 19.60 9.92 12.98
CA TYR A 837 19.97 9.56 14.34
C TYR A 837 18.79 9.82 15.28
N PRO A 838 18.53 8.93 16.22
CA PRO A 838 17.37 9.12 17.11
C PRO A 838 17.45 10.42 17.91
N GLU A 839 18.64 10.92 18.21
CA GLU A 839 18.77 12.16 18.96
C GLU A 839 18.26 13.35 18.15
N GLU A 840 18.67 13.46 16.89
CA GLU A 840 18.31 14.60 16.07
C GLU A 840 16.95 14.40 15.43
N ALA A 841 16.19 15.50 15.30
CA ALA A 841 14.84 15.42 14.73
C ALA A 841 14.89 15.45 13.21
N GLU A 842 15.41 16.54 12.64
CA GLU A 842 15.48 16.68 11.19
C GLU A 842 16.87 16.30 10.72
N PRO A 843 17.01 15.32 9.82
CA PRO A 843 18.35 14.92 9.38
C PRO A 843 19.10 16.07 8.73
N LYS A 844 20.41 16.12 8.97
CA LYS A 844 21.26 17.17 8.46
C LYS A 844 22.25 16.71 7.40
N GLN A 845 22.65 15.45 7.41
CA GLN A 845 23.62 14.92 6.46
C GLN A 845 22.94 13.92 5.53
N GLY A 846 23.09 14.12 4.23
CA GLY A 846 22.57 13.20 3.25
C GLY A 846 23.63 12.92 2.19
N ARG A 847 23.36 11.87 1.40
CA ARG A 847 24.31 11.45 0.37
C ARG A 847 23.57 11.15 -0.92
N ILE A 848 24.24 11.42 -2.03
CA ILE A 848 23.81 10.98 -3.35
C ILE A 848 24.91 10.08 -3.88
N VAL A 849 24.59 8.80 -4.07
CA VAL A 849 25.57 7.80 -4.49
C VAL A 849 25.13 7.25 -5.85
N VAL A 850 26.09 7.10 -6.75
CA VAL A 850 25.81 6.73 -8.14
C VAL A 850 26.51 5.40 -8.40
N PHE A 851 25.75 4.31 -8.38
CA PHE A 851 26.27 3.00 -8.72
C PHE A 851 26.18 2.74 -10.22
N GLN A 852 27.01 1.82 -10.69
CA GLN A 852 27.01 1.41 -12.11
C GLN A 852 27.19 -0.11 -12.13
N TYR A 853 26.08 -0.84 -12.17
CA TYR A 853 26.13 -2.30 -12.17
C TYR A 853 26.59 -2.78 -13.54
N SER A 854 27.87 -3.15 -13.65
CA SER A 854 28.41 -3.72 -14.85
C SER A 854 29.27 -4.92 -14.48
N ASP A 855 29.23 -5.96 -15.32
CA ASP A 855 30.00 -7.18 -15.12
C ASP A 855 29.72 -7.82 -13.77
N GLY A 856 28.49 -7.69 -13.28
CA GLY A 856 28.10 -8.34 -12.04
C GLY A 856 28.63 -7.72 -10.78
N LYS A 857 29.21 -6.53 -10.85
CA LYS A 857 29.75 -5.85 -9.68
C LYS A 857 29.15 -4.46 -9.57
N LEU A 858 28.81 -4.06 -8.35
CA LEU A 858 28.18 -2.76 -8.09
C LEU A 858 29.25 -1.80 -7.57
N GLN A 859 29.99 -1.22 -8.50
CA GLN A 859 31.05 -0.27 -8.16
C GLN A 859 30.49 1.14 -8.06
N THR A 860 30.93 1.86 -7.03
CA THR A 860 30.51 3.24 -6.83
C THR A 860 31.29 4.17 -7.74
N VAL A 861 30.59 5.10 -8.37
CA VAL A 861 31.18 6.06 -9.30
C VAL A 861 31.33 7.44 -8.66
N ALA A 862 30.29 7.92 -7.99
CA ALA A 862 30.32 9.21 -7.32
C ALA A 862 29.58 9.11 -6.00
N GLU A 863 30.06 9.86 -5.01
CA GLU A 863 29.44 9.91 -3.68
C GLU A 863 29.37 11.37 -3.26
N LYS A 864 28.24 12.02 -3.52
CA LYS A 864 28.07 13.43 -3.22
C LYS A 864 27.42 13.59 -1.84
N GLU A 865 27.96 14.51 -1.06
CA GLU A 865 27.44 14.82 0.27
C GLU A 865 26.65 16.11 0.23
N VAL A 866 25.45 16.09 0.80
CA VAL A 866 24.56 17.24 0.82
C VAL A 866 24.18 17.54 2.26
N LYS A 867 23.85 18.81 2.51
CA LYS A 867 23.47 19.26 3.85
C LYS A 867 21.95 19.14 4.00
N GLY A 868 21.50 17.91 4.24
CA GLY A 868 20.08 17.66 4.42
C GLY A 868 19.68 16.23 4.14
N ALA A 869 18.49 16.04 3.56
CA ALA A 869 18.01 14.72 3.21
C ALA A 869 17.40 14.77 1.82
N VAL A 870 17.58 13.70 1.06
CA VAL A 870 17.10 13.62 -0.32
C VAL A 870 15.82 12.79 -0.32
N TYR A 871 14.71 13.43 -0.70
CA TYR A 871 13.41 12.78 -0.61
C TYR A 871 12.97 12.18 -1.94
N SER A 872 13.20 12.86 -3.06
CA SER A 872 12.79 12.35 -4.36
C SER A 872 13.71 12.92 -5.43
N MET A 873 13.90 12.13 -6.49
CA MET A 873 14.85 12.45 -7.54
C MET A 873 14.25 12.11 -8.89
N VAL A 874 14.53 12.94 -9.90
CA VAL A 874 14.05 12.75 -11.26
C VAL A 874 15.16 13.16 -12.23
N GLU A 875 14.88 13.05 -13.52
CA GLU A 875 15.83 13.34 -14.58
C GLU A 875 15.28 14.38 -15.54
N PHE A 876 16.14 15.30 -15.97
CA PHE A 876 15.80 16.31 -16.97
C PHE A 876 16.71 16.15 -18.18
N ASN A 877 16.36 15.23 -19.07
CA ASN A 877 17.02 15.06 -20.37
C ASN A 877 18.53 14.93 -20.25
N GLY A 878 19.02 14.46 -19.11
CA GLY A 878 20.45 14.34 -18.90
C GLY A 878 20.95 15.18 -17.73
N LYS A 879 20.03 15.64 -16.90
CA LYS A 879 20.36 16.36 -15.67
C LYS A 879 19.59 15.73 -14.52
N LEU A 880 20.17 15.81 -13.33
CA LEU A 880 19.64 15.13 -12.15
C LEU A 880 19.03 16.18 -11.21
N LEU A 881 17.73 16.10 -10.99
CA LEU A 881 17.02 17.02 -10.11
C LEU A 881 16.72 16.31 -8.79
N ALA A 882 17.19 16.90 -7.69
CA ALA A 882 17.01 16.33 -6.37
C ALA A 882 16.34 17.35 -5.45
N SER A 883 15.78 16.84 -4.35
CA SER A 883 15.05 17.66 -3.39
C SER A 883 15.69 17.50 -2.01
N ILE A 884 16.67 18.33 -1.71
CA ILE A 884 17.34 18.31 -0.42
C ILE A 884 16.48 19.07 0.57
N ASN A 885 15.86 18.34 1.50
CA ASN A 885 14.96 18.91 2.50
C ASN A 885 13.88 19.77 1.86
N SER A 886 14.02 21.09 1.98
CA SER A 886 13.09 22.04 1.39
C SER A 886 13.55 22.58 0.05
N THR A 887 14.86 22.61 -0.20
CA THR A 887 15.37 23.11 -1.46
C THR A 887 15.07 22.14 -2.60
N VAL A 888 15.19 22.63 -3.82
CA VAL A 888 15.07 21.83 -5.03
C VAL A 888 16.32 22.10 -5.86
N ARG A 889 17.20 21.11 -5.95
CA ARG A 889 18.49 21.27 -6.60
C ARG A 889 18.51 20.52 -7.93
N LEU A 890 19.23 21.09 -8.89
CA LEU A 890 19.43 20.47 -10.20
C LEU A 890 20.92 20.25 -10.38
N TYR A 891 21.31 19.03 -10.76
CA TYR A 891 22.71 18.64 -10.86
C TYR A 891 23.08 18.38 -12.30
N GLU A 892 24.23 18.91 -12.71
CA GLU A 892 24.79 18.68 -14.04
C GLU A 892 25.92 17.68 -13.94
N TRP A 893 25.88 16.67 -14.80
CA TRP A 893 26.87 15.60 -14.77
C TRP A 893 28.07 16.00 -15.64
N THR A 894 29.20 16.24 -14.99
CA THR A 894 30.39 16.65 -15.72
C THR A 894 31.02 15.46 -16.44
N THR A 895 32.00 15.76 -17.30
CA THR A 895 32.69 14.71 -18.05
C THR A 895 33.61 13.88 -17.17
N GLU A 896 34.07 14.43 -16.05
CA GLU A 896 34.94 13.72 -15.12
C GLU A 896 34.17 12.88 -14.11
N LYS A 897 32.90 12.58 -14.38
CA LYS A 897 32.07 11.74 -13.53
C LYS A 897 31.96 12.32 -12.11
N GLU A 898 31.36 13.51 -12.03
CA GLU A 898 31.13 14.16 -10.75
C GLU A 898 29.92 15.07 -10.88
N LEU A 899 29.01 14.99 -9.91
CA LEU A 899 27.81 15.82 -9.92
C LEU A 899 28.16 17.26 -9.57
N ARG A 900 27.65 18.20 -10.36
CA ARG A 900 27.88 19.62 -10.15
C ARG A 900 26.54 20.34 -10.12
N THR A 901 26.29 21.07 -9.04
CA THR A 901 25.04 21.82 -8.92
C THR A 901 24.98 22.93 -9.96
N GLU A 902 23.78 23.22 -10.44
CA GLU A 902 23.58 24.23 -11.47
C GLU A 902 22.62 25.33 -11.05
N CYS A 903 21.54 25.00 -10.35
CA CYS A 903 20.57 26.00 -9.92
C CYS A 903 19.87 25.50 -8.67
N ASN A 904 19.31 26.44 -7.91
CA ASN A 904 18.60 26.15 -6.68
C ASN A 904 17.30 26.94 -6.62
N HIS A 905 16.25 26.28 -6.12
CA HIS A 905 14.97 26.94 -5.84
C HIS A 905 14.58 26.64 -4.41
N TYR A 906 14.33 27.69 -3.63
CA TYR A 906 14.06 27.57 -2.20
C TYR A 906 12.56 27.54 -1.97
N ASN A 907 12.06 26.41 -1.49
CA ASN A 907 10.65 26.25 -1.15
C ASN A 907 10.46 26.32 0.36
N ASN A 908 9.41 27.01 0.79
CA ASN A 908 9.08 27.06 2.21
C ASN A 908 8.47 25.76 2.72
N ILE A 909 8.16 24.82 1.83
CA ILE A 909 7.65 23.51 2.20
C ILE A 909 8.75 22.48 1.97
N MET A 910 8.52 21.27 2.47
CA MET A 910 9.42 20.16 2.20
C MET A 910 9.11 19.59 0.83
N ALA A 911 10.08 19.66 -0.08
CA ALA A 911 9.90 19.09 -1.41
C ALA A 911 9.93 17.57 -1.31
N LEU A 912 8.76 16.96 -1.15
CA LEU A 912 8.64 15.55 -0.82
C LEU A 912 8.22 14.69 -2.01
N TYR A 913 7.28 15.16 -2.82
CA TYR A 913 6.88 14.50 -4.05
C TYR A 913 7.38 15.31 -5.24
N LEU A 914 8.05 14.64 -6.18
CA LEU A 914 8.54 15.29 -7.40
C LEU A 914 8.04 14.50 -8.59
N LYS A 915 7.30 15.19 -9.48
CA LYS A 915 6.79 14.58 -10.70
C LYS A 915 6.92 15.59 -11.81
N THR A 916 7.70 15.28 -12.84
CA THR A 916 8.02 16.23 -13.89
C THR A 916 7.73 15.62 -15.26
N LYS A 917 7.42 16.50 -16.21
CA LYS A 917 7.36 16.13 -17.62
C LYS A 917 7.74 17.35 -18.43
N GLY A 918 8.48 17.12 -19.53
CA GLY A 918 8.95 18.22 -20.35
C GLY A 918 9.82 19.20 -19.58
N ASP A 919 9.28 20.40 -19.35
CA ASP A 919 9.97 21.41 -18.56
C ASP A 919 9.24 21.78 -17.28
N PHE A 920 8.04 21.23 -17.07
CA PHE A 920 7.23 21.58 -15.90
C PHE A 920 7.57 20.65 -14.74
N ILE A 921 7.58 21.22 -13.54
CA ILE A 921 7.92 20.49 -12.32
C ILE A 921 6.76 20.63 -11.33
N LEU A 922 6.36 19.52 -10.73
CA LEU A 922 5.30 19.49 -9.74
C LEU A 922 5.90 19.06 -8.40
N VAL A 923 5.74 19.90 -7.38
CA VAL A 923 6.31 19.66 -6.07
C VAL A 923 5.18 19.66 -5.05
N GLY A 924 5.28 18.75 -4.06
CA GLY A 924 4.27 18.67 -3.02
C GLY A 924 4.85 18.06 -1.77
N ASP A 925 4.09 18.18 -0.67
CA ASP A 925 4.47 17.61 0.61
C ASP A 925 3.26 16.90 1.20
N LEU A 926 3.44 16.34 2.40
CA LEU A 926 2.38 15.57 3.03
C LEU A 926 1.17 16.44 3.37
N MET A 927 1.38 17.73 3.59
CA MET A 927 0.27 18.63 3.91
C MET A 927 -0.50 19.10 2.67
N ARG A 928 -0.30 18.45 1.52
CA ARG A 928 -1.06 18.75 0.31
C ARG A 928 -0.92 20.21 -0.10
N SER A 929 0.31 20.58 -0.43
CA SER A 929 0.63 21.92 -0.92
C SER A 929 1.27 21.74 -2.30
N VAL A 930 0.42 21.67 -3.33
CA VAL A 930 0.90 21.43 -4.69
C VAL A 930 1.52 22.72 -5.23
N LEU A 931 2.74 22.63 -5.71
CA LEU A 931 3.48 23.77 -6.25
C LEU A 931 4.02 23.41 -7.63
N LEU A 932 3.96 24.38 -8.54
CA LEU A 932 4.40 24.18 -9.92
C LEU A 932 5.65 25.00 -10.20
N LEU A 933 6.53 24.44 -11.02
CA LEU A 933 7.75 25.12 -11.43
C LEU A 933 7.99 24.88 -12.91
N ALA A 934 8.69 25.82 -13.54
CA ALA A 934 9.09 25.71 -14.93
C ALA A 934 10.57 26.06 -15.05
N TYR A 935 11.33 25.23 -15.75
CA TYR A 935 12.76 25.44 -15.94
C TYR A 935 12.96 26.16 -17.26
N LYS A 936 13.44 27.41 -17.19
CA LYS A 936 13.69 28.19 -18.40
C LYS A 936 15.13 27.96 -18.85
N PRO A 937 15.36 27.29 -19.98
CA PRO A 937 16.74 26.99 -20.37
C PRO A 937 17.55 28.21 -20.74
N MET A 938 16.93 29.24 -21.33
CA MET A 938 17.68 30.42 -21.75
C MET A 938 18.33 31.10 -20.55
N GLU A 939 17.55 31.38 -19.50
CA GLU A 939 18.11 31.93 -18.28
C GLU A 939 18.85 30.86 -17.48
N GLY A 940 18.46 29.60 -17.63
CA GLY A 940 19.04 28.53 -16.84
C GLY A 940 18.69 28.63 -15.37
N ASN A 941 17.43 28.93 -15.07
CA ASN A 941 16.99 29.07 -13.69
C ASN A 941 15.53 28.66 -13.59
N PHE A 942 15.07 28.47 -12.36
CA PHE A 942 13.72 28.03 -12.07
C PHE A 942 12.77 29.22 -12.00
N GLU A 943 11.48 28.94 -12.22
CA GLU A 943 10.43 29.94 -12.09
C GLU A 943 9.19 29.27 -11.52
N GLU A 944 8.47 30.01 -10.68
CA GLU A 944 7.28 29.49 -10.02
C GLU A 944 6.05 29.91 -10.82
N ILE A 945 5.30 28.94 -11.30
CA ILE A 945 4.18 29.20 -12.21
C ILE A 945 2.86 29.31 -11.46
N ALA A 946 2.56 28.34 -10.61
CA ALA A 946 1.25 28.29 -9.96
C ALA A 946 1.42 27.74 -8.55
N ARG A 947 0.32 27.76 -7.80
CA ARG A 947 0.31 27.26 -6.43
C ARG A 947 -1.06 26.68 -6.12
N ASP A 948 -1.09 25.79 -5.13
CA ASP A 948 -2.36 25.30 -4.59
C ASP A 948 -2.08 24.79 -3.18
N PHE A 949 -2.52 25.53 -2.17
CA PHE A 949 -2.26 25.19 -0.78
C PHE A 949 -3.58 24.91 -0.07
N ASN A 950 -3.66 23.76 0.59
CA ASN A 950 -4.86 23.36 1.31
C ASN A 950 -4.50 22.35 2.38
N PRO A 951 -4.84 22.60 3.65
CA PRO A 951 -4.48 21.65 4.71
C PRO A 951 -5.20 20.32 4.60
N ASN A 952 -4.46 19.26 4.27
CA ASN A 952 -4.99 17.91 4.17
C ASN A 952 -3.81 16.97 3.98
N TRP A 953 -4.05 15.68 4.19
CA TRP A 953 -2.99 14.68 4.12
C TRP A 953 -2.97 14.07 2.72
N MET A 954 -2.09 14.60 1.87
CA MET A 954 -1.85 14.01 0.57
C MET A 954 -1.10 12.68 0.74
N SER A 955 -1.22 11.81 -0.27
CA SER A 955 -0.59 10.51 -0.20
C SER A 955 0.30 10.25 -1.41
N ALA A 956 -0.08 10.80 -2.56
CA ALA A 956 0.67 10.62 -3.80
C ALA A 956 0.13 11.59 -4.83
N VAL A 957 1.02 12.09 -5.69
CA VAL A 957 0.64 13.04 -6.74
C VAL A 957 1.20 12.54 -8.05
N GLU A 958 0.56 12.95 -9.15
CA GLU A 958 0.93 12.46 -10.48
C GLU A 958 0.57 13.50 -11.53
N ILE A 959 1.38 13.56 -12.58
CA ILE A 959 1.11 14.40 -13.75
C ILE A 959 0.22 13.64 -14.72
N LEU A 960 -0.87 14.26 -15.13
CA LEU A 960 -1.71 13.72 -16.21
C LEU A 960 -1.48 14.43 -17.53
N ASP A 961 -1.13 15.70 -17.51
CA ASP A 961 -0.93 16.51 -18.71
C ASP A 961 -0.23 17.79 -18.26
N ASP A 962 0.01 18.68 -19.23
CA ASP A 962 0.59 19.98 -18.89
C ASP A 962 -0.34 20.83 -18.04
N ASP A 963 -1.64 20.54 -18.06
CA ASP A 963 -2.62 21.32 -17.32
C ASP A 963 -3.24 20.59 -16.13
N ASN A 964 -3.43 19.28 -16.24
CA ASN A 964 -4.12 18.51 -15.20
C ASN A 964 -3.11 17.75 -14.35
N PHE A 965 -3.31 17.82 -13.02
CA PHE A 965 -2.44 17.15 -12.07
C PHE A 965 -3.29 16.31 -11.13
N LEU A 966 -3.03 15.01 -11.09
CA LEU A 966 -3.81 14.07 -10.29
C LEU A 966 -3.08 13.76 -8.99
N GLY A 967 -3.85 13.54 -7.93
CA GLY A 967 -3.29 13.19 -6.64
C GLY A 967 -4.30 12.73 -5.63
N ALA A 968 -3.94 11.73 -4.83
CA ALA A 968 -4.80 11.29 -3.73
C ALA A 968 -4.62 12.19 -2.52
N GLU A 969 -5.52 12.06 -1.55
CA GLU A 969 -5.43 12.84 -0.33
C GLU A 969 -6.17 12.12 0.79
N ASN A 970 -6.47 12.84 1.86
CA ASN A 970 -6.97 12.23 3.09
C ASN A 970 -8.33 11.59 2.87
N ALA A 971 -8.63 10.60 3.72
CA ALA A 971 -9.90 9.87 3.70
C ALA A 971 -10.13 9.18 2.36
N PHE A 972 -9.04 8.69 1.75
CA PHE A 972 -9.11 7.82 0.57
C PHE A 972 -9.75 8.52 -0.62
N ASN A 973 -9.60 9.83 -0.72
CA ASN A 973 -10.19 10.61 -1.80
C ASN A 973 -9.17 10.90 -2.89
N LEU A 974 -9.68 11.25 -4.06
CA LEU A 974 -8.87 11.65 -5.21
C LEU A 974 -9.28 13.05 -5.67
N PHE A 975 -8.31 13.85 -6.07
CA PHE A 975 -8.57 15.18 -6.58
C PHE A 975 -7.75 15.41 -7.85
N VAL A 976 -8.22 16.34 -8.67
CA VAL A 976 -7.53 16.74 -9.90
C VAL A 976 -7.48 18.25 -9.93
N CYS A 977 -6.27 18.80 -10.02
CA CYS A 977 -6.07 20.23 -10.16
C CYS A 977 -5.84 20.57 -11.62
N GLN A 978 -6.14 21.82 -11.97
CA GLN A 978 -6.02 22.27 -13.35
C GLN A 978 -5.61 23.73 -13.38
N LYS A 979 -4.73 24.06 -14.33
CA LYS A 979 -4.30 25.43 -14.56
C LYS A 979 -4.93 25.94 -15.84
N ASP A 980 -5.54 27.12 -15.77
CA ASP A 980 -6.20 27.75 -16.92
C ASP A 980 -5.24 28.78 -17.49
N SER A 981 -4.47 28.39 -18.51
CA SER A 981 -3.52 29.30 -19.14
C SER A 981 -4.19 30.44 -19.89
N ALA A 982 -5.50 30.37 -20.10
CA ALA A 982 -6.24 31.42 -20.78
C ALA A 982 -6.75 32.50 -19.82
N ALA A 983 -6.37 32.43 -18.55
CA ALA A 983 -6.83 33.42 -17.58
C ALA A 983 -6.30 34.80 -17.93
N THR A 984 -7.15 35.81 -17.74
CA THR A 984 -6.79 37.17 -18.13
C THR A 984 -5.78 37.81 -17.19
N THR A 985 -5.94 37.62 -15.89
CA THR A 985 -5.09 38.28 -14.90
C THR A 985 -4.03 37.31 -14.36
N ASP A 986 -3.04 37.89 -13.68
CA ASP A 986 -1.95 37.08 -13.15
C ASP A 986 -2.42 36.15 -12.04
N GLU A 987 -3.27 36.64 -11.14
CA GLU A 987 -3.68 35.83 -9.99
C GLU A 987 -4.48 34.60 -10.44
N GLU A 988 -5.36 34.77 -11.42
CA GLU A 988 -6.18 33.65 -11.88
C GLU A 988 -5.34 32.53 -12.45
N ARG A 989 -4.32 32.86 -13.24
CA ARG A 989 -3.45 31.84 -13.82
C ARG A 989 -2.36 31.37 -12.87
N GLN A 990 -2.14 32.07 -11.76
CA GLN A 990 -1.14 31.68 -10.77
C GLN A 990 -1.73 30.86 -9.64
N HIS A 991 -2.99 30.45 -9.75
CA HIS A 991 -3.65 29.65 -8.74
C HIS A 991 -4.30 28.44 -9.40
N LEU A 992 -4.06 27.26 -8.85
CA LEU A 992 -4.59 26.03 -9.42
C LEU A 992 -6.04 25.84 -8.99
N GLN A 993 -6.90 25.50 -9.96
CA GLN A 993 -8.31 25.29 -9.70
C GLN A 993 -8.58 23.80 -9.52
N GLU A 994 -9.06 23.44 -8.32
CA GLU A 994 -9.43 22.05 -8.04
C GLU A 994 -10.75 21.74 -8.73
N VAL A 995 -10.70 20.96 -9.80
CA VAL A 995 -11.86 20.71 -10.64
C VAL A 995 -12.48 19.34 -10.37
N GLY A 996 -11.66 18.31 -10.21
CA GLY A 996 -12.14 16.95 -10.05
C GLY A 996 -12.04 16.48 -8.61
N LEU A 997 -13.08 15.77 -8.16
CA LEU A 997 -13.11 15.20 -6.83
C LEU A 997 -13.77 13.82 -6.90
N PHE A 998 -13.30 12.91 -6.06
CA PHE A 998 -13.80 11.54 -6.06
C PHE A 998 -13.44 10.89 -4.73
N HIS A 999 -14.14 9.80 -4.43
CA HIS A 999 -13.90 9.02 -3.21
C HIS A 999 -13.64 7.58 -3.64
N LEU A 1000 -12.37 7.27 -3.90
CA LEU A 1000 -12.02 5.93 -4.39
C LEU A 1000 -12.30 4.86 -3.33
N GLY A 1001 -12.00 5.15 -2.07
CA GLY A 1001 -12.16 4.17 -1.01
C GLY A 1001 -10.89 3.46 -0.62
N GLU A 1002 -9.73 3.89 -1.10
CA GLU A 1002 -8.46 3.26 -0.79
C GLU A 1002 -7.40 4.32 -0.58
N PHE A 1003 -6.35 3.95 0.15
CA PHE A 1003 -5.21 4.82 0.38
C PHE A 1003 -4.20 4.57 -0.75
N VAL A 1004 -4.17 5.48 -1.71
CA VAL A 1004 -3.28 5.32 -2.86
C VAL A 1004 -1.84 5.58 -2.43
N ASN A 1005 -0.95 4.65 -2.76
CA ASN A 1005 0.46 4.77 -2.38
C ASN A 1005 1.30 5.35 -3.51
N VAL A 1006 1.24 4.75 -4.69
CA VAL A 1006 2.13 5.10 -5.80
C VAL A 1006 1.30 5.27 -7.07
N PHE A 1007 1.69 6.25 -7.88
CA PHE A 1007 1.14 6.45 -9.21
C PHE A 1007 2.19 6.10 -10.25
N CYS A 1008 1.75 5.65 -11.42
CA CYS A 1008 2.66 5.32 -12.50
C CYS A 1008 1.92 5.42 -13.82
N HIS A 1009 2.69 5.56 -14.89
CA HIS A 1009 2.14 5.66 -16.24
C HIS A 1009 2.11 4.28 -16.89
N GLY A 1010 1.66 4.23 -18.13
CA GLY A 1010 1.59 2.99 -18.88
C GLY A 1010 0.33 2.20 -18.57
N SER A 1011 0.08 1.21 -19.43
CA SER A 1011 -1.10 0.36 -19.31
C SER A 1011 -0.70 -1.09 -19.54
N LEU A 1012 -1.53 -2.00 -19.03
CA LEU A 1012 -1.29 -3.43 -19.12
C LEU A 1012 -1.86 -4.06 -20.39
N VAL A 1013 -2.43 -3.25 -21.29
CA VAL A 1013 -3.10 -3.76 -22.47
C VAL A 1013 -2.27 -3.44 -23.71
N MET A 1014 -2.75 -3.91 -24.85
CA MET A 1014 -2.04 -3.72 -26.11
C MET A 1014 -1.84 -2.24 -26.41
N GLN A 1015 -0.68 -1.92 -26.97
CA GLN A 1015 -0.37 -0.57 -27.42
C GLN A 1015 -0.77 -0.33 -28.87
N ASN A 1016 -1.74 -1.10 -29.37
CA ASN A 1016 -2.18 -0.95 -30.75
C ASN A 1016 -2.79 0.43 -30.98
N LEU A 1017 -2.29 1.14 -31.99
CA LEU A 1017 -2.80 2.47 -32.28
C LEU A 1017 -4.25 2.44 -32.73
N GLY A 1018 -4.61 1.45 -33.56
CA GLY A 1018 -5.96 1.37 -34.06
C GLY A 1018 -6.30 2.40 -35.12
N GLU A 1019 -5.29 2.96 -35.79
CA GLU A 1019 -5.48 3.94 -36.86
C GLU A 1019 -6.14 5.21 -36.34
N THR A 1020 -7.42 5.11 -35.95
CA THR A 1020 -8.19 6.25 -35.47
C THR A 1020 -8.12 6.42 -33.95
N SER A 1021 -7.02 5.98 -33.33
CA SER A 1021 -6.78 6.14 -31.90
C SER A 1021 -7.84 5.43 -31.06
N THR A 1022 -7.92 5.77 -29.79
CA THR A 1022 -8.80 5.13 -28.83
C THR A 1022 -9.66 6.18 -28.14
N PRO A 1023 -10.84 5.79 -27.65
CA PRO A 1023 -11.71 6.77 -26.97
C PRO A 1023 -11.09 7.39 -25.74
N THR A 1024 -10.22 6.66 -25.03
CA THR A 1024 -9.59 7.16 -23.81
C THR A 1024 -8.15 7.56 -24.13
N GLN A 1025 -7.80 8.79 -23.76
CA GLN A 1025 -6.48 9.34 -24.03
C GLN A 1025 -5.61 9.19 -22.79
N GLY A 1026 -4.65 8.28 -22.85
CA GLY A 1026 -3.71 8.07 -21.77
C GLY A 1026 -4.17 6.98 -20.81
N SER A 1027 -3.30 6.71 -19.84
CA SER A 1027 -3.57 5.71 -18.81
C SER A 1027 -2.60 5.85 -17.65
N VAL A 1028 -3.12 5.91 -16.43
CA VAL A 1028 -2.31 6.05 -15.22
C VAL A 1028 -2.77 4.99 -14.23
N LEU A 1029 -1.87 4.09 -13.86
CA LEU A 1029 -2.14 3.06 -12.88
C LEU A 1029 -1.74 3.53 -11.49
N PHE A 1030 -2.47 3.06 -10.48
CA PHE A 1030 -2.11 3.35 -9.10
C PHE A 1030 -2.36 2.12 -8.24
N GLY A 1031 -1.48 1.90 -7.27
CA GLY A 1031 -1.60 0.79 -6.33
C GLY A 1031 -1.81 1.31 -4.94
N THR A 1032 -2.69 0.63 -4.19
CA THR A 1032 -3.13 1.10 -2.89
C THR A 1032 -2.61 0.17 -1.79
N VAL A 1033 -2.95 0.52 -0.55
CA VAL A 1033 -2.49 -0.27 0.60
C VAL A 1033 -3.14 -1.65 0.59
N ASN A 1034 -4.45 -1.70 0.32
CA ASN A 1034 -5.15 -2.98 0.34
C ASN A 1034 -4.62 -3.93 -0.73
N GLY A 1035 -4.38 -3.41 -1.94
CA GLY A 1035 -3.79 -4.22 -2.97
C GLY A 1035 -4.43 -4.12 -4.34
N MET A 1036 -5.40 -3.22 -4.50
CA MET A 1036 -6.02 -3.09 -5.81
C MET A 1036 -5.11 -2.29 -6.75
N ILE A 1037 -5.43 -2.34 -8.03
CA ILE A 1037 -4.72 -1.60 -9.07
C ILE A 1037 -5.77 -0.86 -9.89
N GLY A 1038 -5.84 0.46 -9.72
CA GLY A 1038 -6.77 1.27 -10.47
C GLY A 1038 -6.20 1.72 -11.80
N LEU A 1039 -7.01 2.50 -12.53
CA LEU A 1039 -6.59 3.02 -13.83
C LEU A 1039 -7.39 4.28 -14.10
N VAL A 1040 -6.69 5.42 -14.16
CA VAL A 1040 -7.32 6.71 -14.41
C VAL A 1040 -6.95 7.15 -15.82
N THR A 1041 -7.96 7.36 -16.65
CA THR A 1041 -7.77 7.77 -18.03
C THR A 1041 -8.71 8.93 -18.35
N SER A 1042 -8.25 9.82 -19.22
CA SER A 1042 -9.02 11.01 -19.57
C SER A 1042 -10.15 10.66 -20.55
N LEU A 1043 -11.05 11.62 -20.74
CA LEU A 1043 -12.20 11.44 -21.62
C LEU A 1043 -12.54 12.78 -22.25
N SER A 1044 -13.35 12.71 -23.31
CA SER A 1044 -13.84 13.90 -23.98
C SER A 1044 -15.07 14.46 -23.26
N GLU A 1045 -15.45 15.69 -23.65
CA GLU A 1045 -16.59 16.34 -23.01
C GLU A 1045 -17.89 15.61 -23.30
N SER A 1046 -18.12 15.24 -24.57
CA SER A 1046 -19.35 14.55 -24.94
C SER A 1046 -19.41 13.17 -24.30
N TRP A 1047 -18.29 12.45 -24.31
CA TRP A 1047 -18.26 11.15 -23.66
C TRP A 1047 -18.47 11.27 -22.16
N TYR A 1048 -17.91 12.31 -21.55
CA TYR A 1048 -18.13 12.52 -20.12
C TYR A 1048 -19.60 12.77 -19.82
N ASN A 1049 -20.25 13.61 -20.63
CA ASN A 1049 -21.66 13.88 -20.41
C ASN A 1049 -22.50 12.62 -20.57
N LEU A 1050 -22.23 11.85 -21.64
CA LEU A 1050 -22.99 10.63 -21.87
C LEU A 1050 -22.81 9.64 -20.74
N LEU A 1051 -21.57 9.44 -20.30
CA LEU A 1051 -21.32 8.48 -19.23
C LEU A 1051 -21.88 8.97 -17.89
N LEU A 1052 -21.86 10.28 -17.64
CA LEU A 1052 -22.44 10.80 -16.41
C LEU A 1052 -23.94 10.58 -16.39
N ASP A 1053 -24.62 10.83 -17.51
CA ASP A 1053 -26.07 10.59 -17.53
C ASP A 1053 -26.37 9.10 -17.44
N MET A 1054 -25.55 8.25 -18.07
CA MET A 1054 -25.75 6.81 -17.93
C MET A 1054 -25.57 6.37 -16.49
N GLN A 1055 -24.59 6.93 -15.79
CA GLN A 1055 -24.39 6.62 -14.38
C GLN A 1055 -25.58 7.06 -13.54
N ASN A 1056 -26.10 8.26 -13.81
CA ASN A 1056 -27.26 8.74 -13.07
C ASN A 1056 -28.49 7.89 -13.35
N ARG A 1057 -28.64 7.37 -14.56
CA ARG A 1057 -29.76 6.48 -14.86
C ARG A 1057 -29.59 5.12 -14.23
N LEU A 1058 -28.35 4.61 -14.19
CA LEU A 1058 -28.09 3.31 -13.57
C LEU A 1058 -28.26 3.37 -12.06
N ASN A 1059 -28.01 4.53 -11.45
CA ASN A 1059 -28.15 4.65 -10.01
C ASN A 1059 -29.58 4.40 -9.54
N LYS A 1060 -30.57 4.54 -10.42
CA LYS A 1060 -31.97 4.33 -10.07
C LYS A 1060 -32.49 2.98 -10.51
N VAL A 1061 -31.62 2.08 -10.95
CA VAL A 1061 -32.05 0.78 -11.47
C VAL A 1061 -31.40 -0.35 -10.68
N ILE A 1062 -30.06 -0.38 -10.68
CA ILE A 1062 -29.35 -1.45 -9.99
C ILE A 1062 -29.47 -1.25 -8.48
N LYS A 1063 -29.89 -2.30 -7.79
CA LYS A 1063 -30.00 -2.28 -6.34
C LYS A 1063 -28.67 -2.65 -5.71
N SER A 1064 -28.36 -2.00 -4.59
CA SER A 1064 -27.12 -2.22 -3.87
C SER A 1064 -27.42 -2.85 -2.51
N VAL A 1065 -26.52 -3.73 -2.07
CA VAL A 1065 -26.68 -4.33 -0.75
C VAL A 1065 -26.54 -3.26 0.32
N GLY A 1066 -27.49 -3.23 1.25
CA GLY A 1066 -27.57 -2.17 2.22
C GLY A 1066 -28.28 -0.92 1.74
N LYS A 1067 -28.70 -0.89 0.47
CA LYS A 1067 -29.45 0.23 -0.09
C LYS A 1067 -28.71 1.55 0.10
N ILE A 1068 -27.40 1.52 -0.15
CA ILE A 1068 -26.58 2.72 -0.05
C ILE A 1068 -26.62 3.46 -1.37
N GLU A 1069 -26.92 4.76 -1.31
CA GLU A 1069 -26.91 5.58 -2.52
C GLU A 1069 -25.49 5.71 -3.04
N HIS A 1070 -25.33 5.56 -4.35
CA HIS A 1070 -24.00 5.64 -4.96
C HIS A 1070 -23.42 7.04 -4.84
N SER A 1071 -24.25 8.07 -5.01
CA SER A 1071 -23.76 9.43 -4.94
C SER A 1071 -23.21 9.77 -3.56
N PHE A 1072 -23.77 9.16 -2.52
CA PHE A 1072 -23.23 9.37 -1.17
C PHE A 1072 -21.95 8.58 -0.95
N TRP A 1073 -21.85 7.38 -1.55
CA TRP A 1073 -20.65 6.58 -1.39
C TRP A 1073 -19.44 7.23 -2.05
N ARG A 1074 -19.63 7.78 -3.25
CA ARG A 1074 -18.54 8.41 -3.99
C ARG A 1074 -18.37 9.88 -3.63
N SER A 1075 -19.15 10.41 -2.69
CA SER A 1075 -19.01 11.80 -2.30
C SER A 1075 -17.65 12.05 -1.67
N PHE A 1076 -17.07 13.20 -1.97
CA PHE A 1076 -15.78 13.57 -1.40
C PHE A 1076 -15.90 13.72 0.11
N HIS A 1077 -15.36 12.77 0.86
CA HIS A 1077 -15.56 12.67 2.29
C HIS A 1077 -14.33 13.14 3.04
N THR A 1078 -14.54 13.97 4.06
CA THR A 1078 -13.47 14.44 4.92
C THR A 1078 -14.08 14.77 6.28
N GLU A 1079 -13.25 14.69 7.32
CA GLU A 1079 -13.73 14.96 8.67
C GLU A 1079 -14.31 16.37 8.79
N ARG A 1080 -13.76 17.33 8.04
CA ARG A 1080 -14.14 18.72 8.19
C ARG A 1080 -15.26 19.14 7.24
N LYS A 1081 -15.35 18.53 6.06
CA LYS A 1081 -16.39 18.90 5.10
C LYS A 1081 -16.61 17.74 4.14
N THR A 1082 -17.75 17.78 3.45
CA THR A 1082 -18.13 16.73 2.51
C THR A 1082 -18.88 17.35 1.34
N GLU A 1083 -18.42 17.09 0.12
CA GLU A 1083 -19.03 17.63 -1.08
C GLU A 1083 -19.19 16.53 -2.12
N PRO A 1084 -20.19 16.63 -3.00
CA PRO A 1084 -20.40 15.59 -4.01
C PRO A 1084 -19.26 15.51 -5.01
N ALA A 1085 -19.08 14.32 -5.56
CA ALA A 1085 -18.03 14.07 -6.53
C ALA A 1085 -18.34 14.76 -7.85
N THR A 1086 -17.29 15.20 -8.53
CA THR A 1086 -17.43 15.87 -9.82
C THR A 1086 -16.16 15.64 -10.64
N GLY A 1087 -16.33 15.55 -11.95
CA GLY A 1087 -15.21 15.39 -12.85
C GLY A 1087 -14.67 13.99 -12.97
N PHE A 1088 -15.24 13.02 -12.27
CA PHE A 1088 -14.80 11.64 -12.32
C PHE A 1088 -15.98 10.74 -12.66
N ILE A 1089 -15.74 9.75 -13.51
CA ILE A 1089 -16.74 8.77 -13.90
C ILE A 1089 -16.37 7.45 -13.27
N ASP A 1090 -17.30 6.86 -12.51
CA ASP A 1090 -17.07 5.55 -11.91
C ASP A 1090 -16.91 4.50 -13.01
N GLY A 1091 -15.87 3.68 -12.88
CA GLY A 1091 -15.63 2.65 -13.87
C GLY A 1091 -16.39 1.37 -13.61
N ASP A 1092 -16.46 0.98 -12.34
CA ASP A 1092 -17.16 -0.26 -11.99
C ASP A 1092 -18.63 -0.19 -12.33
N LEU A 1093 -19.28 0.95 -12.04
CA LEU A 1093 -20.70 1.07 -12.32
C LEU A 1093 -21.00 1.00 -13.81
N ILE A 1094 -20.21 1.69 -14.62
CA ILE A 1094 -20.40 1.66 -16.06
C ILE A 1094 -20.12 0.25 -16.59
N GLU A 1095 -19.07 -0.39 -16.10
CA GLU A 1095 -18.77 -1.76 -16.52
C GLU A 1095 -19.86 -2.73 -16.12
N SER A 1096 -20.58 -2.42 -15.04
CA SER A 1096 -21.70 -3.24 -14.57
C SER A 1096 -22.93 -3.14 -15.46
N PHE A 1097 -22.83 -2.51 -16.62
CA PHE A 1097 -23.94 -2.46 -17.56
C PHE A 1097 -24.06 -3.72 -18.41
N LEU A 1098 -23.06 -4.61 -18.35
CA LEU A 1098 -23.02 -5.78 -19.21
C LEU A 1098 -23.55 -7.05 -18.55
N ASP A 1099 -23.96 -6.99 -17.28
CA ASP A 1099 -24.41 -8.19 -16.57
C ASP A 1099 -25.88 -8.18 -16.20
N ILE A 1100 -26.53 -7.02 -16.17
CA ILE A 1100 -27.93 -6.92 -15.75
C ILE A 1100 -28.84 -7.50 -16.82
N SER A 1101 -30.10 -7.72 -16.48
CA SER A 1101 -31.05 -8.31 -17.41
C SER A 1101 -31.44 -7.32 -18.50
N ARG A 1102 -31.93 -7.86 -19.61
CA ARG A 1102 -32.32 -7.02 -20.75
C ARG A 1102 -33.41 -6.00 -20.42
N PRO A 1103 -34.49 -6.32 -19.69
CA PRO A 1103 -35.45 -5.27 -19.35
C PRO A 1103 -34.84 -4.12 -18.55
N LYS A 1104 -33.86 -4.42 -17.69
CA LYS A 1104 -33.18 -3.37 -16.96
C LYS A 1104 -32.43 -2.45 -17.92
N MET A 1105 -31.77 -3.02 -18.93
CA MET A 1105 -31.14 -2.21 -19.97
C MET A 1105 -32.17 -1.36 -20.71
N GLN A 1106 -33.32 -1.95 -21.04
CA GLN A 1106 -34.34 -1.21 -21.76
C GLN A 1106 -34.85 -0.04 -20.94
N GLU A 1107 -34.92 -0.19 -19.62
CA GLU A 1107 -35.29 0.92 -18.76
C GLU A 1107 -34.20 1.97 -18.68
N VAL A 1108 -32.93 1.53 -18.63
CA VAL A 1108 -31.82 2.47 -18.53
C VAL A 1108 -31.65 3.28 -19.81
N VAL A 1109 -32.02 2.72 -20.96
CA VAL A 1109 -31.62 3.27 -22.25
C VAL A 1109 -32.88 3.80 -22.95
N ALA A 1110 -33.81 4.34 -22.16
CA ALA A 1110 -35.02 4.94 -22.70
C ALA A 1110 -34.81 6.35 -23.23
N ASN A 1111 -33.56 6.76 -23.47
CA ASN A 1111 -33.26 8.09 -23.99
C ASN A 1111 -31.84 8.07 -24.55
N LEU A 1112 -31.32 9.27 -24.84
CA LEU A 1112 -29.93 9.60 -25.16
C LEU A 1112 -29.70 9.76 -26.66
N GLN A 1113 -28.46 9.52 -27.10
CA GLN A 1113 -28.08 9.71 -28.49
C GLN A 1113 -27.26 8.56 -29.07
N TYR A 1114 -26.91 7.56 -28.26
CA TYR A 1114 -26.10 6.42 -28.70
C TYR A 1114 -24.82 6.85 -29.39
N ASP A 1115 -24.80 6.80 -30.73
CA ASP A 1115 -23.59 7.10 -31.47
C ASP A 1115 -23.19 8.57 -31.30
N ASP A 1116 -24.13 9.48 -31.55
CA ASP A 1116 -23.84 10.91 -31.47
C ASP A 1116 -25.16 11.67 -31.49
N GLY A 1117 -25.10 12.92 -31.05
CA GLY A 1117 -26.28 13.77 -31.07
C GLY A 1117 -26.65 14.24 -32.46
N SER A 1118 -25.67 14.30 -33.37
CA SER A 1118 -25.94 14.71 -34.74
C SER A 1118 -26.89 13.72 -35.43
N GLY A 1119 -26.63 12.42 -35.26
CA GLY A 1119 -27.50 11.38 -35.76
C GLY A 1119 -28.73 11.12 -34.92
N MET A 1120 -28.88 11.84 -33.81
CA MET A 1120 -30.00 11.69 -32.89
C MET A 1120 -30.08 10.26 -32.36
N LYS A 1121 -30.84 9.40 -33.03
CA LYS A 1121 -31.06 8.02 -32.59
C LYS A 1121 -31.48 7.98 -31.12
N ARG A 1122 -32.52 8.76 -30.80
CA ARG A 1122 -32.96 8.90 -29.41
C ARG A 1122 -33.33 7.55 -28.80
N GLU A 1123 -33.81 6.60 -29.61
CA GLU A 1123 -34.11 5.27 -29.09
C GLU A 1123 -32.84 4.55 -28.65
N ALA A 1124 -31.72 4.80 -29.33
CA ALA A 1124 -30.39 4.25 -29.05
C ALA A 1124 -30.30 2.75 -29.28
N THR A 1125 -31.40 2.09 -29.65
CA THR A 1125 -31.43 0.68 -30.02
C THR A 1125 -31.02 -0.24 -28.86
N ALA A 1126 -30.75 0.35 -27.69
CA ALA A 1126 -30.42 -0.37 -26.46
C ALA A 1126 -29.16 -1.21 -26.57
N ASP A 1127 -28.44 -1.13 -27.70
CA ASP A 1127 -27.26 -1.95 -27.91
C ASP A 1127 -26.01 -1.16 -28.27
N ASP A 1128 -26.13 0.07 -28.79
CA ASP A 1128 -24.95 0.89 -29.03
C ASP A 1128 -24.26 1.24 -27.71
N LEU A 1129 -25.05 1.46 -26.66
CA LEU A 1129 -24.47 1.70 -25.34
C LEU A 1129 -23.70 0.48 -24.85
N ILE A 1130 -24.18 -0.72 -25.18
CA ILE A 1130 -23.43 -1.93 -24.83
C ILE A 1130 -22.09 -1.96 -25.54
N LYS A 1131 -22.06 -1.58 -26.81
CA LYS A 1131 -20.80 -1.53 -27.55
C LYS A 1131 -19.86 -0.49 -26.95
N VAL A 1132 -20.39 0.67 -26.56
CA VAL A 1132 -19.57 1.70 -25.94
C VAL A 1132 -18.99 1.20 -24.62
N VAL A 1133 -19.82 0.53 -23.82
CA VAL A 1133 -19.36 0.01 -22.53
C VAL A 1133 -18.29 -1.06 -22.74
N GLU A 1134 -18.45 -1.89 -23.77
CA GLU A 1134 -17.43 -2.90 -24.07
C GLU A 1134 -16.11 -2.25 -24.50
N GLU A 1135 -16.20 -1.22 -25.35
CA GLU A 1135 -15.00 -0.51 -25.76
C GLU A 1135 -14.31 0.15 -24.58
N LEU A 1136 -15.08 0.66 -23.62
CA LEU A 1136 -14.49 1.18 -22.39
C LEU A 1136 -13.84 0.07 -21.57
N THR A 1137 -14.50 -1.09 -21.49
CA THR A 1137 -13.98 -2.20 -20.69
C THR A 1137 -12.68 -2.74 -21.27
N ARG A 1138 -12.48 -2.59 -22.58
CA ARG A 1138 -11.27 -3.12 -23.20
C ARG A 1138 -9.99 -2.43 -22.74
N ILE A 1139 -10.08 -1.30 -22.04
CA ILE A 1139 -8.88 -0.56 -21.66
C ILE A 1139 -8.03 -1.32 -20.65
N HIS A 1140 -8.62 -2.27 -19.93
CA HIS A 1140 -7.87 -3.02 -18.92
C HIS A 1140 -8.14 -4.52 -19.03
N MET B 64 -13.26 46.56 36.53
CA MET B 64 -13.91 46.59 35.21
C MET B 64 -15.25 45.85 35.25
N GLU B 65 -16.01 45.94 34.17
CA GLU B 65 -17.30 45.28 34.07
C GLU B 65 -17.10 43.79 33.81
N GLU B 66 -17.62 42.95 34.71
CA GLU B 66 -17.50 41.51 34.54
C GLU B 66 -18.37 41.02 33.39
N PHE B 67 -17.80 40.19 32.53
CA PHE B 67 -18.50 39.62 31.39
C PHE B 67 -18.53 38.10 31.53
N HIS B 68 -19.72 37.52 31.40
CA HIS B 68 -19.89 36.07 31.51
C HIS B 68 -20.25 35.40 30.20
N GLY B 69 -20.87 36.13 29.26
CA GLY B 69 -21.23 35.54 27.99
C GLY B 69 -20.01 35.31 27.11
N ARG B 70 -20.13 34.33 26.22
CA ARG B 70 -19.07 33.98 25.29
C ARG B 70 -19.56 34.21 23.87
N THR B 71 -18.77 34.93 23.08
CA THR B 71 -19.11 35.23 21.68
C THR B 71 -18.25 34.35 20.77
N LEU B 72 -18.91 33.69 19.82
CA LEU B 72 -18.23 32.81 18.87
C LEU B 72 -18.85 33.02 17.50
N HIS B 73 -18.18 33.82 16.67
CA HIS B 73 -18.66 34.06 15.31
C HIS B 73 -18.56 32.78 14.48
N ASP B 74 -19.54 32.58 13.61
CA ASP B 74 -19.55 31.40 12.77
C ASP B 74 -18.39 31.44 11.77
N ASP B 75 -17.71 30.30 11.62
CA ASP B 75 -16.59 30.21 10.70
C ASP B 75 -17.08 30.31 9.26
N ASP B 76 -16.22 30.91 8.42
CA ASP B 76 -16.51 31.08 6.99
C ASP B 76 -17.78 31.88 6.76
N SER B 77 -18.13 32.76 7.69
CA SER B 77 -19.31 33.61 7.60
C SER B 77 -18.86 35.06 7.51
N CYS B 78 -19.29 35.75 6.46
CA CYS B 78 -18.93 37.15 6.29
C CYS B 78 -19.62 38.02 7.34
N GLN B 79 -18.92 39.08 7.75
CA GLN B 79 -19.47 40.00 8.74
C GLN B 79 -18.75 41.33 8.62
N VAL B 80 -19.49 42.40 8.90
CA VAL B 80 -18.96 43.76 8.85
C VAL B 80 -18.87 44.29 10.27
N ILE B 81 -17.67 44.68 10.69
CA ILE B 81 -17.45 45.21 12.04
C ILE B 81 -16.49 46.38 11.96
N PRO B 82 -16.57 47.30 12.92
CA PRO B 82 -15.65 48.43 12.95
C PRO B 82 -14.36 48.13 13.70
N VAL B 83 -13.31 48.82 13.29
CA VAL B 83 -11.97 48.63 13.85
C VAL B 83 -11.48 49.97 14.39
N LEU B 84 -11.04 49.98 15.65
CA LEU B 84 -10.47 51.17 16.22
C LEU B 84 -9.15 51.50 15.54
N PRO B 85 -8.86 52.77 15.26
CA PRO B 85 -7.63 53.12 14.55
C PRO B 85 -6.40 53.29 15.44
N GLN B 86 -6.57 53.33 16.76
CA GLN B 86 -5.42 53.47 17.65
C GLN B 86 -4.51 52.26 17.57
N VAL B 87 -5.07 51.06 17.51
CA VAL B 87 -4.28 49.84 17.44
C VAL B 87 -3.83 49.60 16.00
N MET B 88 -2.52 49.42 15.81
CA MET B 88 -1.97 49.17 14.49
C MET B 88 -0.93 48.05 14.54
N MET B 89 -1.09 47.09 15.44
CA MET B 89 -0.18 45.96 15.57
C MET B 89 -0.94 44.65 15.41
N ILE B 90 -0.21 43.60 15.10
CA ILE B 90 -0.79 42.28 14.90
C ILE B 90 -1.04 41.64 16.25
N LEU B 91 -2.29 41.26 16.51
CA LEU B 91 -2.70 40.64 17.78
C LEU B 91 -3.09 39.19 17.49
N ILE B 92 -2.21 38.26 17.85
CA ILE B 92 -2.45 36.84 17.64
C ILE B 92 -3.60 36.39 18.54
N PRO B 93 -4.37 35.38 18.14
CA PRO B 93 -5.44 34.90 19.01
C PRO B 93 -4.89 34.37 20.34
N GLY B 94 -5.68 34.54 21.39
CA GLY B 94 -5.28 34.12 22.71
C GLY B 94 -4.38 35.09 23.45
N GLN B 95 -4.09 36.25 22.88
CA GLN B 95 -3.22 37.25 23.49
C GLN B 95 -4.04 38.46 23.88
N THR B 96 -3.94 38.89 25.14
CA THR B 96 -4.73 40.03 25.65
C THR B 96 -4.13 41.35 25.15
N LEU B 97 -4.98 42.31 24.74
CA LEU B 97 -4.48 43.61 24.20
C LEU B 97 -5.17 44.77 24.92
N PRO B 98 -4.84 45.03 26.21
CA PRO B 98 -5.42 46.16 26.95
C PRO B 98 -5.08 47.49 26.29
N LEU B 99 -6.00 48.45 26.31
CA LEU B 99 -5.74 49.81 25.75
C LEU B 99 -6.46 50.88 26.58
N GLN B 100 -6.51 52.11 26.08
CA GLN B 100 -7.19 53.23 26.80
C GLN B 100 -7.60 54.30 25.78
N LEU B 101 -8.90 54.37 25.49
CA LEU B 101 -9.43 55.30 24.51
C LEU B 101 -9.92 56.56 25.22
N PHE B 102 -9.51 57.72 24.70
CA PHE B 102 -9.84 59.00 25.31
C PHE B 102 -10.78 59.86 24.47
N HIS B 103 -10.77 59.70 23.15
CA HIS B 103 -11.62 60.52 22.29
C HIS B 103 -13.09 60.19 22.55
N PRO B 104 -13.97 61.19 22.52
CA PRO B 104 -15.40 60.91 22.72
C PRO B 104 -15.98 59.96 21.69
N GLN B 105 -15.53 60.06 20.43
CA GLN B 105 -16.00 59.14 19.41
C GLN B 105 -15.58 57.71 19.71
N GLU B 106 -14.33 57.52 20.16
CA GLU B 106 -13.87 56.18 20.53
C GLU B 106 -14.64 55.64 21.72
N VAL B 107 -14.92 56.49 22.72
CA VAL B 107 -15.67 56.04 23.88
C VAL B 107 -17.09 55.63 23.49
N SER B 108 -17.73 56.41 22.62
CA SER B 108 -19.07 56.05 22.16
C SER B 108 -19.05 54.74 21.38
N MET B 109 -18.05 54.57 20.51
CA MET B 109 -17.94 53.33 19.75
C MET B 109 -17.69 52.14 20.67
N VAL B 110 -16.84 52.31 21.68
CA VAL B 110 -16.57 51.24 22.63
C VAL B 110 -17.84 50.88 23.40
N ARG B 111 -18.58 51.90 23.84
CA ARG B 111 -19.82 51.64 24.57
C ARG B 111 -20.84 50.94 23.69
N ASN B 112 -20.95 51.36 22.42
CA ASN B 112 -21.87 50.70 21.51
C ASN B 112 -21.49 49.25 21.26
N LEU B 113 -20.19 48.99 21.09
CA LEU B 113 -19.73 47.62 20.87
C LEU B 113 -19.98 46.75 22.10
N ILE B 114 -19.73 47.29 23.29
CA ILE B 114 -19.94 46.51 24.52
C ILE B 114 -21.40 46.16 24.70
N GLN B 115 -22.30 47.11 24.45
CA GLN B 115 -23.72 46.86 24.59
C GLN B 115 -24.24 45.90 23.53
N LYS B 116 -23.67 45.96 22.32
CA LYS B 116 -24.18 45.14 21.22
C LYS B 116 -23.62 43.72 21.28
N ASP B 117 -22.30 43.57 21.15
CA ASP B 117 -21.70 42.25 21.14
C ASP B 117 -20.41 42.13 21.94
N ARG B 118 -19.92 43.22 22.53
CA ARG B 118 -18.64 43.22 23.27
C ARG B 118 -17.51 42.68 22.40
N THR B 119 -17.49 43.09 21.14
CA THR B 119 -16.51 42.63 20.16
C THR B 119 -15.94 43.82 19.41
N PHE B 120 -14.75 43.62 18.85
CA PHE B 120 -14.07 44.65 18.08
C PHE B 120 -13.16 43.98 17.06
N ALA B 121 -12.70 44.76 16.10
CA ALA B 121 -11.82 44.26 15.04
C ALA B 121 -10.48 44.99 15.10
N VAL B 122 -9.41 44.24 14.80
CA VAL B 122 -8.07 44.80 14.74
C VAL B 122 -7.38 44.25 13.50
N LEU B 123 -7.31 45.06 12.45
CA LEU B 123 -6.71 44.64 11.19
C LEU B 123 -5.19 44.70 11.30
N ALA B 124 -4.53 43.56 11.10
CA ALA B 124 -3.08 43.47 11.17
C ALA B 124 -2.48 44.07 9.91
N TYR B 125 -2.20 45.36 9.95
CA TYR B 125 -1.67 46.06 8.78
C TYR B 125 -0.19 45.71 8.58
N SER B 126 0.16 45.31 7.35
CA SER B 126 1.56 45.06 7.03
C SER B 126 2.39 46.33 7.16
N ASN B 127 1.85 47.46 6.67
CA ASN B 127 2.48 48.77 6.81
C ASN B 127 1.51 49.71 7.49
N VAL B 128 1.96 50.36 8.56
CA VAL B 128 1.08 51.26 9.30
C VAL B 128 0.69 52.46 8.45
N GLN B 129 1.65 53.02 7.71
CA GLN B 129 1.38 54.21 6.91
C GLN B 129 0.35 53.93 5.82
N GLU B 130 0.47 52.77 5.15
CA GLU B 130 -0.49 52.44 4.10
C GLU B 130 -1.87 52.13 4.67
N ARG B 131 -1.93 51.64 5.91
CA ARG B 131 -3.19 51.29 6.57
C ARG B 131 -3.98 50.25 5.79
N GLU B 132 -3.28 49.36 5.10
CA GLU B 132 -3.91 48.29 4.33
C GLU B 132 -3.55 46.95 4.96
N ALA B 133 -4.55 46.15 5.26
CA ALA B 133 -4.37 44.85 5.90
C ALA B 133 -5.16 43.80 5.14
N GLN B 134 -4.49 42.68 4.83
CA GLN B 134 -5.15 41.55 4.20
C GLN B 134 -5.78 40.60 5.20
N PHE B 135 -5.49 40.77 6.49
CA PHE B 135 -6.05 39.91 7.52
C PHE B 135 -6.11 40.69 8.83
N GLY B 136 -6.89 40.16 9.77
CA GLY B 136 -7.02 40.79 11.06
C GLY B 136 -7.50 39.79 12.09
N THR B 137 -7.72 40.28 13.30
CA THR B 137 -8.16 39.44 14.42
C THR B 137 -9.33 40.12 15.13
N THR B 138 -10.37 39.35 15.42
CA THR B 138 -11.49 39.82 16.21
C THR B 138 -11.19 39.64 17.69
N ALA B 139 -11.55 40.64 18.48
CA ALA B 139 -11.25 40.65 19.91
C ALA B 139 -12.54 40.83 20.70
N GLU B 140 -12.74 39.98 21.70
CA GLU B 140 -13.87 40.08 22.61
C GLU B 140 -13.40 40.74 23.91
N ILE B 141 -14.16 41.74 24.37
CA ILE B 141 -13.77 42.51 25.54
C ILE B 141 -14.00 41.69 26.80
N TYR B 142 -12.94 41.08 27.31
CA TYR B 142 -13.04 40.33 28.57
C TYR B 142 -13.33 41.25 29.74
N ALA B 143 -12.68 42.41 29.78
CA ALA B 143 -12.87 43.39 30.84
C ALA B 143 -13.05 44.77 30.21
N TYR B 144 -14.03 45.52 30.71
CA TYR B 144 -14.31 46.87 30.24
C TYR B 144 -14.54 47.77 31.44
N ARG B 145 -13.87 48.92 31.46
CA ARG B 145 -13.98 49.87 32.56
C ARG B 145 -14.04 51.29 32.00
N GLU B 146 -14.69 52.17 32.75
CA GLU B 146 -14.80 53.58 32.40
C GLU B 146 -14.23 54.41 33.53
N GLU B 147 -13.39 55.38 33.19
CA GLU B 147 -12.74 56.24 34.17
C GLU B 147 -13.02 57.70 33.85
N GLN B 148 -13.42 58.46 34.85
CA GLN B 148 -13.69 59.89 34.72
C GLN B 148 -12.66 60.63 35.56
N ASP B 149 -11.52 60.95 34.94
CA ASP B 149 -10.44 61.66 35.61
C ASP B 149 -9.93 62.77 34.71
N PHE B 150 -9.51 63.87 35.33
CA PHE B 150 -8.95 65.05 34.65
C PHE B 150 -9.92 65.64 33.64
N GLY B 151 -11.22 65.41 33.81
CA GLY B 151 -12.21 65.95 32.90
C GLY B 151 -12.29 65.27 31.56
N ILE B 152 -11.62 64.14 31.38
CA ILE B 152 -11.62 63.40 30.12
C ILE B 152 -12.06 61.97 30.40
N GLU B 153 -13.04 61.49 29.65
CA GLU B 153 -13.51 60.11 29.81
C GLU B 153 -12.51 59.16 29.18
N ILE B 154 -12.13 58.13 29.94
CA ILE B 154 -11.17 57.12 29.50
C ILE B 154 -11.86 55.76 29.55
N VAL B 155 -11.81 55.04 28.43
CA VAL B 155 -12.39 53.70 28.33
C VAL B 155 -11.25 52.71 28.31
N LYS B 156 -11.17 51.87 29.33
CA LYS B 156 -10.14 50.85 29.44
C LYS B 156 -10.76 49.49 29.12
N VAL B 157 -10.23 48.83 28.09
CA VAL B 157 -10.73 47.54 27.64
C VAL B 157 -9.57 46.54 27.65
N LYS B 158 -9.78 45.41 28.31
CA LYS B 158 -8.82 44.31 28.33
C LYS B 158 -9.45 43.16 27.57
N ALA B 159 -9.21 43.14 26.26
CA ALA B 159 -9.82 42.18 25.36
C ALA B 159 -8.84 41.07 24.99
N ILE B 160 -9.39 39.90 24.68
CA ILE B 160 -8.61 38.73 24.28
C ILE B 160 -9.03 38.35 22.88
N GLY B 161 -8.04 38.17 22.00
CA GLY B 161 -8.35 37.78 20.62
C GLY B 161 -9.00 36.41 20.56
N ARG B 162 -10.00 36.29 19.71
CA ARG B 162 -10.77 35.06 19.58
C ARG B 162 -10.62 34.42 18.21
N GLN B 163 -10.88 35.17 17.13
CA GLN B 163 -10.86 34.62 15.79
C GLN B 163 -10.01 35.51 14.88
N ARG B 164 -9.62 34.94 13.74
CA ARG B 164 -8.85 35.64 12.73
C ARG B 164 -9.66 35.71 11.44
N PHE B 165 -9.74 36.90 10.85
CA PHE B 165 -10.56 37.15 9.68
C PHE B 165 -9.75 37.85 8.61
N LYS B 166 -10.04 37.54 7.35
CA LYS B 166 -9.41 38.18 6.20
C LYS B 166 -10.31 39.32 5.72
N VAL B 167 -9.74 40.52 5.63
CA VAL B 167 -10.51 41.70 5.30
C VAL B 167 -10.85 41.69 3.81
N LEU B 168 -12.08 41.30 3.49
CA LEU B 168 -12.51 41.28 2.10
C LEU B 168 -12.68 42.68 1.54
N GLU B 169 -13.34 43.56 2.30
CA GLU B 169 -13.58 44.93 1.87
C GLU B 169 -13.28 45.89 3.01
N LEU B 170 -12.68 47.02 2.69
CA LEU B 170 -12.31 48.03 3.67
C LEU B 170 -13.12 49.30 3.43
N ARG B 171 -13.64 49.89 4.49
CA ARG B 171 -14.42 51.12 4.39
C ARG B 171 -14.26 51.92 5.68
N THR B 172 -14.55 53.21 5.58
CA THR B 172 -14.45 54.13 6.71
C THR B 172 -15.81 54.77 6.95
N GLN B 173 -16.27 54.73 8.21
CA GLN B 173 -17.54 55.32 8.57
C GLN B 173 -17.42 56.83 8.72
N SER B 174 -18.57 57.50 8.69
CA SER B 174 -18.59 58.95 8.79
C SER B 174 -18.31 59.43 10.21
N ASP B 175 -18.62 58.60 11.21
CA ASP B 175 -18.42 59.01 12.60
C ASP B 175 -16.94 59.21 12.93
N GLY B 176 -16.06 58.51 12.22
CA GLY B 176 -14.63 58.63 12.48
C GLY B 176 -13.93 57.29 12.48
N ILE B 177 -14.63 56.26 12.93
CA ILE B 177 -14.09 54.89 12.93
C ILE B 177 -14.22 54.31 11.54
N GLN B 178 -13.54 53.19 11.29
CA GLN B 178 -13.57 52.52 10.00
C GLN B 178 -14.22 51.16 10.18
N GLN B 179 -15.29 50.91 9.42
CA GLN B 179 -16.00 49.64 9.45
C GLN B 179 -15.66 48.85 8.19
N ALA B 180 -15.22 47.61 8.37
CA ALA B 180 -14.80 46.76 7.26
C ALA B 180 -15.55 45.44 7.32
N LYS B 181 -15.73 44.84 6.15
CA LYS B 181 -16.40 43.55 6.01
C LYS B 181 -15.34 42.47 5.79
N VAL B 182 -15.33 41.46 6.66
CA VAL B 182 -14.33 40.40 6.62
C VAL B 182 -15.02 39.06 6.79
N GLN B 183 -14.34 38.01 6.32
CA GLN B 183 -14.80 36.64 6.44
C GLN B 183 -13.95 35.92 7.48
N ILE B 184 -14.59 35.24 8.41
CA ILE B 184 -13.89 34.54 9.48
C ILE B 184 -13.11 33.39 8.87
N LEU B 185 -11.79 33.50 8.84
CA LEU B 185 -10.96 32.45 8.27
C LEU B 185 -11.05 31.20 9.13
N PRO B 186 -11.12 30.02 8.53
CA PRO B 186 -11.25 28.77 9.30
C PRO B 186 -9.89 28.28 9.77
N GLU B 187 -9.68 28.31 11.09
CA GLU B 187 -8.47 27.74 11.69
C GLU B 187 -8.70 26.25 11.85
N CYS B 188 -8.52 25.53 10.73
CA CYS B 188 -8.87 24.13 10.66
C CYS B 188 -7.91 23.27 11.47
N VAL B 189 -8.40 22.11 11.89
CA VAL B 189 -7.64 21.13 12.65
C VAL B 189 -7.58 19.83 11.86
N LEU B 190 -6.39 19.21 11.82
CA LEU B 190 -6.23 17.98 11.06
C LEU B 190 -6.23 16.77 12.00
N PRO B 191 -6.72 15.63 11.53
CA PRO B 191 -6.67 14.40 12.33
C PRO B 191 -5.27 13.81 12.32
N SER B 192 -5.12 12.68 13.01
CA SER B 192 -3.84 11.99 13.05
C SER B 192 -3.45 11.50 11.65
N THR B 193 -2.16 11.61 11.33
CA THR B 193 -1.69 11.22 10.01
C THR B 193 -1.83 9.72 9.77
N MET B 194 -1.90 8.91 10.82
CA MET B 194 -2.06 7.47 10.69
C MET B 194 -3.51 7.02 10.70
N SER B 195 -4.45 7.94 10.86
CA SER B 195 -5.87 7.55 10.88
C SER B 195 -6.29 6.93 9.56
N ALA B 196 -5.70 7.38 8.44
CA ALA B 196 -6.05 6.82 7.15
C ALA B 196 -5.52 5.39 6.98
N VAL B 197 -4.33 5.11 7.50
CA VAL B 197 -3.63 3.85 7.23
C VAL B 197 -3.55 2.95 8.46
N GLN B 198 -4.15 3.33 9.58
CA GLN B 198 -4.04 2.53 10.79
C GLN B 198 -4.68 1.16 10.59
N LEU B 199 -3.96 0.12 11.00
CA LEU B 199 -4.51 -1.22 10.98
C LEU B 199 -5.63 -1.34 12.01
N GLU B 200 -6.72 -2.02 11.61
CA GLU B 200 -7.86 -2.16 12.52
C GLU B 200 -7.48 -2.93 13.77
N SER B 201 -6.73 -4.01 13.62
CA SER B 201 -6.32 -4.81 14.77
C SER B 201 -5.40 -4.05 15.71
N LEU B 202 -4.64 -3.08 15.20
CA LEU B 202 -3.67 -2.35 16.00
C LEU B 202 -4.25 -1.11 16.67
N ASN B 203 -5.54 -0.83 16.48
CA ASN B 203 -6.16 0.31 17.12
C ASN B 203 -6.09 0.22 18.64
N LYS B 204 -6.19 -0.99 19.20
CA LYS B 204 -6.23 -1.16 20.64
C LYS B 204 -4.91 -0.81 21.32
N CYS B 205 -3.83 -0.64 20.54
CA CYS B 205 -2.48 -0.41 21.10
C CYS B 205 -2.07 1.05 20.91
N GLN B 206 -3.00 1.92 20.53
CA GLN B 206 -2.63 3.32 20.23
C GLN B 206 -2.85 4.19 21.47
N ILE B 207 -3.74 3.81 22.38
CA ILE B 207 -3.86 4.58 23.65
C ILE B 207 -2.63 4.22 24.50
N PHE B 208 -1.62 5.08 24.54
CA PHE B 208 -0.35 4.75 25.21
C PHE B 208 -0.49 4.75 26.74
N PRO B 209 0.61 4.54 27.49
CA PRO B 209 0.53 4.44 28.94
C PRO B 209 0.91 5.75 29.63
N SER B 210 -0.06 6.66 29.75
CA SER B 210 0.15 7.99 30.32
C SER B 210 1.39 8.67 29.73
N LYS B 211 1.85 9.72 30.40
CA LYS B 211 3.03 10.48 29.97
C LYS B 211 3.96 10.65 31.17
N PRO B 212 4.76 9.63 31.48
CA PRO B 212 5.73 9.77 32.58
C PRO B 212 6.77 10.83 32.28
N VAL B 213 6.74 11.93 33.04
CA VAL B 213 7.65 13.05 32.86
C VAL B 213 8.41 13.27 34.15
N SER B 214 9.74 13.37 34.05
CA SER B 214 10.58 13.59 35.21
C SER B 214 11.87 14.27 34.75
N ARG B 215 12.38 15.17 35.59
CA ARG B 215 13.64 15.85 35.27
C ARG B 215 14.83 14.91 35.34
N GLU B 216 14.72 13.81 36.10
CA GLU B 216 15.81 12.84 36.14
C GLU B 216 16.02 12.18 34.79
N ASP B 217 14.93 11.86 34.08
CA ASP B 217 15.05 11.29 32.74
C ASP B 217 15.66 12.29 31.76
N GLN B 218 15.50 13.59 32.04
CA GLN B 218 16.07 14.65 31.21
C GLN B 218 15.61 14.55 29.76
N CYS B 219 16.41 13.90 28.92
CA CYS B 219 16.07 13.80 27.50
C CYS B 219 14.81 12.98 27.27
N SER B 220 14.49 12.06 28.19
CA SER B 220 13.36 11.15 28.03
C SER B 220 13.47 10.37 26.71
N TYR B 221 14.69 9.96 26.39
CA TYR B 221 14.97 9.37 25.09
C TYR B 221 14.23 8.04 24.90
N LYS B 222 14.21 7.21 25.95
CA LYS B 222 13.64 5.87 25.81
C LYS B 222 12.13 5.93 25.56
N TRP B 223 11.43 6.79 26.29
CA TRP B 223 9.98 6.85 26.15
C TRP B 223 9.56 7.33 24.77
N TRP B 224 10.22 8.37 24.27
CA TRP B 224 9.82 8.92 22.97
C TRP B 224 10.21 7.99 21.83
N GLN B 225 11.31 7.24 21.99
CA GLN B 225 11.65 6.21 21.00
C GLN B 225 10.57 5.14 20.95
N LYS B 226 9.92 4.87 22.08
CA LYS B 226 8.77 3.92 22.03
C LYS B 226 7.51 4.59 21.45
N TYR B 227 7.35 5.90 21.59
CA TYR B 227 6.16 6.58 20.98
C TYR B 227 6.17 6.41 19.45
N GLN B 228 7.27 6.75 18.80
CA GLN B 228 7.35 6.68 17.32
C GLN B 228 7.59 5.23 16.93
N LYS B 229 7.13 4.30 17.75
CA LYS B 229 7.26 2.87 17.36
C LYS B 229 5.93 2.18 17.64
N ARG B 230 5.08 2.82 18.44
CA ARG B 230 3.74 2.24 18.67
C ARG B 230 2.68 3.14 18.04
N LYS B 231 2.97 4.44 17.85
CA LYS B 231 2.01 5.38 17.22
C LYS B 231 2.14 5.33 15.71
N PHE B 232 3.34 5.05 15.20
CA PHE B 232 3.57 5.05 13.75
C PHE B 232 4.09 3.69 13.33
N HIS B 233 3.57 2.61 13.91
CA HIS B 233 3.98 1.28 13.44
C HIS B 233 3.52 1.17 12.00
N CYS B 234 2.31 1.65 11.74
CA CYS B 234 1.70 1.44 10.43
C CYS B 234 2.42 2.19 9.31
N ALA B 235 3.50 2.91 9.63
CA ALA B 235 4.25 3.63 8.61
C ALA B 235 4.91 2.70 7.61
N ASN B 236 5.07 1.42 7.95
CA ASN B 236 5.69 0.47 7.01
C ASN B 236 4.76 0.12 5.85
N LEU B 237 3.47 0.42 5.96
CA LEU B 237 2.55 0.22 4.86
C LEU B 237 2.62 1.32 3.82
N THR B 238 3.31 2.42 4.12
CA THR B 238 3.43 3.56 3.22
C THR B 238 4.90 3.72 2.86
N SER B 239 5.15 4.40 1.74
CA SER B 239 6.51 4.57 1.23
C SER B 239 7.39 5.44 2.11
N TRP B 240 6.84 6.11 3.11
CA TRP B 240 7.62 7.03 3.89
C TRP B 240 7.95 6.44 5.26
N PRO B 241 9.09 6.80 5.85
CA PRO B 241 9.48 6.22 7.14
C PRO B 241 8.79 6.92 8.31
N ARG B 242 8.92 6.30 9.48
CA ARG B 242 8.30 6.84 10.68
C ARG B 242 8.92 8.17 11.09
N TRP B 243 10.23 8.32 10.93
CA TRP B 243 10.88 9.57 11.33
C TRP B 243 10.46 10.75 10.46
N LEU B 244 9.91 10.49 9.26
CA LEU B 244 9.32 11.58 8.48
C LEU B 244 7.96 11.97 9.03
N TYR B 245 7.15 10.98 9.41
CA TYR B 245 5.85 11.27 10.01
C TYR B 245 6.00 11.96 11.36
N SER B 246 7.07 11.65 12.09
CA SER B 246 7.30 12.30 13.37
C SER B 246 7.55 13.79 13.22
N LEU B 247 7.89 14.25 12.01
CA LEU B 247 8.02 15.67 11.75
C LEU B 247 6.67 16.36 11.56
N TYR B 248 5.59 15.59 11.40
CA TYR B 248 4.26 16.12 11.22
C TYR B 248 3.34 15.78 12.38
N ASP B 249 3.88 15.27 13.48
CA ASP B 249 3.08 14.89 14.64
C ASP B 249 2.91 16.09 15.57
N ALA B 250 1.67 16.42 15.89
CA ALA B 250 1.39 17.63 16.67
C ALA B 250 2.02 17.56 18.06
N GLU B 251 1.87 16.43 18.74
CA GLU B 251 2.45 16.30 20.08
C GLU B 251 3.98 16.21 20.02
N THR B 252 4.51 15.54 19.01
CA THR B 252 5.97 15.50 18.84
C THR B 252 6.52 16.89 18.56
N LEU B 253 5.80 17.68 17.76
CA LEU B 253 6.22 19.06 17.54
C LEU B 253 6.19 19.86 18.84
N MET B 254 5.07 19.79 19.58
CA MET B 254 5.00 20.50 20.86
C MET B 254 6.09 20.04 21.80
N ASP B 255 6.48 18.76 21.70
CA ASP B 255 7.65 18.27 22.41
C ASP B 255 8.88 19.10 22.06
N ARG B 256 9.09 19.36 20.78
CA ARG B 256 10.33 20.00 20.34
C ARG B 256 10.40 21.46 20.80
N ILE B 257 9.29 22.21 20.70
CA ILE B 257 9.30 23.58 21.20
C ILE B 257 9.54 23.60 22.71
N LYS B 258 8.92 22.67 23.43
CA LYS B 258 8.98 22.69 24.89
C LYS B 258 10.40 22.54 25.40
N LYS B 259 11.10 21.48 24.96
CA LYS B 259 12.47 21.26 25.43
C LYS B 259 13.42 22.35 24.93
N GLN B 260 13.19 22.89 23.73
CA GLN B 260 14.06 23.95 23.24
C GLN B 260 13.86 25.22 24.07
N LEU B 261 12.62 25.50 24.47
CA LEU B 261 12.36 26.70 25.26
C LEU B 261 12.93 26.59 26.65
N ARG B 262 13.07 25.37 27.18
CA ARG B 262 13.76 25.21 28.45
C ARG B 262 15.26 25.49 28.34
N GLU B 263 15.77 25.67 27.12
CA GLU B 263 17.13 26.13 26.89
C GLU B 263 17.22 27.64 26.76
N TRP B 264 16.09 28.34 26.94
CA TRP B 264 16.08 29.80 26.95
C TRP B 264 15.56 30.40 28.25
N ASP B 265 14.96 29.61 29.13
CA ASP B 265 14.35 30.14 30.34
C ASP B 265 14.24 29.02 31.37
N GLU B 266 13.91 29.42 32.61
CA GLU B 266 13.72 28.49 33.71
C GLU B 266 12.24 28.34 34.05
N ASN B 267 11.37 28.40 33.05
CA ASN B 267 9.94 28.27 33.29
C ASN B 267 9.55 26.82 33.58
N LEU B 268 8.44 26.66 34.28
CA LEU B 268 7.88 25.34 34.57
C LEU B 268 6.94 24.98 33.43
N LYS B 269 7.46 24.26 32.44
CA LYS B 269 6.69 23.93 31.25
C LYS B 269 5.54 22.97 31.52
N ASP B 270 5.48 22.37 32.71
CA ASP B 270 4.41 21.42 32.99
C ASP B 270 3.03 22.08 32.93
N ASP B 271 2.90 23.27 33.50
CA ASP B 271 1.62 23.96 33.55
C ASP B 271 1.62 25.31 32.87
N SER B 272 2.80 25.90 32.62
CA SER B 272 2.84 27.17 31.91
C SER B 272 2.49 27.03 30.44
N LEU B 273 2.39 25.81 29.92
CA LEU B 273 2.10 25.58 28.51
C LEU B 273 0.95 24.60 28.39
N PRO B 274 0.06 24.82 27.43
CA PRO B 274 -1.14 23.99 27.31
C PRO B 274 -0.85 22.66 26.63
N SER B 275 -1.87 21.82 26.64
CA SER B 275 -1.85 20.54 25.92
C SER B 275 -2.57 20.61 24.58
N ASN B 276 -3.43 21.60 24.37
CA ASN B 276 -4.12 21.73 23.10
C ASN B 276 -3.13 22.28 22.08
N PRO B 277 -2.93 21.61 20.95
CA PRO B 277 -1.98 22.12 19.94
C PRO B 277 -2.33 23.50 19.42
N ILE B 278 -3.61 23.80 19.22
CA ILE B 278 -4.00 25.08 18.65
C ILE B 278 -3.72 26.22 19.63
N ASP B 279 -4.15 26.06 20.89
CA ASP B 279 -3.90 27.09 21.89
C ASP B 279 -2.41 27.23 22.19
N PHE B 280 -1.70 26.10 22.25
CA PHE B 280 -0.26 26.16 22.48
C PHE B 280 0.47 26.91 21.36
N SER B 281 0.09 26.65 20.11
CA SER B 281 0.78 27.28 18.99
C SER B 281 0.62 28.80 19.02
N TYR B 282 -0.55 29.28 19.42
CA TYR B 282 -0.81 30.71 19.42
C TYR B 282 0.09 31.44 20.41
N ARG B 283 0.17 30.96 21.65
CA ARG B 283 0.90 31.73 22.67
C ARG B 283 2.41 31.69 22.45
N VAL B 284 2.94 30.57 21.94
CA VAL B 284 4.38 30.53 21.66
C VAL B 284 4.73 31.50 20.55
N ALA B 285 3.87 31.60 19.53
CA ALA B 285 4.10 32.58 18.46
C ALA B 285 4.06 34.00 19.00
N ALA B 286 3.22 34.26 20.01
CA ALA B 286 3.22 35.57 20.66
C ALA B 286 4.43 35.75 21.56
N CYS B 287 4.80 34.70 22.31
CA CYS B 287 5.81 34.85 23.35
C CYS B 287 7.20 35.07 22.77
N LEU B 288 7.60 34.23 21.81
CA LEU B 288 8.96 34.33 21.28
C LEU B 288 9.12 35.61 20.45
N PRO B 289 10.23 36.32 20.60
CA PRO B 289 10.36 37.68 20.01
C PRO B 289 10.76 37.60 18.54
N ILE B 290 9.89 38.14 17.68
CA ILE B 290 10.14 38.24 16.24
C ILE B 290 9.59 39.57 15.73
N ASP B 291 9.93 39.87 14.47
CA ASP B 291 9.53 41.12 13.84
C ASP B 291 8.05 41.07 13.48
N ASP B 292 7.56 42.17 12.87
CA ASP B 292 6.16 42.25 12.49
C ASP B 292 5.86 41.39 11.26
N VAL B 293 6.76 41.42 10.27
CA VAL B 293 6.51 40.68 9.03
C VAL B 293 6.46 39.18 9.31
N LEU B 294 7.30 38.69 10.23
CA LEU B 294 7.24 37.28 10.60
C LEU B 294 5.94 36.96 11.32
N ARG B 295 5.47 37.86 12.19
CA ARG B 295 4.21 37.63 12.89
C ARG B 295 3.05 37.53 11.91
N ILE B 296 3.05 38.38 10.88
CA ILE B 296 2.03 38.28 9.84
C ILE B 296 2.13 36.94 9.12
N GLN B 297 3.37 36.48 8.87
CA GLN B 297 3.56 35.24 8.14
C GLN B 297 2.94 34.05 8.87
N LEU B 298 3.21 33.92 10.18
CA LEU B 298 2.60 32.85 10.95
C LEU B 298 1.09 33.01 11.03
N LEU B 299 0.59 34.24 11.02
CA LEU B 299 -0.85 34.46 11.05
C LEU B 299 -1.52 33.95 9.78
N LYS B 300 -0.78 33.88 8.68
CA LYS B 300 -1.36 33.40 7.42
C LYS B 300 -1.79 31.95 7.53
N ILE B 301 -0.97 31.11 8.18
CA ILE B 301 -1.27 29.69 8.27
C ILE B 301 -2.54 29.47 9.07
N GLY B 302 -3.45 28.66 8.54
CA GLY B 302 -4.67 28.28 9.20
C GLY B 302 -4.69 26.89 9.81
N SER B 303 -3.55 26.20 9.84
CA SER B 303 -3.47 24.84 10.37
C SER B 303 -2.52 24.81 11.55
N ALA B 304 -2.81 23.92 12.50
CA ALA B 304 -1.98 23.83 13.70
C ALA B 304 -0.60 23.28 13.38
N ILE B 305 -0.54 22.19 12.61
CA ILE B 305 0.75 21.55 12.33
C ILE B 305 1.63 22.44 11.46
N GLN B 306 1.05 23.08 10.44
CA GLN B 306 1.84 23.97 9.59
C GLN B 306 2.35 25.16 10.37
N ARG B 307 1.54 25.69 11.29
CA ARG B 307 1.99 26.80 12.13
C ARG B 307 3.14 26.37 13.04
N LEU B 308 3.07 25.17 13.59
CA LEU B 308 4.17 24.65 14.39
C LEU B 308 5.42 24.44 13.54
N ARG B 309 5.26 23.96 12.31
CA ARG B 309 6.40 23.78 11.42
C ARG B 309 7.08 25.10 11.10
N CYS B 310 6.28 26.14 10.82
CA CYS B 310 6.85 27.46 10.59
C CYS B 310 7.56 27.97 11.83
N GLU B 311 7.04 27.63 13.01
CA GLU B 311 7.65 28.10 14.25
C GLU B 311 9.06 27.56 14.42
N LEU B 312 9.27 26.27 14.15
CA LEU B 312 10.60 25.69 14.27
C LEU B 312 11.60 26.38 13.33
N ASP B 313 11.14 26.82 12.16
CA ASP B 313 12.03 27.51 11.24
C ASP B 313 12.35 28.91 11.73
N ILE B 314 11.41 29.54 12.42
CA ILE B 314 11.59 30.86 13.00
C ILE B 314 12.24 30.69 14.38
N MET B 315 12.64 29.46 14.69
CA MET B 315 13.24 29.11 15.98
C MET B 315 14.55 28.38 15.86
N ASN B 316 14.92 27.89 14.68
CA ASN B 316 16.26 27.37 14.42
C ASN B 316 17.08 28.27 13.53
N LYS B 317 16.49 29.33 12.97
CA LYS B 317 17.18 30.32 12.16
C LYS B 317 17.56 31.55 12.97
N CYS B 318 17.59 31.44 14.30
CA CYS B 318 17.96 32.53 15.19
C CYS B 318 19.13 32.02 16.02
N THR B 319 20.34 32.19 15.49
CA THR B 319 21.55 31.65 16.11
C THR B 319 22.28 32.66 16.99
N SER B 320 22.43 33.90 16.55
CA SER B 320 23.17 34.92 17.29
C SER B 320 22.60 35.15 18.69
N LEU B 321 23.36 34.81 19.72
CA LEU B 321 22.95 34.99 21.10
C LEU B 321 23.13 36.43 21.58
N CYS B 322 22.31 37.35 21.09
CA CYS B 322 22.39 38.74 21.51
C CYS B 322 22.02 38.88 23.00
N CYS B 323 22.52 39.94 23.62
CA CYS B 323 22.21 40.23 25.01
C CYS B 323 20.72 40.54 25.19
N LYS B 324 20.22 40.26 26.39
CA LYS B 324 19.02 40.93 26.85
C LYS B 324 19.37 42.38 27.16
N GLN B 325 18.35 43.18 27.47
CA GLN B 325 18.54 44.62 27.70
C GLN B 325 19.08 45.27 26.43
N CYS B 326 20.32 44.92 26.06
CA CYS B 326 20.91 45.43 24.81
C CYS B 326 19.96 45.21 23.63
N GLN B 327 19.68 43.95 23.31
CA GLN B 327 18.90 43.56 22.13
C GLN B 327 19.49 44.12 20.83
N GLU B 328 20.75 44.56 20.87
CA GLU B 328 21.42 45.08 19.69
C GLU B 328 22.83 44.57 19.48
N THR B 329 23.53 44.14 20.53
CA THR B 329 24.90 43.65 20.43
C THR B 329 24.91 42.13 20.37
N GLU B 330 25.97 41.59 19.77
CA GLU B 330 26.12 40.16 19.56
C GLU B 330 27.15 39.62 20.55
N ILE B 331 26.69 38.78 21.48
CA ILE B 331 27.59 38.21 22.48
C ILE B 331 28.40 37.07 21.89
N THR B 332 27.72 36.09 21.31
CA THR B 332 28.39 34.92 20.74
C THR B 332 27.47 34.31 19.69
N THR B 333 27.82 33.09 19.25
CA THR B 333 27.04 32.37 18.26
C THR B 333 26.85 30.93 18.73
N LYS B 334 25.74 30.33 18.29
CA LYS B 334 25.44 28.96 18.70
C LYS B 334 26.39 27.94 18.09
N ASN B 335 27.13 28.32 17.05
CA ASN B 335 28.07 27.39 16.42
C ASN B 335 29.18 27.00 17.39
N GLU B 336 29.68 27.96 18.17
CA GLU B 336 30.77 27.72 19.10
C GLU B 336 30.18 27.47 20.49
N ILE B 337 29.79 26.22 20.72
CA ILE B 337 29.25 25.77 22.01
C ILE B 337 30.20 24.73 22.57
N PHE B 338 30.93 25.08 23.62
CA PHE B 338 31.89 24.18 24.26
C PHE B 338 31.12 23.21 25.16
N SER B 339 30.56 22.18 24.54
CA SER B 339 29.77 21.18 25.23
C SER B 339 30.62 20.03 25.79
N LEU B 340 31.92 20.26 25.96
CA LEU B 340 32.79 19.21 26.51
C LEU B 340 32.39 18.86 27.94
N SER B 341 32.09 19.86 28.76
CA SER B 341 31.68 19.63 30.14
C SER B 341 30.19 19.91 30.32
N GLU B 358 20.59 25.72 33.95
CA GLU B 358 22.03 25.77 34.17
C GLU B 358 22.65 26.96 33.44
N THR B 359 23.79 26.73 32.78
CA THR B 359 24.50 27.76 32.06
C THR B 359 24.95 27.23 30.72
N LEU B 360 25.13 28.14 29.77
CA LEU B 360 25.57 27.80 28.42
C LEU B 360 27.05 28.09 28.28
N THR B 361 27.82 27.08 27.87
CA THR B 361 29.27 27.19 27.74
C THR B 361 29.61 27.48 26.27
N VAL B 362 30.37 28.54 26.05
CA VAL B 362 30.81 28.95 24.72
C VAL B 362 32.32 28.92 24.69
N TYR B 363 32.88 28.20 23.71
CA TYR B 363 34.34 28.13 23.59
C TYR B 363 34.94 29.48 23.24
N LYS B 364 34.29 30.23 22.35
CA LYS B 364 34.77 31.53 21.92
C LYS B 364 33.70 32.59 22.17
N ALA B 365 34.14 33.82 22.32
CA ALA B 365 33.24 34.94 22.57
C ALA B 365 33.88 36.22 22.06
N CYS B 366 33.04 37.23 21.86
CA CYS B 366 33.50 38.52 21.36
C CYS B 366 32.59 39.61 21.90
N ASN B 367 33.06 40.85 21.80
CA ASN B 367 32.34 42.02 22.28
C ASN B 367 31.95 41.86 23.76
N LEU B 368 32.92 41.44 24.57
CA LEU B 368 32.72 41.24 26.00
C LEU B 368 33.84 41.93 26.76
N ASN B 369 33.50 42.44 27.94
CA ASN B 369 34.45 43.14 28.80
C ASN B 369 34.61 42.35 30.10
N LEU B 370 35.84 41.99 30.42
CA LEU B 370 36.15 41.23 31.62
C LEU B 370 36.76 42.15 32.68
N ILE B 371 36.26 42.02 33.91
CA ILE B 371 36.72 42.80 35.05
C ILE B 371 36.76 41.89 36.27
N GLY B 372 37.30 42.43 37.37
CA GLY B 372 37.43 41.67 38.60
C GLY B 372 38.71 40.86 38.67
N ARG B 373 38.71 39.81 39.48
CA ARG B 373 39.87 38.97 39.70
C ARG B 373 39.50 37.50 39.49
N PRO B 374 40.46 36.68 39.05
CA PRO B 374 40.15 35.25 38.85
C PRO B 374 39.97 34.51 40.16
N SER B 375 38.81 34.68 40.79
CA SER B 375 38.50 34.00 42.04
C SER B 375 38.05 32.58 41.74
N THR B 376 38.84 31.60 42.19
CA THR B 376 38.55 30.19 41.96
C THR B 376 37.91 29.52 43.18
N GLU B 377 37.47 30.29 44.16
CA GLU B 377 36.88 29.72 45.37
C GLU B 377 35.54 29.09 45.05
N HIS B 378 35.35 27.86 45.55
CA HIS B 378 34.08 27.11 45.41
C HIS B 378 33.75 26.90 43.93
N SER B 379 34.68 27.29 43.03
CA SER B 379 34.46 27.10 41.57
C SER B 379 34.05 25.65 41.31
N TRP B 380 32.75 25.40 41.14
CA TRP B 380 32.28 24.03 40.81
C TRP B 380 33.16 23.50 39.68
N PHE B 381 33.46 24.35 38.69
CA PHE B 381 34.37 23.95 37.59
C PHE B 381 35.80 23.97 38.12
N PRO B 382 36.47 22.81 38.28
CA PRO B 382 37.86 22.77 38.74
C PRO B 382 38.79 23.25 37.61
N GLY B 383 40.04 23.57 37.95
CA GLY B 383 40.91 24.32 37.06
C GLY B 383 40.18 25.34 36.21
N TYR B 384 39.25 26.09 36.81
CA TYR B 384 38.46 27.07 36.08
C TYR B 384 38.26 28.28 36.97
N ALA B 385 39.09 29.32 36.74
CA ALA B 385 38.97 30.58 37.45
C ALA B 385 38.14 31.55 36.62
N TRP B 386 37.24 32.27 37.29
CA TRP B 386 36.26 33.11 36.61
C TRP B 386 36.38 34.56 37.05
N THR B 387 35.96 35.45 36.16
CA THR B 387 35.94 36.89 36.42
C THR B 387 34.62 37.47 35.93
N VAL B 388 34.28 38.65 36.45
CA VAL B 388 33.03 39.29 36.06
C VAL B 388 33.09 39.72 34.60
N ALA B 389 31.91 39.87 33.98
CA ALA B 389 31.81 40.14 32.56
C ALA B 389 30.71 41.16 32.29
N GLN B 390 30.88 41.88 31.18
CA GLN B 390 29.88 42.83 30.70
C GLN B 390 30.02 42.92 29.18
N CYS B 391 29.00 43.48 28.53
CA CYS B 391 28.99 43.43 27.07
C CYS B 391 29.93 44.44 26.43
N LYS B 392 29.52 45.69 26.32
CA LYS B 392 30.43 46.82 26.16
C LYS B 392 29.85 48.04 26.83
N ILE B 393 28.52 48.09 26.87
CA ILE B 393 27.76 49.23 27.38
C ILE B 393 26.65 48.79 28.32
N CYS B 394 26.04 47.63 28.03
CA CYS B 394 24.99 47.11 28.89
C CYS B 394 25.46 46.95 30.33
N ALA B 395 26.76 46.66 30.51
CA ALA B 395 27.40 46.67 31.82
C ALA B 395 26.75 45.72 32.80
N SER B 396 25.85 44.87 32.32
CA SER B 396 25.16 43.90 33.16
C SER B 396 25.90 42.57 33.12
N HIS B 397 25.85 41.86 34.25
CA HIS B 397 26.48 40.55 34.32
C HIS B 397 25.70 39.56 33.48
N ILE B 398 26.38 38.92 32.53
CA ILE B 398 25.77 37.89 31.69
C ILE B 398 26.43 36.54 31.85
N GLY B 399 27.52 36.45 32.60
CA GLY B 399 28.22 35.21 32.80
C GLY B 399 29.64 35.46 33.27
N TRP B 400 30.46 34.42 33.19
CA TRP B 400 31.86 34.51 33.57
C TRP B 400 32.70 33.69 32.60
N LYS B 401 33.84 34.25 32.20
CA LYS B 401 34.75 33.59 31.28
C LYS B 401 35.71 32.74 32.11
N PHE B 402 35.36 31.47 32.27
CA PHE B 402 36.19 30.55 33.04
C PHE B 402 37.57 30.44 32.42
N THR B 403 38.60 30.58 33.24
CA THR B 403 39.98 30.53 32.79
C THR B 403 40.69 29.35 33.45
N ALA B 404 41.53 28.68 32.68
CA ALA B 404 42.22 27.49 33.17
C ALA B 404 43.21 27.85 34.27
N THR B 405 43.24 27.05 35.33
CA THR B 405 44.17 27.23 36.43
C THR B 405 45.42 26.36 36.29
N LYS B 406 45.55 25.62 35.19
CA LYS B 406 46.72 24.79 34.95
C LYS B 406 47.18 25.00 33.51
N LYS B 407 48.48 24.80 33.29
CA LYS B 407 49.03 24.99 31.95
C LYS B 407 48.45 23.98 30.95
N ASP B 408 48.36 22.72 31.36
CA ASP B 408 47.83 21.66 30.50
C ASP B 408 46.35 21.44 30.80
N MET B 409 45.56 22.47 30.49
CA MET B 409 44.12 22.43 30.70
C MET B 409 43.41 22.99 29.48
N SER B 410 42.45 22.24 28.96
CA SER B 410 41.66 22.64 27.81
C SER B 410 40.18 22.54 28.12
N PRO B 411 39.36 23.51 27.67
CA PRO B 411 39.78 24.71 26.93
C PRO B 411 40.41 25.77 27.82
N GLN B 412 41.21 26.66 27.22
CA GLN B 412 41.88 27.70 27.99
C GLN B 412 40.88 28.68 28.60
N LYS B 413 39.93 29.14 27.79
CA LYS B 413 38.93 30.12 28.25
C LYS B 413 37.57 29.75 27.68
N PHE B 414 36.60 29.52 28.56
CA PHE B 414 35.23 29.20 28.17
C PHE B 414 34.29 30.08 28.96
N TRP B 415 33.35 30.72 28.27
CA TRP B 415 32.40 31.64 28.89
C TRP B 415 31.15 30.87 29.31
N GLY B 416 30.91 30.81 30.62
CA GLY B 416 29.70 30.19 31.14
C GLY B 416 28.57 31.18 31.29
N LEU B 417 28.03 31.66 30.17
CA LEU B 417 27.00 32.69 30.22
C LEU B 417 25.68 32.11 30.71
N THR B 418 24.82 33.00 31.22
CA THR B 418 23.52 32.61 31.73
C THR B 418 22.52 32.45 30.59
N ARG B 419 21.65 31.45 30.71
CA ARG B 419 20.67 31.17 29.65
C ARG B 419 19.70 32.34 29.47
N SER B 420 19.21 32.90 30.58
CA SER B 420 18.23 33.98 30.51
C SER B 420 18.85 35.33 30.18
N ALA B 421 20.17 35.44 30.18
CA ALA B 421 20.84 36.70 29.89
C ALA B 421 20.99 36.99 28.42
N LEU B 422 20.56 36.08 27.54
CA LEU B 422 20.71 36.24 26.11
C LEU B 422 19.38 36.00 25.42
N LEU B 423 19.10 36.78 24.38
CA LEU B 423 17.91 36.63 23.56
C LEU B 423 18.32 36.33 22.12
N PRO B 424 18.26 35.08 21.67
CA PRO B 424 18.71 34.77 20.31
C PRO B 424 17.91 35.49 19.25
N THR B 425 18.60 35.89 18.18
CA THR B 425 17.96 36.56 17.05
C THR B 425 18.54 35.99 15.76
N ILE B 426 17.89 36.32 14.65
CA ILE B 426 18.27 35.80 13.33
C ILE B 426 19.65 36.32 12.97
N PRO B 427 20.60 35.44 12.63
CA PRO B 427 21.96 35.88 12.28
C PRO B 427 22.07 36.43 10.86
N ASP B 428 21.68 37.69 10.70
CA ASP B 428 21.75 38.35 9.41
C ASP B 428 22.98 39.25 9.32
ZN ZN C . 24.44 43.57 27.01
#